data_8CI1
#
_entry.id   8CI1
#
_cell.length_a   1.00
_cell.length_b   1.00
_cell.length_c   1.00
_cell.angle_alpha   90.00
_cell.angle_beta   90.00
_cell.angle_gamma   90.00
#
_symmetry.space_group_name_H-M   'P 1'
#
loop_
_entity.id
_entity.type
_entity.pdbx_description
1 polymer 'Neuronal acetylcholine receptor subunit alpha-7'
2 polymer 'Nanobody E3'
3 branched 2-acetamido-2-deoxy-beta-D-glucopyranose-(1-4)-2-acetamido-2-deoxy-beta-D-glucopyranose
4 non-polymer 2-acetamido-2-deoxy-beta-D-glucopyranose
5 non-polymer (S)-3-(1-METHYLPYRROLIDIN-2-YL)PYRIDINE
#
loop_
_entity_poly.entity_id
_entity_poly.type
_entity_poly.pdbx_seq_one_letter_code
_entity_poly.pdbx_strand_id
1 'polypeptide(L)'
;EFQRKLYKELVKNYNPLERPVANDSQPLTVYFSLSLLQIMDVDEKNQVLTTNIWLQMSWTDHYLQWNVSEYPGVKTVRFP
DGQIWKPDILLYNSADERFDATFHTNVLVNSSGHCQYLPPGIFKSSCYIDVRWFPFDVQHCKLKFGSWSYGGWSLDLQMQ
EADISGYIPNGEWDLVGIPGKRSERFYECCKEPYPDVTFTVTMRRRTLYYGLNLLIPCVLISALALLVFLLPADSGEKIS
LGITVLLSLTVFMLLVAEIMPATSDSVPLIAQYFASTMIIVGLSVVVTVIVLQYHHHDPDGGKMPKWTRVILLNWCAWFL
RMKRDGVAVCSEWKFAACVVDRLCLMAFSVFTIICTIGILMSAPNFVEAVSKDFASAGLTETSQVAPA
;
A,B,C,D,E
2 'polypeptide(L)'
;AVQLQASGGGLVQAGDSLRLSCAASGGTFSHYAVGWFRQAPGKEREFVAAISWSGRSTSFANSVKGRFTISRDSAKNTAY
LQMNNLKPEDTAVYCCAPARFGTGSAARDEYDDCGQGTQVTVSSAAAEQKLISEEDLNGAAHHHHHHGS
;
F,G,H,I,J
#
loop_
_chem_comp.id
_chem_comp.type
_chem_comp.name
_chem_comp.formula
NAG D-saccharide, beta linking 2-acetamido-2-deoxy-beta-D-glucopyranose 'C8 H15 N O6'
NCT non-polymer (S)-3-(1-METHYLPYRROLIDIN-2-YL)PYRIDINE 'C10 H14 N2'
#
# COMPACT_ATOMS: atom_id res chain seq x y z
N GLU A 1 21.02 -12.35 -16.31
CA GLU A 1 19.58 -12.24 -16.55
C GLU A 1 19.23 -10.89 -17.14
N PHE A 2 18.55 -10.90 -18.29
CA PHE A 2 18.20 -9.67 -18.99
C PHE A 2 16.78 -9.21 -18.70
N GLN A 3 15.89 -10.11 -18.30
CA GLN A 3 14.51 -9.72 -18.00
C GLN A 3 14.46 -8.77 -16.82
N ARG A 4 15.22 -9.06 -15.77
CA ARG A 4 15.27 -8.17 -14.61
C ARG A 4 15.78 -6.79 -15.01
N LYS A 5 16.85 -6.76 -15.80
CA LYS A 5 17.41 -5.48 -16.24
C LYS A 5 16.40 -4.69 -17.07
N LEU A 6 15.70 -5.37 -17.98
CA LEU A 6 14.73 -4.70 -18.82
C LEU A 6 13.60 -4.12 -17.98
N TYR A 7 13.07 -4.91 -17.03
CA TYR A 7 11.99 -4.42 -16.19
C TYR A 7 12.43 -3.23 -15.36
N LYS A 8 13.62 -3.32 -14.76
CA LYS A 8 14.11 -2.22 -13.93
C LYS A 8 14.32 -0.96 -14.75
N GLU A 9 14.86 -1.10 -15.96
CA GLU A 9 15.06 0.06 -16.82
C GLU A 9 13.73 0.67 -17.23
N LEU A 10 12.75 -0.16 -17.59
CA LEU A 10 11.47 0.37 -18.04
C LEU A 10 10.73 1.08 -16.92
N VAL A 11 10.79 0.55 -15.70
CA VAL A 11 10.01 1.13 -14.61
C VAL A 11 10.46 2.54 -14.25
N LYS A 12 11.68 2.93 -14.62
CA LYS A 12 12.23 4.20 -14.17
C LYS A 12 11.41 5.38 -14.70
N ASN A 13 11.08 6.31 -13.81
CA ASN A 13 10.44 7.58 -14.13
C ASN A 13 9.07 7.42 -14.79
N TYR A 14 8.48 6.24 -14.75
CA TYR A 14 7.19 6.03 -15.37
C TYR A 14 6.06 6.48 -14.45
N ASN A 15 5.08 7.18 -15.02
CA ASN A 15 3.94 7.68 -14.28
C ASN A 15 2.65 7.14 -14.90
N PRO A 16 1.90 6.29 -14.19
CA PRO A 16 0.68 5.73 -14.79
C PRO A 16 -0.39 6.76 -15.12
N LEU A 17 -0.33 7.94 -14.53
CA LEU A 17 -1.36 8.95 -14.74
C LEU A 17 -1.14 9.78 -16.01
N GLU A 18 -0.04 9.56 -16.73
CA GLU A 18 0.28 10.33 -17.92
C GLU A 18 -0.10 9.54 -19.17
N ARG A 19 -0.78 10.21 -20.09
CA ARG A 19 -1.13 9.57 -21.36
C ARG A 19 0.13 9.37 -22.18
N PRO A 20 0.41 8.15 -22.63
CA PRO A 20 1.69 7.85 -23.33
C PRO A 20 1.73 8.42 -24.74
N VAL A 21 1.79 9.75 -24.83
CA VAL A 21 1.88 10.45 -26.10
C VAL A 21 3.24 11.14 -26.18
N ALA A 22 3.71 11.34 -27.41
CA ALA A 22 5.03 11.92 -27.64
C ALA A 22 5.01 13.42 -27.87
N ASN A 23 3.85 14.00 -28.17
CA ASN A 23 3.76 15.43 -28.46
C ASN A 23 2.88 16.20 -27.49
N ASP A 24 1.87 15.57 -26.89
CA ASP A 24 0.98 16.23 -25.94
C ASP A 24 0.01 17.17 -26.64
N SER A 25 0.23 17.43 -27.93
CA SER A 25 -0.63 18.29 -28.71
C SER A 25 -1.45 17.54 -29.76
N GLN A 26 -1.35 16.21 -29.79
CA GLN A 26 -2.08 15.39 -30.73
C GLN A 26 -2.78 14.25 -29.98
N PRO A 27 -3.93 13.82 -30.47
CA PRO A 27 -4.64 12.72 -29.79
C PRO A 27 -3.91 11.40 -29.95
N LEU A 28 -4.10 10.54 -28.96
CA LEU A 28 -3.58 9.18 -29.00
C LEU A 28 -4.61 8.27 -29.67
N THR A 29 -4.18 7.51 -30.66
CA THR A 29 -5.07 6.65 -31.41
C THR A 29 -5.21 5.30 -30.74
N VAL A 30 -6.46 4.88 -30.50
CA VAL A 30 -6.75 3.60 -29.87
C VAL A 30 -7.75 2.84 -30.75
N TYR A 31 -7.40 1.60 -31.09
CA TYR A 31 -8.25 0.74 -31.90
C TYR A 31 -9.04 -0.19 -30.98
N PHE A 32 -10.35 -0.26 -31.20
CA PHE A 32 -11.27 -1.02 -30.37
C PHE A 32 -12.04 -2.03 -31.21
N SER A 33 -12.20 -3.23 -30.67
CA SER A 33 -12.90 -4.31 -31.36
C SER A 33 -13.51 -5.25 -30.33
N LEU A 34 -14.43 -6.09 -30.81
CA LEU A 34 -15.18 -6.99 -29.96
C LEU A 34 -15.05 -8.42 -30.47
N SER A 35 -15.25 -9.39 -29.58
CA SER A 35 -15.25 -10.79 -29.94
C SER A 35 -16.33 -11.50 -29.12
N LEU A 36 -17.48 -11.76 -29.74
CA LEU A 36 -18.56 -12.47 -29.07
C LEU A 36 -18.34 -13.97 -29.14
N LEU A 37 -18.70 -14.68 -28.07
CA LEU A 37 -18.54 -16.12 -28.03
C LEU A 37 -19.82 -16.88 -27.78
N GLN A 38 -20.81 -16.29 -27.09
CA GLN A 38 -22.03 -17.03 -26.81
C GLN A 38 -23.07 -16.07 -26.27
N ILE A 39 -24.31 -16.21 -26.74
CA ILE A 39 -25.46 -15.47 -26.20
C ILE A 39 -26.05 -16.34 -25.11
N MET A 40 -25.60 -16.12 -23.87
CA MET A 40 -25.96 -17.01 -22.78
C MET A 40 -27.46 -16.96 -22.49
N ASP A 41 -28.05 -15.77 -22.52
CA ASP A 41 -29.47 -15.64 -22.17
C ASP A 41 -30.03 -14.38 -22.79
N VAL A 42 -31.33 -14.42 -23.09
CA VAL A 42 -32.08 -13.27 -23.59
C VAL A 42 -33.33 -13.15 -22.74
N ASP A 43 -33.39 -12.12 -21.90
CA ASP A 43 -34.50 -11.94 -20.97
C ASP A 43 -35.49 -10.95 -21.56
N GLU A 44 -36.73 -11.41 -21.77
CA GLU A 44 -37.78 -10.57 -22.33
C GLU A 44 -38.52 -9.76 -21.27
N LYS A 45 -38.82 -10.37 -20.13
CA LYS A 45 -39.56 -9.67 -19.09
C LYS A 45 -38.76 -8.49 -18.54
N ASN A 46 -37.47 -8.69 -18.30
CA ASN A 46 -36.63 -7.64 -17.72
C ASN A 46 -35.91 -6.81 -18.76
N GLN A 47 -36.02 -7.14 -20.05
CA GLN A 47 -35.38 -6.39 -21.12
C GLN A 47 -33.86 -6.33 -20.91
N VAL A 48 -33.27 -7.51 -20.78
CA VAL A 48 -31.84 -7.64 -20.50
C VAL A 48 -31.25 -8.71 -21.39
N LEU A 49 -30.05 -8.46 -21.90
CA LEU A 49 -29.34 -9.41 -22.76
C LEU A 49 -27.99 -9.75 -22.11
N THR A 50 -27.71 -11.04 -22.01
CA THR A 50 -26.47 -11.53 -21.41
C THR A 50 -25.64 -12.24 -22.47
N THR A 51 -24.36 -11.90 -22.55
CA THR A 51 -23.46 -12.48 -23.54
C THR A 51 -22.06 -12.59 -22.97
N ASN A 52 -21.25 -13.44 -23.60
CA ASN A 52 -19.84 -13.61 -23.26
C ASN A 52 -19.02 -12.94 -24.34
N ILE A 53 -18.17 -11.99 -23.94
CA ILE A 53 -17.49 -11.13 -24.91
C ILE A 53 -16.06 -10.87 -24.44
N TRP A 54 -15.14 -10.81 -25.40
CA TRP A 54 -13.77 -10.39 -25.18
C TRP A 54 -13.57 -9.04 -25.86
N LEU A 55 -13.08 -8.06 -25.11
CA LEU A 55 -12.75 -6.76 -25.66
C LEU A 55 -11.34 -6.77 -26.20
N GLN A 56 -11.09 -5.93 -27.21
CA GLN A 56 -9.77 -5.81 -27.82
C GLN A 56 -9.43 -4.34 -27.96
N MET A 57 -8.38 -3.91 -27.27
CA MET A 57 -7.90 -2.53 -27.33
C MET A 57 -6.43 -2.56 -27.73
N SER A 58 -6.07 -1.77 -28.72
CA SER A 58 -4.70 -1.69 -29.20
C SER A 58 -4.26 -0.24 -29.28
N TRP A 59 -3.03 0.02 -28.82
CA TRP A 59 -2.49 1.38 -28.89
C TRP A 59 -0.97 1.29 -28.82
N THR A 60 -0.32 2.46 -28.71
CA THR A 60 1.13 2.55 -28.63
C THR A 60 1.52 3.41 -27.44
N ASP A 61 2.63 3.06 -26.80
CA ASP A 61 3.08 3.72 -25.59
C ASP A 61 4.18 4.75 -25.85
N HIS A 62 5.22 4.37 -26.60
CA HIS A 62 6.34 5.24 -26.90
C HIS A 62 7.27 5.40 -25.70
N TYR A 63 6.86 4.88 -24.55
CA TYR A 63 7.71 4.88 -23.36
C TYR A 63 8.24 3.50 -23.01
N LEU A 64 7.68 2.44 -23.58
CA LEU A 64 8.12 1.07 -23.35
C LEU A 64 8.73 0.56 -24.65
N GLN A 65 10.01 0.86 -24.85
CA GLN A 65 10.73 0.44 -26.04
C GLN A 65 12.14 0.04 -25.65
N TRP A 66 12.71 -0.89 -26.41
CA TRP A 66 14.07 -1.33 -26.16
C TRP A 66 14.63 -1.96 -27.43
N ASN A 67 15.95 -2.06 -27.49
CA ASN A 67 16.65 -2.69 -28.60
C ASN A 67 16.84 -4.16 -28.27
N VAL A 68 16.22 -5.04 -29.06
CA VAL A 68 16.27 -6.47 -28.79
C VAL A 68 17.70 -7.00 -28.83
N SER A 69 18.60 -6.32 -29.54
CA SER A 69 19.99 -6.77 -29.60
C SER A 69 20.71 -6.61 -28.27
N GLU A 70 20.27 -5.67 -27.44
CA GLU A 70 20.88 -5.45 -26.13
C GLU A 70 20.23 -6.29 -25.03
N TYR A 71 19.08 -6.92 -25.31
CA TYR A 71 18.40 -7.79 -24.36
C TYR A 71 18.04 -9.08 -25.09
N PRO A 72 19.04 -9.90 -25.44
CA PRO A 72 18.77 -11.11 -26.21
C PRO A 72 17.81 -12.04 -25.48
N GLY A 73 16.91 -12.65 -26.23
CA GLY A 73 15.95 -13.57 -25.69
C GLY A 73 14.68 -12.94 -25.15
N VAL A 74 14.61 -11.61 -25.11
CA VAL A 74 13.44 -10.89 -24.60
C VAL A 74 12.80 -10.14 -25.76
N LYS A 75 11.53 -10.45 -26.03
CA LYS A 75 10.79 -9.79 -27.11
C LYS A 75 9.44 -9.24 -26.68
N THR A 76 8.92 -9.63 -25.52
CA THR A 76 7.64 -9.12 -25.05
C THR A 76 7.68 -9.01 -23.53
N VAL A 77 6.88 -8.09 -23.00
CA VAL A 77 6.74 -7.90 -21.57
C VAL A 77 5.25 -7.82 -21.24
N ARG A 78 4.93 -8.08 -19.98
CA ARG A 78 3.55 -8.08 -19.50
C ARG A 78 3.46 -7.27 -18.21
N PHE A 79 2.47 -6.38 -18.15
CA PHE A 79 2.28 -5.54 -16.98
C PHE A 79 0.90 -5.75 -16.38
N PRO A 80 0.80 -5.82 -15.05
CA PRO A 80 -0.49 -6.00 -14.41
C PRO A 80 -1.28 -4.70 -14.39
N ASP A 81 -2.45 -4.75 -13.75
CA ASP A 81 -3.30 -3.57 -13.65
C ASP A 81 -2.71 -2.56 -12.66
N GLY A 82 -2.90 -1.28 -12.96
CA GLY A 82 -2.47 -0.23 -12.08
C GLY A 82 -1.02 0.17 -12.17
N GLN A 83 -0.26 -0.41 -13.10
CA GLN A 83 1.15 -0.07 -13.26
C GLN A 83 1.46 0.64 -14.58
N ILE A 84 0.53 0.69 -15.52
CA ILE A 84 0.71 1.41 -16.77
C ILE A 84 -0.61 2.05 -17.16
N TRP A 85 -0.54 3.04 -18.04
CA TRP A 85 -1.73 3.74 -18.49
C TRP A 85 -2.62 2.83 -19.32
N LYS A 86 -3.92 2.88 -19.07
CA LYS A 86 -4.89 2.07 -19.78
C LYS A 86 -6.12 2.91 -20.11
N PRO A 87 -6.71 2.70 -21.28
CA PRO A 87 -7.94 3.44 -21.61
C PRO A 87 -9.09 3.07 -20.68
N ASP A 88 -9.92 4.05 -20.40
CA ASP A 88 -11.10 3.86 -19.54
C ASP A 88 -12.36 3.66 -20.39
N ILE A 89 -12.35 2.56 -21.15
CA ILE A 89 -13.47 2.23 -22.01
C ILE A 89 -14.57 1.56 -21.17
N LEU A 90 -15.79 2.08 -21.29
CA LEU A 90 -16.92 1.56 -20.53
C LEU A 90 -18.13 1.41 -21.44
N LEU A 91 -19.04 0.55 -21.01
CA LEU A 91 -20.30 0.31 -21.71
C LEU A 91 -21.35 1.26 -21.16
N TYR A 92 -21.92 2.09 -22.04
CA TYR A 92 -22.88 3.09 -21.59
C TYR A 92 -24.18 2.45 -21.12
N ASN A 93 -24.74 1.54 -21.91
CA ASN A 93 -26.02 0.92 -21.59
C ASN A 93 -25.83 -0.38 -20.82
N SER A 94 -25.23 -0.25 -19.64
CA SER A 94 -24.99 -1.39 -18.77
C SER A 94 -26.17 -1.59 -17.83
N ALA A 95 -26.55 -2.85 -17.62
CA ALA A 95 -27.63 -3.21 -16.72
C ALA A 95 -27.16 -3.92 -15.46
N ASP A 96 -25.88 -4.28 -15.37
CA ASP A 96 -25.35 -4.94 -14.19
C ASP A 96 -25.30 -3.97 -13.02
N GLU A 97 -25.45 -4.51 -11.81
CA GLU A 97 -25.40 -3.68 -10.61
C GLU A 97 -24.03 -3.04 -10.45
N ARG A 98 -22.97 -3.79 -10.72
CA ARG A 98 -21.62 -3.26 -10.66
C ARG A 98 -21.31 -2.30 -11.81
N PHE A 99 -22.18 -2.23 -12.82
CA PHE A 99 -21.95 -1.39 -13.98
C PHE A 99 -20.82 -1.95 -14.83
N ASP A 100 -19.60 -1.97 -14.28
CA ASP A 100 -18.46 -2.55 -14.97
C ASP A 100 -18.33 -4.02 -14.60
N ALA A 101 -18.25 -4.88 -15.61
CA ALA A 101 -18.21 -6.33 -15.42
C ALA A 101 -17.11 -6.94 -16.29
N THR A 102 -15.93 -6.35 -16.25
CA THR A 102 -14.78 -6.84 -16.99
C THR A 102 -13.70 -7.34 -16.03
N PHE A 103 -13.12 -8.48 -16.36
CA PHE A 103 -12.06 -9.08 -15.55
C PHE A 103 -10.71 -8.55 -16.04
N HIS A 104 -10.00 -7.86 -15.17
CA HIS A 104 -8.74 -7.22 -15.55
C HIS A 104 -7.64 -8.25 -15.71
N THR A 105 -6.90 -8.16 -16.81
CA THR A 105 -5.79 -9.07 -17.06
C THR A 105 -4.52 -8.28 -17.39
N ASN A 106 -3.46 -8.98 -17.76
CA ASN A 106 -2.19 -8.32 -18.07
C ASN A 106 -2.26 -7.62 -19.41
N VAL A 107 -1.36 -6.65 -19.59
CA VAL A 107 -1.19 -5.92 -20.84
C VAL A 107 0.15 -6.33 -21.44
N LEU A 108 0.13 -6.74 -22.71
CA LEU A 108 1.31 -7.26 -23.39
C LEU A 108 1.88 -6.18 -24.31
N VAL A 109 3.20 -6.02 -24.26
CA VAL A 109 3.90 -5.01 -25.06
C VAL A 109 5.07 -5.66 -25.76
N ASN A 110 5.28 -5.33 -27.03
CA ASN A 110 6.41 -5.84 -27.80
C ASN A 110 7.46 -4.75 -27.96
N SER A 111 8.55 -5.09 -28.63
CA SER A 111 9.72 -4.22 -28.67
C SER A 111 9.37 -2.82 -29.19
N SER A 112 8.40 -2.71 -30.08
CA SER A 112 8.08 -1.43 -30.70
C SER A 112 7.22 -0.53 -29.83
N GLY A 113 6.76 -1.02 -28.69
CA GLY A 113 5.90 -0.24 -27.82
C GLY A 113 4.41 -0.39 -28.07
N HIS A 114 4.00 -1.42 -28.82
CA HIS A 114 2.60 -1.65 -29.12
CA HIS A 114 2.60 -1.64 -29.12
C HIS A 114 1.96 -2.45 -27.99
N CYS A 115 0.88 -1.91 -27.43
CA CYS A 115 0.19 -2.51 -26.30
C CYS A 115 -1.16 -3.05 -26.74
N GLN A 116 -1.46 -4.28 -26.32
CA GLN A 116 -2.73 -4.94 -26.56
C GLN A 116 -3.39 -5.30 -25.24
N TYR A 117 -4.71 -5.25 -25.21
CA TYR A 117 -5.47 -5.52 -23.98
C TYR A 117 -6.78 -6.20 -24.36
N LEU A 118 -6.96 -7.44 -23.93
CA LEU A 118 -8.11 -8.26 -24.30
C LEU A 118 -8.77 -8.81 -23.05
N PRO A 119 -9.59 -8.02 -22.37
CA PRO A 119 -10.30 -8.50 -21.18
C PRO A 119 -11.51 -9.33 -21.57
N PRO A 120 -11.69 -10.49 -20.95
CA PRO A 120 -12.93 -11.25 -21.14
C PRO A 120 -13.97 -10.87 -20.09
N GLY A 121 -15.23 -11.15 -20.42
CA GLY A 121 -16.27 -10.86 -19.46
C GLY A 121 -17.63 -11.35 -19.91
N ILE A 122 -18.58 -11.27 -18.98
CA ILE A 122 -19.98 -11.54 -19.23
C ILE A 122 -20.74 -10.24 -19.02
N PHE A 123 -21.25 -9.67 -20.09
CA PHE A 123 -21.84 -8.33 -20.07
C PHE A 123 -23.35 -8.43 -20.10
N LYS A 124 -24.01 -7.66 -19.23
CA LYS A 124 -25.46 -7.53 -19.23
C LYS A 124 -25.83 -6.12 -19.67
N SER A 125 -26.67 -6.03 -20.69
CA SER A 125 -27.08 -4.76 -21.26
C SER A 125 -28.58 -4.72 -21.42
N SER A 126 -29.13 -3.51 -21.41
CA SER A 126 -30.58 -3.30 -21.53
C SER A 126 -30.95 -3.24 -23.01
N CYS A 127 -31.82 -4.16 -23.43
CA CYS A 127 -32.29 -4.22 -24.81
C CYS A 127 -33.80 -4.33 -24.82
N TYR A 128 -34.40 -3.75 -25.85
CA TYR A 128 -35.86 -3.77 -26.03
C TYR A 128 -36.23 -4.92 -26.96
N ILE A 129 -37.06 -5.83 -26.47
CA ILE A 129 -37.49 -7.00 -27.23
C ILE A 129 -38.96 -6.80 -27.60
N ASP A 130 -39.24 -6.88 -28.90
CA ASP A 130 -40.60 -6.72 -29.42
C ASP A 130 -41.17 -8.09 -29.72
N VAL A 131 -42.34 -8.39 -29.16
CA VAL A 131 -42.99 -9.69 -29.32
C VAL A 131 -44.26 -9.59 -30.14
N ARG A 132 -44.49 -8.47 -30.82
CA ARG A 132 -45.67 -8.34 -31.66
C ARG A 132 -45.68 -9.41 -32.75
N TRP A 133 -44.54 -9.60 -33.42
CA TRP A 133 -44.39 -10.67 -34.40
C TRP A 133 -43.69 -11.86 -33.72
N PHE A 134 -44.44 -12.52 -32.86
CA PHE A 134 -43.87 -13.57 -32.02
C PHE A 134 -43.24 -14.69 -32.84
N PRO A 135 -43.99 -15.42 -33.67
CA PRO A 135 -43.36 -16.54 -34.40
C PRO A 135 -42.19 -16.13 -35.27
N PHE A 136 -42.28 -14.95 -35.91
CA PHE A 136 -41.24 -14.48 -36.82
C PHE A 136 -40.92 -13.03 -36.48
N ASP A 137 -39.66 -12.76 -36.11
CA ASP A 137 -39.25 -11.41 -35.78
C ASP A 137 -37.74 -11.36 -35.62
N VAL A 138 -37.15 -10.22 -35.95
CA VAL A 138 -35.71 -9.99 -35.80
C VAL A 138 -35.52 -8.92 -34.74
N GLN A 139 -34.69 -9.22 -33.74
CA GLN A 139 -34.43 -8.31 -32.64
C GLN A 139 -33.07 -7.66 -32.81
N HIS A 140 -33.02 -6.35 -32.60
CA HIS A 140 -31.79 -5.57 -32.69
C HIS A 140 -31.42 -5.07 -31.30
N CYS A 141 -30.30 -5.55 -30.78
CA CYS A 141 -29.78 -5.10 -29.49
C CYS A 141 -28.45 -4.38 -29.72
N LYS A 142 -28.32 -3.19 -29.15
CA LYS A 142 -27.16 -2.34 -29.35
C LYS A 142 -26.29 -2.31 -28.10
N LEU A 143 -24.97 -2.41 -28.32
CA LEU A 143 -23.98 -2.28 -27.26
C LEU A 143 -23.11 -1.07 -27.59
N LYS A 144 -23.07 -0.10 -26.69
CA LYS A 144 -22.37 1.15 -26.90
C LYS A 144 -21.19 1.25 -25.95
N PHE A 145 -19.99 1.42 -26.50
CA PHE A 145 -18.77 1.53 -25.73
C PHE A 145 -18.11 2.88 -26.02
N GLY A 146 -17.46 3.44 -24.99
CA GLY A 146 -16.78 4.70 -25.17
C GLY A 146 -15.94 5.05 -23.97
N SER A 147 -15.06 6.03 -24.16
CA SER A 147 -14.24 6.55 -23.08
C SER A 147 -15.07 7.49 -22.21
N TRP A 148 -14.88 7.39 -20.90
CA TRP A 148 -15.70 8.14 -19.97
C TRP A 148 -15.12 9.51 -19.65
N SER A 149 -13.80 9.61 -19.48
CA SER A 149 -13.17 10.86 -19.11
C SER A 149 -12.27 11.44 -20.20
N TYR A 150 -11.99 10.68 -21.26
CA TYR A 150 -11.17 11.14 -22.37
C TYR A 150 -12.07 11.38 -23.57
N GLY A 151 -12.11 12.63 -24.04
CA GLY A 151 -12.89 13.00 -25.19
C GLY A 151 -12.01 13.30 -26.40
N GLY A 152 -12.63 13.95 -27.39
CA GLY A 152 -11.89 14.37 -28.56
C GLY A 152 -10.69 15.21 -28.22
N TRP A 153 -9.74 15.30 -29.15
CA TRP A 153 -8.53 16.10 -28.98
C TRP A 153 -7.55 15.41 -28.03
N SER A 154 -8.00 14.35 -27.36
CA SER A 154 -7.14 13.58 -26.46
C SER A 154 -7.05 12.12 -26.88
N LEU A 155 -8.17 11.46 -27.15
CA LEU A 155 -8.20 10.05 -27.49
C LEU A 155 -9.03 9.88 -28.76
N ASP A 156 -8.39 9.42 -29.83
CA ASP A 156 -9.05 9.15 -31.10
C ASP A 156 -9.38 7.66 -31.16
N LEU A 157 -10.66 7.33 -31.04
CA LEU A 157 -11.10 5.95 -31.01
C LEU A 157 -11.48 5.48 -32.42
N GLN A 158 -10.87 4.40 -32.86
CA GLN A 158 -11.17 3.79 -34.15
C GLN A 158 -11.77 2.42 -33.94
N MET A 159 -12.58 1.99 -34.89
CA MET A 159 -13.31 0.73 -34.77
C MET A 159 -12.71 -0.34 -35.68
N GLN A 160 -12.80 -1.59 -35.23
CA GLN A 160 -12.43 -2.73 -36.04
C GLN A 160 -13.56 -3.74 -36.04
N GLU A 161 -13.66 -4.51 -37.13
CA GLU A 161 -14.76 -5.44 -37.28
C GLU A 161 -14.72 -6.50 -36.19
N ALA A 162 -15.90 -6.93 -35.75
CA ALA A 162 -16.03 -7.92 -34.70
C ALA A 162 -15.67 -9.30 -35.22
N ASP A 163 -15.17 -10.15 -34.32
CA ASP A 163 -14.76 -11.51 -34.65
C ASP A 163 -15.79 -12.49 -34.12
N ILE A 164 -16.25 -13.39 -34.99
CA ILE A 164 -17.26 -14.38 -34.61
C ILE A 164 -16.77 -15.77 -35.01
N SER A 165 -15.46 -15.93 -35.12
CA SER A 165 -14.90 -17.21 -35.52
C SER A 165 -15.18 -18.29 -34.48
N GLY A 166 -15.09 -17.95 -33.20
CA GLY A 166 -15.29 -18.91 -32.13
C GLY A 166 -16.69 -18.91 -31.55
N TYR A 167 -17.63 -18.31 -32.26
CA TYR A 167 -19.00 -18.23 -31.77
C TYR A 167 -19.61 -19.62 -31.66
N ILE A 168 -20.35 -19.84 -30.59
CA ILE A 168 -21.04 -21.12 -30.33
C ILE A 168 -22.51 -20.92 -30.63
N PRO A 169 -23.08 -21.62 -31.61
CA PRO A 169 -24.48 -21.39 -31.96
C PRO A 169 -25.41 -21.65 -30.77
N ASN A 170 -26.46 -20.84 -30.68
CA ASN A 170 -27.45 -20.99 -29.63
C ASN A 170 -28.61 -21.85 -30.11
N GLY A 171 -29.22 -22.57 -29.17
CA GLY A 171 -30.30 -23.48 -29.51
C GLY A 171 -31.64 -22.84 -29.74
N GLU A 172 -31.81 -21.57 -29.37
CA GLU A 172 -33.09 -20.88 -29.54
C GLU A 172 -33.01 -19.61 -30.36
N TRP A 173 -31.82 -19.02 -30.52
CA TRP A 173 -31.66 -17.79 -31.28
C TRP A 173 -30.54 -17.97 -32.30
N ASP A 174 -30.71 -17.33 -33.46
CA ASP A 174 -29.75 -17.38 -34.55
C ASP A 174 -29.21 -15.99 -34.81
N LEU A 175 -27.88 -15.89 -34.90
CA LEU A 175 -27.24 -14.60 -35.15
C LEU A 175 -27.20 -14.32 -36.65
N VAL A 176 -27.54 -13.11 -37.05
CA VAL A 176 -27.48 -12.70 -38.45
C VAL A 176 -26.21 -11.92 -38.75
N GLY A 177 -25.78 -11.07 -37.82
CA GLY A 177 -24.58 -10.28 -37.98
C GLY A 177 -24.36 -9.32 -36.84
N ILE A 178 -23.17 -8.75 -36.73
CA ILE A 178 -22.87 -7.82 -35.65
C ILE A 178 -22.24 -6.56 -36.26
N PRO A 179 -23.00 -5.77 -37.01
CA PRO A 179 -22.44 -4.55 -37.60
C PRO A 179 -22.02 -3.55 -36.53
N GLY A 180 -20.99 -2.77 -36.85
CA GLY A 180 -20.50 -1.76 -35.96
C GLY A 180 -20.46 -0.40 -36.63
N LYS A 181 -20.55 0.63 -35.79
CA LYS A 181 -20.56 2.00 -36.29
C LYS A 181 -19.91 2.92 -35.27
N ARG A 182 -19.14 3.89 -35.77
CA ARG A 182 -18.48 4.89 -34.95
C ARG A 182 -19.23 6.21 -35.07
N SER A 183 -19.52 6.84 -33.93
CA SER A 183 -20.26 8.10 -33.92
C SER A 183 -19.56 9.06 -32.96
N GLU A 184 -19.92 10.34 -33.07
CA GLU A 184 -19.41 11.38 -32.19
C GLU A 184 -20.57 12.24 -31.71
N ARG A 185 -20.63 12.45 -30.40
CA ARG A 185 -21.76 13.15 -29.79
C ARG A 185 -21.27 14.30 -28.93
N PHE A 186 -22.19 15.21 -28.62
CA PHE A 186 -21.96 16.31 -27.70
C PHE A 186 -22.86 16.14 -26.48
N TYR A 187 -22.28 16.37 -25.30
CA TYR A 187 -23.00 16.28 -24.05
C TYR A 187 -23.05 17.65 -23.38
N GLU A 188 -24.15 17.90 -22.65
CA GLU A 188 -24.31 19.18 -21.98
C GLU A 188 -23.25 19.44 -20.92
N CYS A 189 -22.60 18.39 -20.42
CA CYS A 189 -21.59 18.57 -19.38
C CYS A 189 -20.38 19.33 -19.89
N CYS A 190 -19.91 19.02 -21.10
CA CYS A 190 -18.72 19.64 -21.65
C CYS A 190 -18.95 19.98 -23.12
N LYS A 191 -18.18 20.94 -23.60
CA LYS A 191 -18.25 21.37 -25.00
C LYS A 191 -17.34 20.56 -25.91
N GLU A 192 -16.63 19.57 -25.38
CA GLU A 192 -15.72 18.76 -26.16
C GLU A 192 -16.44 17.52 -26.68
N PRO A 193 -16.44 17.27 -27.99
CA PRO A 193 -17.13 16.08 -28.51
C PRO A 193 -16.50 14.80 -28.01
N TYR A 194 -17.33 13.76 -27.89
CA TYR A 194 -16.89 12.45 -27.41
C TYR A 194 -17.27 11.39 -28.44
N PRO A 195 -16.32 10.57 -28.88
CA PRO A 195 -16.66 9.47 -29.79
C PRO A 195 -17.11 8.22 -29.04
N ASP A 196 -17.77 7.34 -29.79
CA ASP A 196 -18.26 6.08 -29.25
C ASP A 196 -18.43 5.09 -30.38
N VAL A 197 -18.49 3.81 -30.02
CA VAL A 197 -18.64 2.72 -30.97
C VAL A 197 -19.83 1.87 -30.55
N THR A 198 -20.73 1.58 -31.50
CA THR A 198 -21.94 0.84 -31.24
C THR A 198 -21.98 -0.40 -32.12
N PHE A 199 -22.26 -1.55 -31.51
CA PHE A 199 -22.40 -2.82 -32.22
C PHE A 199 -23.84 -3.32 -32.09
N THR A 200 -24.31 -4.00 -33.15
CA THR A 200 -25.66 -4.53 -33.20
C THR A 200 -25.62 -6.05 -33.20
N VAL A 201 -26.57 -6.67 -32.49
CA VAL A 201 -26.57 -8.12 -32.33
C VAL A 201 -27.31 -8.81 -33.48
N THR A 202 -28.52 -8.35 -33.81
CA THR A 202 -29.31 -8.90 -34.90
C THR A 202 -29.60 -10.39 -34.68
N MET A 203 -30.38 -10.64 -33.65
CA MET A 203 -30.82 -12.00 -33.33
C MET A 203 -32.14 -12.30 -34.03
N ARG A 204 -32.39 -13.60 -34.24
CA ARG A 204 -33.64 -14.07 -34.83
C ARG A 204 -34.13 -15.28 -34.06
N ARG A 205 -35.44 -15.33 -33.81
CA ARG A 205 -36.02 -16.45 -33.09
C ARG A 205 -36.21 -17.65 -34.02
N ARG A 206 -35.90 -18.83 -33.50
CA ARG A 206 -36.06 -20.06 -34.27
C ARG A 206 -37.50 -20.55 -34.17
N THR A 207 -38.10 -20.87 -35.32
CA THR A 207 -39.48 -21.33 -35.35
C THR A 207 -39.62 -22.76 -34.83
N LEU A 208 -38.53 -23.48 -34.62
CA LEU A 208 -38.58 -24.85 -34.14
C LEU A 208 -39.25 -25.76 -35.16
N GLU B 1 8.84 16.59 -22.51
CA GLU B 1 7.50 16.22 -22.07
C GLU B 1 7.02 17.13 -20.95
N PHE B 2 5.87 17.77 -21.16
CA PHE B 2 5.32 18.70 -20.18
C PHE B 2 4.28 18.08 -19.26
N GLN B 3 3.63 17.00 -19.68
CA GLN B 3 2.63 16.35 -18.84
C GLN B 3 3.26 15.78 -17.57
N ARG B 4 4.41 15.13 -17.71
CA ARG B 4 5.12 14.62 -16.54
C ARG B 4 5.48 15.74 -15.58
N LYS B 5 6.03 16.84 -16.11
CA LYS B 5 6.40 17.95 -15.27
C LYS B 5 5.19 18.53 -14.55
N LEU B 6 4.07 18.69 -15.26
CA LEU B 6 2.87 19.23 -14.64
C LEU B 6 2.37 18.33 -13.52
N TYR B 7 2.32 17.02 -13.77
CA TYR B 7 1.85 16.10 -12.75
C TYR B 7 2.76 16.13 -11.52
N LYS B 8 4.07 16.11 -11.75
CA LYS B 8 5.01 16.11 -10.64
C LYS B 8 4.90 17.41 -9.83
N GLU B 9 4.75 18.54 -10.51
CA GLU B 9 4.60 19.81 -9.80
C GLU B 9 3.30 19.85 -9.00
N LEU B 10 2.20 19.37 -9.60
CA LEU B 10 0.91 19.42 -8.90
C LEU B 10 0.91 18.52 -7.67
N VAL B 11 1.52 17.33 -7.77
CA VAL B 11 1.44 16.38 -6.67
C VAL B 11 2.14 16.88 -5.40
N LYS B 12 3.05 17.86 -5.53
CA LYS B 12 3.86 18.27 -4.39
C LYS B 12 2.99 18.85 -3.27
N ASN B 13 3.25 18.40 -2.05
CA ASN B 13 2.65 18.93 -0.82
C ASN B 13 1.13 18.82 -0.79
N TYR B 14 0.53 18.03 -1.67
CA TYR B 14 -0.92 17.90 -1.70
C TYR B 14 -1.38 16.89 -0.67
N ASN B 15 -2.45 17.24 0.05
CA ASN B 15 -3.02 16.37 1.08
C ASN B 15 -4.49 16.09 0.76
N PRO B 16 -4.86 14.86 0.44
CA PRO B 16 -6.27 14.58 0.08
C PRO B 16 -7.25 14.85 1.20
N LEU B 17 -6.80 14.90 2.46
CA LEU B 17 -7.70 15.08 3.59
C LEU B 17 -8.07 16.54 3.84
N GLU B 18 -7.50 17.47 3.09
CA GLU B 18 -7.75 18.90 3.30
C GLU B 18 -8.77 19.39 2.30
N ARG B 19 -9.75 20.14 2.79
CA ARG B 19 -10.74 20.74 1.90
C ARG B 19 -10.09 21.84 1.08
N PRO B 20 -10.18 21.79 -0.25
CA PRO B 20 -9.46 22.76 -1.10
C PRO B 20 -10.08 24.16 -1.07
N VAL B 21 -9.94 24.81 0.08
CA VAL B 21 -10.42 26.17 0.26
C VAL B 21 -9.23 27.10 0.47
N ALA B 22 -9.42 28.37 0.11
CA ALA B 22 -8.35 29.34 0.18
C ALA B 22 -8.35 30.17 1.45
N ASN B 23 -9.44 30.18 2.22
CA ASN B 23 -9.53 30.97 3.43
C ASN B 23 -9.73 30.16 4.70
N ASP B 24 -10.37 28.99 4.62
CA ASP B 24 -10.60 28.14 5.77
C ASP B 24 -11.70 28.69 6.67
N SER B 25 -12.12 29.92 6.41
CA SER B 25 -13.18 30.56 7.19
C SER B 25 -14.47 30.74 6.40
N GLN B 26 -14.52 30.24 5.17
CA GLN B 26 -15.70 30.33 4.32
C GLN B 26 -16.03 28.96 3.75
N PRO B 27 -17.31 28.68 3.53
CA PRO B 27 -17.69 27.38 2.97
C PRO B 27 -17.25 27.24 1.52
N LEU B 28 -17.00 26.00 1.12
CA LEU B 28 -16.71 25.67 -0.27
C LEU B 28 -18.01 25.38 -1.00
N THR B 29 -18.19 26.04 -2.15
CA THR B 29 -19.43 25.91 -2.92
C THR B 29 -19.34 24.72 -3.86
N VAL B 30 -20.32 23.83 -3.81
CA VAL B 30 -20.39 22.65 -4.66
C VAL B 30 -21.74 22.63 -5.34
N TYR B 31 -21.73 22.51 -6.68
CA TYR B 31 -22.95 22.43 -7.47
C TYR B 31 -23.26 20.97 -7.78
N PHE B 32 -24.51 20.57 -7.54
CA PHE B 32 -24.95 19.19 -7.69
C PHE B 32 -26.13 19.12 -8.66
N SER B 33 -26.11 18.11 -9.51
CA SER B 33 -27.15 17.92 -10.50
C SER B 33 -27.26 16.43 -10.85
N LEU B 34 -28.36 16.07 -11.49
CA LEU B 34 -28.67 14.68 -11.80
C LEU B 34 -28.94 14.54 -13.29
N SER B 35 -28.76 13.32 -13.80
CA SER B 35 -29.08 13.01 -15.20
C SER B 35 -29.66 11.61 -15.25
N LEU B 36 -30.98 11.51 -15.37
CA LEU B 36 -31.63 10.22 -15.47
C LEU B 36 -31.63 9.73 -16.90
N LEU B 37 -31.47 8.42 -17.08
CA LEU B 37 -31.45 7.84 -18.42
C LEU B 37 -32.49 6.77 -18.66
N GLN B 38 -32.95 6.06 -17.62
CA GLN B 38 -33.93 5.01 -17.82
C GLN B 38 -34.47 4.55 -16.48
N ILE B 39 -35.79 4.35 -16.43
CA ILE B 39 -36.43 3.76 -15.25
C ILE B 39 -36.48 2.26 -15.50
N MET B 40 -35.46 1.56 -15.02
CA MET B 40 -35.31 0.14 -15.37
C MET B 40 -36.45 -0.69 -14.79
N ASP B 41 -36.86 -0.42 -13.56
CA ASP B 41 -37.89 -1.23 -12.93
C ASP B 41 -38.58 -0.42 -11.83
N VAL B 42 -39.85 -0.75 -11.59
CA VAL B 42 -40.63 -0.17 -10.50
C VAL B 42 -41.29 -1.32 -9.76
N ASP B 43 -40.81 -1.59 -8.55
CA ASP B 43 -41.29 -2.71 -7.76
C ASP B 43 -42.36 -2.23 -6.77
N GLU B 44 -43.57 -2.78 -6.89
CA GLU B 44 -44.67 -2.41 -6.03
C GLU B 44 -44.70 -3.21 -4.75
N LYS B 45 -44.45 -4.53 -4.83
CA LYS B 45 -44.50 -5.37 -3.64
C LYS B 45 -43.44 -4.98 -2.63
N ASN B 46 -42.22 -4.70 -3.10
CA ASN B 46 -41.12 -4.37 -2.20
C ASN B 46 -40.94 -2.87 -2.01
N GLN B 47 -41.70 -2.04 -2.70
CA GLN B 47 -41.62 -0.59 -2.56
C GLN B 47 -40.20 -0.10 -2.87
N VAL B 48 -39.72 -0.46 -4.06
CA VAL B 48 -38.37 -0.14 -4.49
C VAL B 48 -38.41 0.36 -5.93
N LEU B 49 -37.60 1.38 -6.22
CA LEU B 49 -37.50 1.96 -7.55
C LEU B 49 -36.05 1.85 -8.03
N THR B 50 -35.87 1.34 -9.24
CA THR B 50 -34.55 1.17 -9.83
C THR B 50 -34.44 2.06 -11.06
N THR B 51 -33.33 2.81 -11.15
CA THR B 51 -33.11 3.73 -12.25
C THR B 51 -31.63 3.82 -12.57
N ASN B 52 -31.32 4.29 -13.77
CA ASN B 52 -29.96 4.54 -14.21
C ASN B 52 -29.72 6.04 -14.20
N ILE B 53 -28.71 6.48 -13.46
CA ILE B 53 -28.52 7.90 -13.20
C ILE B 53 -27.03 8.24 -13.22
N TRP B 54 -26.71 9.41 -13.76
CA TRP B 54 -25.38 10.00 -13.69
C TRP B 54 -25.43 11.20 -12.75
N LEU B 55 -24.53 11.22 -11.76
CA LEU B 55 -24.41 12.35 -10.87
C LEU B 55 -23.46 13.38 -11.47
N GLN B 56 -23.68 14.64 -11.12
CA GLN B 56 -22.83 15.73 -11.59
C GLN B 56 -22.47 16.62 -10.41
N MET B 57 -21.18 16.69 -10.09
CA MET B 57 -20.67 17.53 -9.02
C MET B 57 -19.61 18.45 -9.60
N SER B 58 -19.71 19.74 -9.31
CA SER B 58 -18.77 20.72 -9.80
C SER B 58 -18.29 21.59 -8.64
N TRP B 59 -16.99 21.85 -8.61
CA TRP B 59 -16.42 22.71 -7.56
C TRP B 59 -15.08 23.26 -8.05
N THR B 60 -14.37 23.93 -7.16
CA THR B 60 -13.07 24.52 -7.46
C THR B 60 -12.06 24.09 -6.41
N ASP B 61 -10.82 23.90 -6.83
CA ASP B 61 -9.76 23.39 -5.96
C ASP B 61 -8.85 24.50 -5.44
N HIS B 62 -8.36 25.37 -6.32
CA HIS B 62 -7.46 26.46 -5.96
C HIS B 62 -6.05 25.95 -5.69
N TYR B 63 -5.88 24.63 -5.66
CA TYR B 63 -4.56 24.03 -5.51
C TYR B 63 -4.05 23.39 -6.79
N LEU B 64 -4.92 23.15 -7.77
CA LEU B 64 -4.54 22.56 -9.05
C LEU B 64 -4.72 23.65 -10.12
N GLN B 65 -3.68 24.47 -10.28
CA GLN B 65 -3.69 25.55 -11.25
C GLN B 65 -2.32 25.65 -11.89
N TRP B 66 -2.30 26.11 -13.14
CA TRP B 66 -1.04 26.29 -13.85
C TRP B 66 -1.25 27.27 -14.99
N ASN B 67 -0.14 27.83 -15.47
CA ASN B 67 -0.16 28.74 -16.61
C ASN B 67 0.03 27.92 -17.88
N VAL B 68 -0.98 27.93 -18.75
CA VAL B 68 -0.92 27.12 -19.96
C VAL B 68 0.23 27.52 -20.87
N SER B 69 0.72 28.77 -20.75
CA SER B 69 1.84 29.20 -21.57
C SER B 69 3.14 28.51 -21.19
N GLU B 70 3.27 28.05 -19.95
CA GLU B 70 4.46 27.35 -19.50
C GLU B 70 4.37 25.84 -19.71
N TYR B 71 3.20 25.32 -20.03
CA TYR B 71 2.99 23.90 -20.32
C TYR B 71 2.20 23.78 -21.61
N PRO B 72 2.82 24.14 -22.73
CA PRO B 72 2.07 24.13 -24.01
C PRO B 72 1.54 22.73 -24.33
N GLY B 73 0.32 22.70 -24.86
CA GLY B 73 -0.32 21.47 -25.24
C GLY B 73 -1.09 20.79 -24.13
N VAL B 74 -1.01 21.29 -22.90
CA VAL B 74 -1.69 20.69 -21.76
C VAL B 74 -2.75 21.67 -21.27
N LYS B 75 -4.01 21.23 -21.27
CA LYS B 75 -5.11 22.07 -20.83
C LYS B 75 -6.02 21.40 -19.81
N THR B 76 -5.93 20.08 -19.62
CA THR B 76 -6.75 19.38 -18.65
C THR B 76 -5.94 18.23 -18.06
N VAL B 77 -6.28 17.86 -16.83
CA VAL B 77 -5.68 16.73 -16.14
C VAL B 77 -6.79 15.88 -15.53
N ARG B 78 -6.46 14.62 -15.26
CA ARG B 78 -7.41 13.66 -14.71
C ARG B 78 -6.77 12.95 -13.53
N PHE B 79 -7.51 12.85 -12.43
CA PHE B 79 -7.01 12.21 -11.23
C PHE B 79 -7.92 11.05 -10.82
N PRO B 80 -7.35 9.92 -10.43
CA PRO B 80 -8.17 8.77 -10.00
C PRO B 80 -8.72 9.00 -8.60
N ASP B 81 -9.40 7.97 -8.09
CA ASP B 81 -9.98 8.03 -6.76
C ASP B 81 -8.89 7.92 -5.70
N GLY B 82 -9.08 8.64 -4.60
CA GLY B 82 -8.18 8.55 -3.47
C GLY B 82 -6.94 9.41 -3.56
N GLN B 83 -6.80 10.22 -4.61
CA GLN B 83 -5.63 11.09 -4.76
C GLN B 83 -5.95 12.57 -4.65
N ILE B 84 -7.22 12.95 -4.64
CA ILE B 84 -7.62 14.34 -4.45
C ILE B 84 -8.89 14.37 -3.63
N TRP B 85 -9.18 15.54 -3.06
CA TRP B 85 -10.36 15.70 -2.22
C TRP B 85 -11.63 15.60 -3.07
N LYS B 86 -12.62 14.88 -2.57
CA LYS B 86 -13.89 14.70 -3.25
C LYS B 86 -15.03 14.81 -2.25
N PRO B 87 -16.15 15.41 -2.65
CA PRO B 87 -17.30 15.47 -1.75
C PRO B 87 -17.86 14.08 -1.44
N ASP B 88 -18.35 13.93 -0.22
CA ASP B 88 -18.96 12.67 0.22
C ASP B 88 -20.48 12.74 0.12
N ILE B 89 -20.96 12.88 -1.12
CA ILE B 89 -22.39 12.96 -1.38
C ILE B 89 -22.98 11.55 -1.39
N LEU B 90 -24.04 11.35 -0.61
CA LEU B 90 -24.68 10.05 -0.50
C LEU B 90 -26.19 10.21 -0.59
N LEU B 91 -26.84 9.12 -0.97
CA LEU B 91 -28.29 9.05 -1.06
C LEU B 91 -28.84 8.58 0.28
N TYR B 92 -29.69 9.39 0.91
CA TYR B 92 -30.20 9.06 2.23
C TYR B 92 -31.15 7.86 2.19
N ASN B 93 -32.11 7.88 1.25
CA ASN B 93 -33.12 6.83 1.18
C ASN B 93 -32.69 5.73 0.20
N SER B 94 -31.56 5.09 0.54
CA SER B 94 -31.03 4.00 -0.27
C SER B 94 -31.60 2.66 0.20
N ALA B 95 -31.94 1.81 -0.76
CA ALA B 95 -32.45 0.48 -0.47
C ALA B 95 -31.48 -0.63 -0.83
N ASP B 96 -30.37 -0.32 -1.49
CA ASP B 96 -29.38 -1.33 -1.85
C ASP B 96 -28.66 -1.84 -0.60
N GLU B 97 -28.26 -3.10 -0.64
CA GLU B 97 -27.53 -3.69 0.48
C GLU B 97 -26.21 -2.97 0.72
N ARG B 98 -25.49 -2.63 -0.36
CA ARG B 98 -24.25 -1.88 -0.23
C ARG B 98 -24.47 -0.43 0.15
N PHE B 99 -25.71 0.05 0.12
CA PHE B 99 -26.02 1.44 0.44
C PHE B 99 -25.52 2.36 -0.66
N ASP B 100 -24.20 2.41 -0.86
CA ASP B 100 -23.61 3.20 -1.93
C ASP B 100 -23.45 2.33 -3.16
N ALA B 101 -23.97 2.80 -4.30
CA ALA B 101 -23.97 2.05 -5.55
C ALA B 101 -23.51 2.93 -6.70
N THR B 102 -22.42 3.65 -6.49
CA THR B 102 -21.84 4.52 -7.51
C THR B 102 -20.48 3.99 -7.95
N PHE B 103 -20.25 4.00 -9.26
CA PHE B 103 -18.99 3.55 -9.83
C PHE B 103 -18.02 4.73 -9.91
N HIS B 104 -16.91 4.63 -9.19
CA HIS B 104 -15.96 5.73 -9.11
C HIS B 104 -15.18 5.87 -10.41
N THR B 105 -15.08 7.10 -10.90
CA THR B 105 -14.33 7.39 -12.12
C THR B 105 -13.33 8.51 -11.88
N ASN B 106 -12.67 8.96 -12.94
CA ASN B 106 -11.67 10.01 -12.81
C ASN B 106 -12.33 11.36 -12.60
N VAL B 107 -11.56 12.29 -12.04
CA VAL B 107 -11.97 13.68 -11.86
C VAL B 107 -11.15 14.55 -12.80
N LEU B 108 -11.83 15.38 -13.58
CA LEU B 108 -11.20 16.20 -14.61
C LEU B 108 -11.07 17.64 -14.11
N VAL B 109 -9.89 18.22 -14.32
CA VAL B 109 -9.60 19.58 -13.88
C VAL B 109 -8.98 20.35 -15.03
N ASN B 110 -9.42 21.59 -15.22
CA ASN B 110 -8.88 22.47 -16.24
C ASN B 110 -7.95 23.50 -15.61
N SER B 111 -7.38 24.35 -16.47
CA SER B 111 -6.31 25.25 -16.02
C SER B 111 -6.73 26.12 -14.84
N SER B 112 -8.02 26.47 -14.76
CA SER B 112 -8.48 27.38 -13.72
C SER B 112 -8.70 26.70 -12.37
N GLY B 113 -8.57 25.38 -12.31
CA GLY B 113 -8.82 24.67 -11.07
C GLY B 113 -10.24 24.19 -10.86
N HIS B 114 -11.04 24.17 -11.91
CA HIS B 114 -12.43 23.73 -11.82
CA HIS B 114 -12.43 23.73 -11.81
C HIS B 114 -12.50 22.22 -11.98
N CYS B 115 -13.10 21.55 -11.00
CA CYS B 115 -13.19 20.09 -10.97
C CYS B 115 -14.63 19.65 -11.21
N GLN B 116 -14.78 18.66 -12.10
CA GLN B 116 -16.06 18.05 -12.41
C GLN B 116 -15.99 16.56 -12.11
N TYR B 117 -17.12 16.00 -11.68
CA TYR B 117 -17.18 14.59 -11.30
C TYR B 117 -18.56 14.06 -11.65
N LEU B 118 -18.61 13.09 -12.58
CA LEU B 118 -19.87 12.56 -13.10
C LEU B 118 -19.87 11.04 -13.00
N PRO B 119 -20.16 10.50 -11.83
CA PRO B 119 -20.23 9.04 -11.67
C PRO B 119 -21.54 8.49 -12.19
N PRO B 120 -21.50 7.43 -12.99
CA PRO B 120 -22.72 6.73 -13.37
C PRO B 120 -23.06 5.63 -12.39
N GLY B 121 -24.33 5.23 -12.39
CA GLY B 121 -24.73 4.16 -11.50
C GLY B 121 -26.17 3.75 -11.71
N ILE B 122 -26.52 2.64 -11.07
CA ILE B 122 -27.88 2.13 -10.99
C ILE B 122 -28.30 2.20 -9.54
N PHE B 123 -29.23 3.10 -9.22
CA PHE B 123 -29.60 3.39 -7.84
C PHE B 123 -30.93 2.75 -7.50
N LYS B 124 -30.99 2.11 -6.34
CA LYS B 124 -32.22 1.55 -5.81
C LYS B 124 -32.64 2.36 -4.58
N SER B 125 -33.87 2.86 -4.59
CA SER B 125 -34.38 3.69 -3.51
C SER B 125 -35.75 3.21 -3.10
N SER B 126 -36.11 3.48 -1.85
CA SER B 126 -37.40 3.06 -1.29
C SER B 126 -38.45 4.12 -1.62
N CYS B 127 -39.50 3.70 -2.33
CA CYS B 127 -40.59 4.58 -2.71
C CYS B 127 -41.92 3.92 -2.37
N TYR B 128 -42.89 4.74 -2.03
CA TYR B 128 -44.24 4.26 -1.69
C TYR B 128 -45.12 4.37 -2.92
N ILE B 129 -45.68 3.23 -3.34
CA ILE B 129 -46.54 3.16 -4.51
C ILE B 129 -47.97 2.94 -4.04
N ASP B 130 -48.88 3.83 -4.44
CA ASP B 130 -50.29 3.74 -4.09
C ASP B 130 -51.06 3.16 -5.26
N VAL B 131 -51.81 2.09 -5.01
CA VAL B 131 -52.56 1.39 -6.05
C VAL B 131 -54.06 1.56 -5.87
N ARG B 132 -54.50 2.49 -5.01
CA ARG B 132 -55.92 2.72 -4.84
C ARG B 132 -56.57 3.14 -6.15
N TRP B 133 -55.94 4.06 -6.87
CA TRP B 133 -56.40 4.46 -8.21
C TRP B 133 -55.56 3.72 -9.24
N PHE B 134 -55.85 2.41 -9.34
CA PHE B 134 -55.03 1.54 -10.18
C PHE B 134 -55.00 1.97 -11.64
N PRO B 135 -56.13 2.02 -12.35
CA PRO B 135 -56.06 2.39 -13.78
C PRO B 135 -55.45 3.75 -14.03
N PHE B 136 -55.72 4.73 -13.16
CA PHE B 136 -55.23 6.10 -13.33
C PHE B 136 -54.65 6.57 -12.01
N ASP B 137 -53.37 6.92 -12.00
CA ASP B 137 -52.73 7.40 -10.79
C ASP B 137 -51.34 7.93 -11.13
N VAL B 138 -50.88 8.92 -10.38
CA VAL B 138 -49.56 9.50 -10.54
C VAL B 138 -48.76 9.19 -9.28
N GLN B 139 -47.58 8.60 -9.46
CA GLN B 139 -46.72 8.22 -8.36
C GLN B 139 -45.56 9.20 -8.22
N HIS B 140 -45.30 9.61 -6.98
CA HIS B 140 -44.22 10.54 -6.65
C HIS B 140 -43.16 9.78 -5.86
N CYS B 141 -41.97 9.64 -6.44
CA CYS B 141 -40.85 9.02 -5.77
C CYS B 141 -39.76 10.06 -5.57
N LYS B 142 -39.24 10.16 -4.35
CA LYS B 142 -38.26 11.18 -3.98
C LYS B 142 -36.89 10.55 -3.81
N LEU B 143 -35.87 11.23 -4.33
CA LEU B 143 -34.48 10.86 -4.15
C LEU B 143 -33.78 12.00 -3.44
N LYS B 144 -33.21 11.71 -2.27
CA LYS B 144 -32.60 12.71 -1.40
C LYS B 144 -31.09 12.47 -1.35
N PHE B 145 -30.32 13.49 -1.72
CA PHE B 145 -28.86 13.44 -1.72
C PHE B 145 -28.32 14.52 -0.79
N GLY B 146 -27.20 14.20 -0.14
CA GLY B 146 -26.59 15.16 0.76
C GLY B 146 -25.22 14.70 1.22
N SER B 147 -24.48 15.65 1.78
CA SER B 147 -23.18 15.34 2.37
C SER B 147 -23.38 14.70 3.74
N TRP B 148 -22.57 13.68 4.02
CA TRP B 148 -22.75 12.92 5.26
C TRP B 148 -21.96 13.49 6.42
N SER B 149 -20.73 13.94 6.19
CA SER B 149 -19.88 14.46 7.26
C SER B 149 -19.60 15.95 7.16
N TYR B 150 -19.95 16.58 6.04
CA TYR B 150 -19.76 18.02 5.85
C TYR B 150 -21.11 18.71 5.94
N GLY B 151 -21.26 19.60 6.92
CA GLY B 151 -22.47 20.36 7.09
C GLY B 151 -22.29 21.82 6.71
N GLY B 152 -23.25 22.64 7.15
CA GLY B 152 -23.17 24.06 6.94
C GLY B 152 -21.88 24.65 7.46
N TRP B 153 -21.52 25.83 6.96
CA TRP B 153 -20.32 26.53 7.38
C TRP B 153 -19.07 25.88 6.80
N SER B 154 -19.21 24.71 6.20
CA SER B 154 -18.11 24.03 5.55
C SER B 154 -18.36 23.78 4.07
N LEU B 155 -19.52 23.23 3.71
CA LEU B 155 -19.85 22.90 2.34
C LEU B 155 -21.21 23.49 2.01
N ASP B 156 -21.24 24.43 1.05
CA ASP B 156 -22.47 25.05 0.58
C ASP B 156 -22.91 24.34 -0.68
N LEU B 157 -23.99 23.56 -0.57
CA LEU B 157 -24.48 22.76 -1.68
C LEU B 157 -25.55 23.53 -2.45
N GLN B 158 -25.35 23.67 -3.76
CA GLN B 158 -26.30 24.33 -4.64
C GLN B 158 -26.84 23.32 -5.63
N MET B 159 -28.06 23.55 -6.10
CA MET B 159 -28.75 22.63 -6.98
C MET B 159 -28.78 23.15 -8.41
N GLN B 160 -28.75 22.21 -9.37
CA GLN B 160 -28.94 22.53 -10.76
C GLN B 160 -30.01 21.62 -11.35
N GLU B 161 -30.71 22.13 -12.36
CA GLU B 161 -31.82 21.39 -12.95
C GLU B 161 -31.33 20.08 -13.54
N ALA B 162 -32.18 19.06 -13.45
CA ALA B 162 -31.84 17.74 -13.96
C ALA B 162 -31.93 17.72 -15.49
N ASP B 163 -31.13 16.84 -16.08
CA ASP B 163 -31.06 16.70 -17.54
C ASP B 163 -31.77 15.42 -17.95
N ILE B 164 -32.69 15.54 -18.91
CA ILE B 164 -33.46 14.40 -19.38
C ILE B 164 -33.37 14.33 -20.91
N SER B 165 -32.30 14.89 -21.47
CA SER B 165 -32.14 14.90 -22.91
C SER B 165 -31.97 13.49 -23.46
N GLY B 166 -31.22 12.65 -22.75
CA GLY B 166 -30.95 11.30 -23.21
C GLY B 166 -31.86 10.25 -22.61
N TYR B 167 -32.98 10.68 -22.04
CA TYR B 167 -33.91 9.75 -21.42
C TYR B 167 -34.50 8.80 -22.46
N ILE B 168 -34.63 7.54 -22.09
CA ILE B 168 -35.20 6.51 -22.95
C ILE B 168 -36.60 6.21 -22.45
N PRO B 169 -37.64 6.47 -23.25
CA PRO B 169 -39.01 6.24 -22.76
C PRO B 169 -39.24 4.80 -22.33
N ASN B 170 -40.03 4.63 -21.27
CA ASN B 170 -40.38 3.32 -20.77
C ASN B 170 -41.69 2.85 -21.37
N GLY B 171 -41.81 1.53 -21.54
CA GLY B 171 -42.99 0.96 -22.16
C GLY B 171 -44.21 0.86 -21.27
N GLU B 172 -44.06 1.04 -19.96
CA GLU B 172 -45.17 0.93 -19.02
C GLU B 172 -45.40 2.17 -18.18
N TRP B 173 -44.40 3.05 -18.03
CA TRP B 173 -44.53 4.25 -17.23
C TRP B 173 -44.09 5.46 -18.05
N ASP B 174 -44.76 6.58 -17.80
CA ASP B 174 -44.48 7.84 -18.49
C ASP B 174 -44.01 8.87 -17.48
N LEU B 175 -42.91 9.54 -17.78
CA LEU B 175 -42.35 10.57 -16.91
C LEU B 175 -43.04 11.90 -17.16
N VAL B 176 -43.41 12.60 -16.10
CA VAL B 176 -44.02 13.91 -16.21
C VAL B 176 -43.01 15.02 -15.97
N GLY B 177 -42.10 14.81 -15.02
CA GLY B 177 -41.07 15.79 -14.72
C GLY B 177 -40.23 15.37 -13.53
N ILE B 178 -39.09 16.02 -13.34
CA ILE B 178 -38.20 15.69 -12.22
C ILE B 178 -37.86 16.97 -11.47
N PRO B 179 -38.81 17.59 -10.78
CA PRO B 179 -38.51 18.82 -10.04
C PRO B 179 -37.52 18.56 -8.92
N GLY B 180 -36.73 19.59 -8.61
CA GLY B 180 -35.75 19.51 -7.55
C GLY B 180 -35.93 20.64 -6.56
N LYS B 181 -35.50 20.38 -5.32
CA LYS B 181 -35.63 21.36 -4.26
C LYS B 181 -34.48 21.20 -3.28
N ARG B 182 -33.98 22.33 -2.80
CA ARG B 182 -32.91 22.37 -1.81
C ARG B 182 -33.48 22.73 -0.45
N SER B 183 -33.12 21.96 0.57
CA SER B 183 -33.62 22.19 1.92
C SER B 183 -32.47 22.11 2.91
N GLU B 184 -32.71 22.59 4.12
CA GLU B 184 -31.73 22.56 5.20
C GLU B 184 -32.40 22.05 6.46
N ARG B 185 -31.80 21.06 7.10
CA ARG B 185 -32.40 20.41 8.25
C ARG B 185 -31.43 20.40 9.43
N PHE B 186 -31.99 20.17 10.62
CA PHE B 186 -31.24 19.99 11.85
C PHE B 186 -31.42 18.56 12.34
N TYR B 187 -30.32 17.95 12.79
CA TYR B 187 -30.32 16.61 13.33
C TYR B 187 -29.90 16.63 14.79
N GLU B 188 -30.45 15.70 15.57
CA GLU B 188 -30.15 15.65 16.99
C GLU B 188 -28.68 15.34 17.26
N CYS B 189 -27.96 14.77 16.29
CA CYS B 189 -26.56 14.43 16.51
C CYS B 189 -25.71 15.68 16.69
N CYS B 190 -25.93 16.70 15.87
CA CYS B 190 -25.12 17.91 15.90
C CYS B 190 -26.03 19.14 15.79
N LYS B 191 -25.51 20.26 16.27
CA LYS B 191 -26.23 21.53 16.23
C LYS B 191 -25.98 22.30 14.94
N GLU B 192 -25.19 21.74 14.02
CA GLU B 192 -24.87 22.41 12.76
C GLU B 192 -25.87 22.00 11.70
N PRO B 193 -26.54 22.93 11.03
CA PRO B 193 -27.50 22.56 9.99
C PRO B 193 -26.82 21.87 8.81
N TYR B 194 -27.57 20.98 8.16
CA TYR B 194 -27.09 20.23 7.02
C TYR B 194 -28.02 20.44 5.83
N PRO B 195 -27.50 20.84 4.68
CA PRO B 195 -28.34 20.96 3.48
C PRO B 195 -28.47 19.64 2.73
N ASP B 196 -29.49 19.58 1.89
CA ASP B 196 -29.77 18.40 1.08
C ASP B 196 -30.57 18.82 -0.14
N VAL B 197 -30.55 17.96 -1.16
CA VAL B 197 -31.26 18.20 -2.41
C VAL B 197 -32.16 17.00 -2.70
N THR B 198 -33.42 17.27 -3.01
CA THR B 198 -34.41 16.22 -3.25
C THR B 198 -35.00 16.39 -4.65
N PHE B 199 -35.05 15.29 -5.39
CA PHE B 199 -35.64 15.26 -6.72
C PHE B 199 -36.86 14.35 -6.73
N THR B 200 -37.84 14.70 -7.54
CA THR B 200 -39.09 13.95 -7.65
C THR B 200 -39.20 13.32 -9.04
N VAL B 201 -39.72 12.09 -9.08
CA VAL B 201 -39.78 11.34 -10.34
C VAL B 201 -41.05 11.66 -11.12
N THR B 202 -42.21 11.61 -10.47
CA THR B 202 -43.49 11.93 -11.10
C THR B 202 -43.77 10.99 -12.29
N MET B 203 -43.94 9.73 -11.95
CA MET B 203 -44.29 8.72 -12.94
C MET B 203 -45.81 8.59 -13.07
N ARG B 204 -46.25 8.11 -14.22
CA ARG B 204 -47.66 7.86 -14.48
C ARG B 204 -47.81 6.51 -15.18
N ARG B 205 -48.82 5.74 -14.77
CA ARG B 205 -49.07 4.45 -15.37
C ARG B 205 -49.80 4.60 -16.69
N ARG B 206 -49.38 3.81 -17.69
CA ARG B 206 -50.02 3.83 -18.99
C ARG B 206 -51.25 2.94 -18.99
N THR B 207 -52.37 3.48 -19.48
CA THR B 207 -53.63 2.72 -19.52
C THR B 207 -53.63 1.64 -20.59
N LEU B 208 -52.63 1.63 -21.48
CA LEU B 208 -52.57 0.63 -22.55
C LEU B 208 -53.74 0.78 -23.51
N GLU C 1 -2.08 28.83 4.99
CA GLU C 1 -3.06 27.76 5.18
C GLU C 1 -2.82 27.05 6.50
N PHE C 2 -3.86 27.00 7.34
CA PHE C 2 -3.76 26.39 8.65
C PHE C 2 -4.25 24.95 8.70
N GLN C 3 -5.12 24.56 7.76
CA GLN C 3 -5.62 23.19 7.76
C GLN C 3 -4.50 22.19 7.48
N ARG C 4 -3.62 22.51 6.52
CA ARG C 4 -2.49 21.64 6.24
C ARG C 4 -1.58 21.50 7.46
N LYS C 5 -1.29 22.63 8.11
CA LYS C 5 -0.44 22.59 9.29
C LYS C 5 -1.07 21.76 10.40
N LEU C 6 -2.37 21.92 10.62
CA LEU C 6 -3.05 21.16 11.66
C LEU C 6 -3.02 19.67 11.37
N TYR C 7 -3.31 19.28 10.12
CA TYR C 7 -3.28 17.87 9.76
C TYR C 7 -1.88 17.28 9.92
N LYS C 8 -0.87 18.00 9.46
CA LYS C 8 0.51 17.51 9.56
C LYS C 8 0.92 17.36 11.02
N GLU C 9 0.56 18.34 11.86
CA GLU C 9 0.91 18.25 13.27
C GLU C 9 0.19 17.08 13.94
N LEU C 10 -1.09 16.88 13.64
CA LEU C 10 -1.85 15.81 14.27
C LEU C 10 -1.33 14.44 13.88
N VAL C 11 -0.97 14.27 12.60
CA VAL C 11 -0.57 12.94 12.13
C VAL C 11 0.70 12.44 12.79
N LYS C 12 1.51 13.34 13.36
CA LYS C 12 2.82 12.94 13.88
C LYS C 12 2.68 11.93 15.01
N ASN C 13 3.47 10.86 14.95
CA ASN C 13 3.62 9.85 16.00
C ASN C 13 2.32 9.15 16.34
N TYR C 14 1.28 9.26 15.52
CA TYR C 14 0.01 8.62 15.80
C TYR C 14 0.03 7.17 15.37
N ASN C 15 -0.50 6.30 16.23
CA ASN C 15 -0.56 4.86 15.94
C ASN C 15 -2.00 4.40 16.01
N PRO C 16 -2.60 3.96 14.90
CA PRO C 16 -4.01 3.54 14.93
C PRO C 16 -4.28 2.34 15.83
N LEU C 17 -3.26 1.55 16.16
CA LEU C 17 -3.45 0.34 16.95
C LEU C 17 -3.51 0.60 18.45
N GLU C 18 -3.30 1.84 18.88
CA GLU C 18 -3.28 2.18 20.30
C GLU C 18 -4.62 2.77 20.72
N ARG C 19 -5.15 2.28 21.84
CA ARG C 19 -6.39 2.84 22.37
C ARG C 19 -6.13 4.24 22.89
N PRO C 20 -6.89 5.24 22.44
CA PRO C 20 -6.60 6.64 22.82
C PRO C 20 -6.98 6.96 24.27
N VAL C 21 -6.24 6.37 25.20
CA VAL C 21 -6.44 6.61 26.62
C VAL C 21 -5.23 7.33 27.18
N ALA C 22 -5.45 8.08 28.26
CA ALA C 22 -4.40 8.89 28.86
C ALA C 22 -3.68 8.22 30.01
N ASN C 23 -4.24 7.15 30.58
CA ASN C 23 -3.65 6.48 31.73
C ASN C 23 -3.26 5.04 31.47
N ASP C 24 -3.95 4.34 30.57
CA ASP C 24 -3.65 2.95 30.25
C ASP C 24 -4.10 2.01 31.36
N SER C 25 -4.49 2.56 32.50
CA SER C 25 -4.96 1.77 33.63
C SER C 25 -6.44 1.94 33.90
N GLN C 26 -7.15 2.69 33.06
CA GLN C 26 -8.58 2.91 33.21
C GLN C 26 -9.28 2.65 31.88
N PRO C 27 -10.52 2.17 31.93
CA PRO C 27 -11.24 1.90 30.68
C PRO C 27 -11.60 3.19 29.95
N LEU C 28 -11.70 3.09 28.63
CA LEU C 28 -12.16 4.18 27.80
C LEU C 28 -13.67 4.11 27.67
N THR C 29 -14.35 5.22 27.93
CA THR C 29 -15.81 5.26 27.92
C THR C 29 -16.31 5.56 26.51
N VAL C 30 -17.22 4.72 26.02
CA VAL C 30 -17.81 4.88 24.69
C VAL C 30 -19.32 4.85 24.83
N TYR C 31 -19.99 5.87 24.29
CA TYR C 31 -21.44 5.96 24.30
C TYR C 31 -21.99 5.46 22.98
N PHE C 32 -22.99 4.57 23.05
CA PHE C 32 -23.57 3.92 21.89
C PHE C 32 -25.06 4.17 21.85
N SER C 33 -25.58 4.43 20.64
CA SER C 33 -26.99 4.71 20.44
C SER C 33 -27.38 4.31 19.02
N LEU C 34 -28.69 4.21 18.81
CA LEU C 34 -29.25 3.74 17.54
C LEU C 34 -30.23 4.76 17.01
N SER C 35 -30.44 4.74 15.69
CA SER C 35 -31.44 5.58 15.04
C SER C 35 -32.09 4.78 13.92
N LEU C 36 -33.29 4.27 14.18
CA LEU C 36 -34.03 3.52 13.17
C LEU C 36 -34.79 4.48 12.25
N LEU C 37 -34.86 4.13 10.97
CA LEU C 37 -35.55 4.96 10.01
C LEU C 37 -36.69 4.25 9.27
N GLN C 38 -36.62 2.93 9.11
CA GLN C 38 -37.67 2.24 8.37
C GLN C 38 -37.51 0.74 8.55
N ILE C 39 -38.63 0.05 8.77
CA ILE C 39 -38.66 -1.41 8.81
C ILE C 39 -38.97 -1.87 7.39
N MET C 40 -37.91 -2.12 6.62
CA MET C 40 -38.08 -2.39 5.20
C MET C 40 -38.85 -3.68 4.96
N ASP C 41 -38.57 -4.72 5.74
CA ASP C 41 -39.22 -6.01 5.51
C ASP C 41 -39.19 -6.83 6.78
N VAL C 42 -40.18 -7.70 6.94
CA VAL C 42 -40.27 -8.64 8.04
C VAL C 42 -40.57 -10.01 7.43
N ASP C 43 -39.58 -10.90 7.46
CA ASP C 43 -39.70 -12.22 6.84
C ASP C 43 -40.09 -13.23 7.90
N GLU C 44 -41.24 -13.88 7.72
CA GLU C 44 -41.72 -14.88 8.66
C GLU C 44 -41.19 -16.27 8.37
N LYS C 45 -41.14 -16.66 7.09
CA LYS C 45 -40.66 -17.99 6.73
C LYS C 45 -39.20 -18.19 7.12
N ASN C 46 -38.36 -17.19 6.85
CA ASN C 46 -36.93 -17.30 7.13
C ASN C 46 -36.54 -16.74 8.49
N GLN C 47 -37.48 -16.15 9.24
CA GLN C 47 -37.19 -15.61 10.56
C GLN C 47 -36.08 -14.56 10.50
N VAL C 48 -36.29 -13.56 9.64
CA VAL C 48 -35.31 -12.51 9.40
C VAL C 48 -36.02 -11.16 9.39
N LEU C 49 -35.38 -10.16 9.98
CA LEU C 49 -35.89 -8.79 10.02
C LEU C 49 -34.90 -7.86 9.36
N THR C 50 -35.39 -7.03 8.45
CA THR C 50 -34.57 -6.07 7.72
C THR C 50 -35.00 -4.65 8.09
N THR C 51 -34.03 -3.81 8.42
CA THR C 51 -34.30 -2.44 8.82
C THR C 51 -33.17 -1.53 8.36
N ASN C 52 -33.46 -0.23 8.31
CA ASN C 52 -32.49 0.80 8.00
C ASN C 52 -32.14 1.53 9.29
N ILE C 53 -30.86 1.55 9.63
CA ILE C 53 -30.42 2.03 10.94
C ILE C 53 -29.12 2.80 10.81
N TRP C 54 -29.01 3.88 11.60
CA TRP C 54 -27.78 4.62 11.76
C TRP C 54 -27.23 4.37 13.17
N LEU C 55 -25.97 3.95 13.25
CA LEU C 55 -25.32 3.78 14.54
C LEU C 55 -24.70 5.09 14.99
N GLN C 56 -24.59 5.26 16.30
CA GLN C 56 -24.00 6.46 16.89
C GLN C 56 -23.02 6.04 17.97
N MET C 57 -21.75 6.35 17.77
CA MET C 57 -20.70 6.07 18.73
C MET C 57 -19.98 7.37 19.06
N SER C 58 -19.81 7.64 20.35
CA SER C 58 -19.15 8.85 20.81
C SER C 58 -18.08 8.50 21.83
N TRP C 59 -16.91 9.12 21.70
CA TRP C 59 -15.83 8.88 22.65
C TRP C 59 -14.87 10.07 22.60
N THR C 60 -13.74 9.94 23.29
CA THR C 60 -12.73 10.98 23.35
C THR C 60 -11.37 10.37 23.02
N ASP C 61 -10.53 11.16 22.35
CA ASP C 61 -9.23 10.68 21.88
C ASP C 61 -8.08 11.12 22.79
N HIS C 62 -8.02 12.40 23.14
CA HIS C 62 -6.97 12.96 23.97
C HIS C 62 -5.66 13.12 23.21
N TYR C 63 -5.61 12.60 21.98
CA TYR C 63 -4.46 12.77 21.12
C TYR C 63 -4.72 13.74 19.96
N LEU C 64 -5.97 14.06 19.69
CA LEU C 64 -6.34 14.99 18.62
C LEU C 64 -6.93 16.23 19.30
N GLN C 65 -6.04 17.14 19.70
CA GLN C 65 -6.44 18.39 20.34
C GLN C 65 -5.57 19.52 19.83
N TRP C 66 -6.13 20.73 19.82
CA TRP C 66 -5.37 21.90 19.39
C TRP C 66 -6.05 23.14 19.95
N ASN C 67 -5.28 24.23 19.98
CA ASN C 67 -5.77 25.52 20.44
C ASN C 67 -6.32 26.26 19.22
N VAL C 68 -7.62 26.55 19.24
CA VAL C 68 -8.26 27.20 18.10
C VAL C 68 -7.67 28.58 17.83
N SER C 69 -7.08 29.22 18.84
CA SER C 69 -6.49 30.53 18.64
C SER C 69 -5.24 30.48 17.78
N GLU C 70 -4.54 29.34 17.73
CA GLU C 70 -3.36 29.18 16.90
C GLU C 70 -3.67 28.66 15.51
N TYR C 71 -4.90 28.21 15.27
CA TYR C 71 -5.35 27.74 13.95
C TYR C 71 -6.69 28.41 13.65
N PRO C 72 -6.69 29.71 13.42
CA PRO C 72 -7.96 30.42 13.21
C PRO C 72 -8.70 29.85 12.00
N GLY C 73 -10.03 29.77 12.14
CA GLY C 73 -10.89 29.27 11.09
C GLY C 73 -11.06 27.76 11.07
N VAL C 74 -10.33 27.02 11.91
CA VAL C 74 -10.39 25.57 11.94
C VAL C 74 -10.99 25.16 13.28
N LYS C 75 -12.11 24.45 13.24
CA LYS C 75 -12.76 23.99 14.47
C LYS C 75 -13.11 22.51 14.46
N THR C 76 -13.04 21.83 13.31
CA THR C 76 -13.32 20.41 13.24
C THR C 76 -12.46 19.78 12.16
N VAL C 77 -12.16 18.49 12.33
CA VAL C 77 -11.40 17.71 11.36
C VAL C 77 -12.13 16.40 11.13
N ARG C 78 -11.83 15.78 9.98
CA ARG C 78 -12.46 14.53 9.58
C ARG C 78 -11.39 13.55 9.13
N PHE C 79 -11.49 12.31 9.63
CA PHE C 79 -10.51 11.28 9.29
C PHE C 79 -11.20 10.09 8.65
N PRO C 80 -10.62 9.52 7.60
CA PRO C 80 -11.21 8.36 6.94
C PRO C 80 -10.97 7.09 7.76
N ASP C 81 -11.41 5.96 7.20
CA ASP C 81 -11.23 4.68 7.86
C ASP C 81 -9.77 4.23 7.80
N GLY C 82 -9.32 3.58 8.86
CA GLY C 82 -7.98 3.01 8.90
C GLY C 82 -6.89 3.98 9.28
N GLN C 83 -7.20 5.22 9.63
CA GLN C 83 -6.20 6.20 10.01
C GLN C 83 -6.28 6.60 11.48
N ILE C 84 -7.35 6.24 12.19
CA ILE C 84 -7.47 6.51 13.62
C ILE C 84 -8.15 5.32 14.29
N TRP C 85 -8.00 5.24 15.60
CA TRP C 85 -8.59 4.15 16.36
C TRP C 85 -10.11 4.27 16.36
N LYS C 86 -10.78 3.13 16.16
CA LYS C 86 -12.23 3.06 16.13
C LYS C 86 -12.70 1.84 16.89
N PRO C 87 -13.82 1.94 17.62
CA PRO C 87 -14.36 0.77 18.31
C PRO C 87 -14.81 -0.29 17.32
N ASP C 88 -14.64 -1.55 17.72
CA ASP C 88 -15.06 -2.70 16.91
C ASP C 88 -16.42 -3.21 17.38
N ILE C 89 -17.43 -2.37 17.23
CA ILE C 89 -18.79 -2.73 17.63
C ILE C 89 -19.42 -3.56 16.53
N LEU C 90 -19.97 -4.72 16.89
CA LEU C 90 -20.59 -5.64 15.95
C LEU C 90 -21.91 -6.12 16.50
N LEU C 91 -22.77 -6.56 15.58
CA LEU C 91 -24.07 -7.13 15.91
C LEU C 91 -23.92 -8.64 16.07
N TYR C 92 -24.26 -9.14 17.26
CA TYR C 92 -24.08 -10.55 17.54
C TYR C 92 -25.03 -11.43 16.72
N ASN C 93 -26.32 -11.07 16.70
CA ASN C 93 -27.32 -11.88 16.02
C ASN C 93 -27.53 -11.39 14.59
N SER C 94 -26.47 -11.46 13.81
CA SER C 94 -26.51 -11.06 12.41
C SER C 94 -26.88 -12.24 11.52
N ALA C 95 -27.72 -11.97 10.53
CA ALA C 95 -28.15 -12.98 9.58
C ALA C 95 -27.60 -12.77 8.18
N ASP C 96 -26.94 -11.65 7.93
CA ASP C 96 -26.36 -11.38 6.62
C ASP C 96 -25.16 -12.29 6.37
N GLU C 97 -24.95 -12.62 5.10
CA GLU C 97 -23.82 -13.47 4.74
C GLU C 97 -22.50 -12.80 5.08
N ARG C 98 -22.39 -11.50 4.83
CA ARG C 98 -21.19 -10.76 5.18
C ARG C 98 -21.05 -10.55 6.68
N PHE C 99 -22.09 -10.84 7.45
CA PHE C 99 -22.07 -10.63 8.90
C PHE C 99 -22.10 -9.13 9.22
N ASP C 100 -21.06 -8.41 8.83
CA ASP C 100 -21.02 -6.96 9.01
C ASP C 100 -21.58 -6.27 7.77
N ALA C 101 -22.54 -5.39 7.98
CA ALA C 101 -23.24 -4.70 6.89
C ALA C 101 -23.34 -3.21 7.18
N THR C 102 -22.22 -2.60 7.57
CA THR C 102 -22.14 -1.18 7.86
C THR C 102 -21.25 -0.49 6.84
N PHE C 103 -21.70 0.67 6.35
CA PHE C 103 -20.94 1.46 5.40
C PHE C 103 -20.04 2.43 6.16
N HIS C 104 -18.73 2.28 5.98
CA HIS C 104 -17.77 3.07 6.73
C HIS C 104 -17.73 4.50 6.21
N THR C 105 -17.77 5.47 7.13
CA THR C 105 -17.72 6.87 6.77
C THR C 105 -16.63 7.58 7.57
N ASN C 106 -16.54 8.90 7.43
CA ASN C 106 -15.52 9.66 8.13
C ASN C 106 -15.86 9.80 9.61
N VAL C 107 -14.83 10.07 10.41
CA VAL C 107 -14.97 10.34 11.84
C VAL C 107 -14.65 11.81 12.07
N LEU C 108 -15.55 12.50 12.77
CA LEU C 108 -15.45 13.94 12.98
C LEU C 108 -14.95 14.21 14.39
N VAL C 109 -13.99 15.12 14.52
CA VAL C 109 -13.39 15.47 15.80
C VAL C 109 -13.37 16.99 15.94
N ASN C 110 -13.71 17.48 17.12
CA ASN C 110 -13.68 18.90 17.41
C ASN C 110 -12.47 19.22 18.28
N SER C 111 -12.32 20.52 18.61
CA SER C 111 -11.10 20.99 19.25
C SER C 111 -10.80 20.24 20.54
N SER C 112 -11.83 19.78 21.25
CA SER C 112 -11.63 19.14 22.54
C SER C 112 -11.21 17.68 22.45
N GLY C 113 -11.18 17.12 21.24
CA GLY C 113 -10.84 15.72 21.07
C GLY C 113 -12.00 14.76 21.12
N HIS C 114 -13.23 15.25 20.99
CA HIS C 114 -14.42 14.41 21.02
CA HIS C 114 -14.41 14.40 21.02
C HIS C 114 -14.70 13.86 19.62
N CYS C 115 -14.79 12.55 19.51
CA CYS C 115 -14.99 11.86 18.24
C CYS C 115 -16.38 11.27 18.18
N GLN C 116 -17.05 11.48 17.05
CA GLN C 116 -18.36 10.93 16.75
C GLN C 116 -18.29 10.08 15.49
N TYR C 117 -19.10 9.02 15.45
CA TYR C 117 -19.09 8.09 14.33
C TYR C 117 -20.51 7.57 14.13
N LEU C 118 -21.10 7.89 12.98
CA LEU C 118 -22.50 7.56 12.69
C LEU C 118 -22.58 6.83 11.36
N PRO C 119 -22.31 5.53 11.33
CA PRO C 119 -22.41 4.76 10.10
C PRO C 119 -23.86 4.39 9.80
N PRO C 120 -24.31 4.60 8.58
CA PRO C 120 -25.64 4.09 8.17
C PRO C 120 -25.53 2.69 7.59
N GLY C 121 -26.66 2.00 7.61
CA GLY C 121 -26.66 0.66 7.05
C GLY C 121 -28.05 0.04 7.03
N ILE C 122 -28.12 -1.09 6.34
CA ILE C 122 -29.31 -1.94 6.29
C ILE C 122 -28.93 -3.25 6.96
N PHE C 123 -29.50 -3.51 8.13
CA PHE C 123 -29.10 -4.64 8.96
C PHE C 123 -30.15 -5.75 8.88
N LYS C 124 -29.68 -6.98 8.70
CA LYS C 124 -30.52 -8.17 8.73
C LYS C 124 -30.19 -8.98 9.96
N SER C 125 -31.21 -9.26 10.77
CA SER C 125 -31.03 -9.98 12.02
C SER C 125 -32.06 -11.10 12.11
N SER C 126 -31.72 -12.13 12.88
CA SER C 126 -32.59 -13.29 13.05
C SER C 126 -33.56 -13.03 14.19
N CYS C 127 -34.85 -13.07 13.88
CA CYS C 127 -35.90 -12.84 14.88
C CYS C 127 -36.94 -13.96 14.76
N TYR C 128 -37.54 -14.30 15.89
CA TYR C 128 -38.56 -15.33 15.96
C TYR C 128 -39.94 -14.68 15.91
N ILE C 129 -40.74 -15.05 14.91
CA ILE C 129 -42.07 -14.50 14.70
C ILE C 129 -43.08 -15.58 15.06
N ASP C 130 -43.99 -15.25 15.99
CA ASP C 130 -45.02 -16.16 16.44
C ASP C 130 -46.34 -15.79 15.75
N VAL C 131 -46.96 -16.76 15.09
CA VAL C 131 -48.18 -16.54 14.34
C VAL C 131 -49.37 -17.25 14.97
N ARG C 132 -49.23 -17.72 16.22
CA ARG C 132 -50.36 -18.36 16.89
C ARG C 132 -51.53 -17.40 17.02
N TRP C 133 -51.26 -16.16 17.44
CA TRP C 133 -52.27 -15.11 17.49
C TRP C 133 -52.15 -14.25 16.22
N PHE C 134 -52.57 -14.85 15.10
CA PHE C 134 -52.35 -14.21 13.80
C PHE C 134 -53.02 -12.83 13.72
N PRO C 135 -54.34 -12.71 13.84
CA PRO C 135 -54.95 -11.38 13.69
C PRO C 135 -54.42 -10.35 14.66
N PHE C 136 -54.14 -10.75 15.90
CA PHE C 136 -53.68 -9.82 16.93
C PHE C 136 -52.48 -10.43 17.64
N ASP C 137 -51.34 -9.75 17.58
CA ASP C 137 -50.13 -10.25 18.23
C ASP C 137 -49.07 -9.17 18.19
N VAL C 138 -48.21 -9.16 19.20
CA VAL C 138 -47.09 -8.23 19.30
C VAL C 138 -45.79 -9.04 19.20
N GLN C 139 -44.92 -8.65 18.28
CA GLN C 139 -43.67 -9.33 18.04
C GLN C 139 -42.51 -8.54 18.64
N HIS C 140 -41.63 -9.26 19.35
CA HIS C 140 -40.46 -8.66 19.97
C HIS C 140 -39.22 -9.18 19.25
N CYS C 141 -38.50 -8.29 18.59
CA CYS C 141 -37.24 -8.61 17.93
C CYS C 141 -36.10 -7.87 18.62
N LYS C 142 -35.05 -8.59 18.96
CA LYS C 142 -33.93 -8.04 19.71
C LYS C 142 -32.71 -7.88 18.81
N LEU C 143 -32.04 -6.73 18.96
CA LEU C 143 -30.78 -6.46 18.29
C LEU C 143 -29.71 -6.25 19.35
N LYS C 144 -28.66 -7.07 19.30
CA LYS C 144 -27.61 -7.08 20.32
C LYS C 144 -26.32 -6.60 19.69
N PHE C 145 -25.74 -5.55 20.26
CA PHE C 145 -24.49 -4.97 19.80
C PHE C 145 -23.46 -5.02 20.91
N GLY C 146 -22.20 -5.21 20.53
CA GLY C 146 -21.13 -5.25 21.51
C GLY C 146 -19.77 -5.25 20.87
N SER C 147 -18.76 -4.99 21.68
CA SER C 147 -17.38 -5.05 21.23
C SER C 147 -16.93 -6.50 21.15
N TRP C 148 -16.18 -6.84 20.10
CA TRP C 148 -15.79 -8.21 19.87
C TRP C 148 -14.48 -8.57 20.55
N SER C 149 -13.49 -7.68 20.52
CA SER C 149 -12.18 -7.97 21.09
C SER C 149 -11.85 -7.13 22.32
N TYR C 150 -12.65 -6.11 22.63
CA TYR C 150 -12.44 -5.27 23.80
C TYR C 150 -13.50 -5.60 24.84
N GLY C 151 -13.07 -6.08 26.00
CA GLY C 151 -13.94 -6.40 27.10
C GLY C 151 -13.85 -5.39 28.22
N GLY C 152 -14.38 -5.80 29.38
CA GLY C 152 -14.29 -4.99 30.57
C GLY C 152 -12.86 -4.61 30.91
N TRP C 153 -12.69 -3.56 31.71
CA TRP C 153 -11.37 -3.09 32.13
C TRP C 153 -10.64 -2.38 30.99
N SER C 154 -11.19 -2.46 29.78
CA SER C 154 -10.62 -1.77 28.64
C SER C 154 -11.59 -0.79 27.99
N LEU C 155 -12.83 -1.23 27.73
CA LEU C 155 -13.82 -0.41 27.07
C LEU C 155 -15.11 -0.45 27.88
N ASP C 156 -15.52 0.70 28.41
CA ASP C 156 -16.76 0.82 29.18
C ASP C 156 -17.84 1.35 28.23
N LEU C 157 -18.78 0.48 27.89
CA LEU C 157 -19.84 0.82 26.94
C LEU C 157 -21.07 1.31 27.69
N GLN C 158 -21.53 2.51 27.34
CA GLN C 158 -22.73 3.10 27.90
C GLN C 158 -23.78 3.24 26.82
N MET C 159 -25.05 3.20 27.23
CA MET C 159 -26.17 3.22 26.30
C MET C 159 -26.87 4.58 26.31
N GLN C 160 -27.40 4.95 25.15
CA GLN C 160 -28.23 6.15 25.03
C GLN C 160 -29.53 5.77 24.33
N GLU C 161 -30.58 6.52 24.65
CA GLU C 161 -31.90 6.20 24.11
C GLU C 161 -31.90 6.33 22.59
N ALA C 162 -32.67 5.45 21.94
CA ALA C 162 -32.77 5.44 20.49
C ALA C 162 -33.61 6.62 20.00
N ASP C 163 -33.29 7.07 18.79
CA ASP C 163 -33.97 8.19 18.16
C ASP C 163 -34.92 7.68 17.08
N ILE C 164 -36.18 8.12 17.13
CA ILE C 164 -37.18 7.69 16.17
C ILE C 164 -37.87 8.92 15.57
N SER C 165 -37.17 10.06 15.59
CA SER C 165 -37.76 11.28 15.08
C SER C 165 -38.01 11.19 13.57
N GLY C 166 -37.08 10.58 12.84
CA GLY C 166 -37.21 10.49 11.40
C GLY C 166 -37.79 9.18 10.91
N TYR C 167 -38.43 8.43 11.81
CA TYR C 167 -39.00 7.15 11.44
C TYR C 167 -40.12 7.34 10.43
N ILE C 168 -40.17 6.44 9.44
CA ILE C 168 -41.18 6.46 8.39
C ILE C 168 -42.18 5.34 8.70
N PRO C 169 -43.44 5.64 8.96
CA PRO C 169 -44.40 4.59 9.32
C PRO C 169 -44.51 3.54 8.23
N ASN C 170 -44.67 2.29 8.65
CA ASN C 170 -44.84 1.17 7.73
C ASN C 170 -46.33 0.91 7.49
N GLY C 171 -46.63 0.43 6.28
CA GLY C 171 -48.02 0.19 5.90
C GLY C 171 -48.63 -1.08 6.45
N GLU C 172 -47.83 -1.98 7.00
CA GLU C 172 -48.33 -3.25 7.53
C GLU C 172 -47.98 -3.49 8.99
N TRP C 173 -46.98 -2.82 9.54
CA TRP C 173 -46.57 -3.00 10.92
C TRP C 173 -46.50 -1.64 11.62
N ASP C 174 -46.84 -1.63 12.90
CA ASP C 174 -46.82 -0.44 13.72
C ASP C 174 -45.82 -0.61 14.85
N LEU C 175 -44.96 0.38 15.04
CA LEU C 175 -43.96 0.34 16.09
C LEU C 175 -44.56 0.83 17.40
N VAL C 176 -44.28 0.12 18.48
CA VAL C 176 -44.74 0.52 19.80
C VAL C 176 -43.64 1.22 20.59
N GLY C 177 -42.40 0.75 20.46
CA GLY C 177 -41.28 1.35 21.14
C GLY C 177 -40.00 0.57 20.90
N ILE C 178 -38.86 1.17 21.23
CA ILE C 178 -37.57 0.51 21.05
C ILE C 178 -36.78 0.60 22.34
N PRO C 179 -37.20 -0.08 23.40
CA PRO C 179 -36.46 -0.03 24.66
C PRO C 179 -35.06 -0.63 24.52
N GLY C 180 -34.14 -0.10 25.32
CA GLY C 180 -32.78 -0.58 25.32
C GLY C 180 -32.33 -0.97 26.72
N LYS C 181 -31.37 -1.89 26.76
CA LYS C 181 -30.86 -2.38 28.02
C LYS C 181 -29.39 -2.74 27.88
N ARG C 182 -28.61 -2.44 28.92
CA ARG C 182 -27.19 -2.77 28.97
C ARG C 182 -26.98 -3.94 29.90
N SER C 183 -26.23 -4.94 29.45
CA SER C 183 -25.97 -6.14 30.23
C SER C 183 -24.49 -6.47 30.15
N GLU C 184 -24.05 -7.34 31.06
CA GLU C 184 -22.67 -7.81 31.10
C GLU C 184 -22.67 -9.33 31.26
N ARG C 185 -21.91 -10.01 30.41
CA ARG C 185 -21.91 -11.46 30.36
C ARG C 185 -20.50 -12.01 30.47
N PHE C 186 -20.41 -13.30 30.81
CA PHE C 186 -19.17 -14.04 30.84
C PHE C 186 -19.19 -15.12 29.77
N TYR C 187 -18.08 -15.27 29.06
CA TYR C 187 -17.95 -16.27 28.02
C TYR C 187 -16.86 -17.27 28.40
N GLU C 188 -17.03 -18.51 27.98
CA GLU C 188 -16.06 -19.55 28.31
C GLU C 188 -14.69 -19.29 27.71
N CYS C 189 -14.61 -18.46 26.67
CA CYS C 189 -13.32 -18.20 26.04
C CYS C 189 -12.38 -17.44 26.97
N CYS C 190 -12.89 -16.45 27.69
CA CYS C 190 -12.07 -15.61 28.55
C CYS C 190 -12.78 -15.38 29.87
N LYS C 191 -12.00 -15.07 30.90
CA LYS C 191 -12.53 -14.79 32.23
C LYS C 191 -12.88 -13.33 32.42
N GLU C 192 -12.71 -12.50 31.40
CA GLU C 192 -12.99 -11.07 31.48
C GLU C 192 -14.43 -10.81 31.05
N PRO C 193 -15.25 -10.15 31.87
CA PRO C 193 -16.64 -9.89 31.47
C PRO C 193 -16.71 -8.95 30.27
N TYR C 194 -17.76 -9.13 29.48
CA TYR C 194 -17.97 -8.32 28.28
C TYR C 194 -19.35 -7.67 28.34
N PRO C 195 -19.45 -6.36 28.17
CA PRO C 195 -20.75 -5.70 28.13
C PRO C 195 -21.36 -5.72 26.74
N ASP C 196 -22.67 -5.50 26.70
CA ASP C 196 -23.41 -5.46 25.45
C ASP C 196 -24.68 -4.64 25.65
N VAL C 197 -25.25 -4.19 24.53
CA VAL C 197 -26.47 -3.38 24.54
C VAL C 197 -27.50 -4.04 23.63
N THR C 198 -28.71 -4.20 24.13
CA THR C 198 -29.78 -4.87 23.39
C THR C 198 -30.96 -3.93 23.25
N PHE C 199 -31.49 -3.81 22.04
CA PHE C 199 -32.65 -3.01 21.73
C PHE C 199 -33.79 -3.91 21.26
N THR C 200 -35.02 -3.51 21.60
CA THR C 200 -36.21 -4.27 21.24
C THR C 200 -37.06 -3.47 20.26
N VAL C 201 -37.64 -4.17 19.28
CA VAL C 201 -38.38 -3.51 18.21
C VAL C 201 -39.84 -3.28 18.61
N THR C 202 -40.52 -4.31 19.11
CA THR C 202 -41.92 -4.21 19.55
C THR C 202 -42.83 -3.76 18.40
N MET C 203 -42.93 -4.65 17.41
CA MET C 203 -43.82 -4.44 16.29
C MET C 203 -45.20 -5.03 16.56
N ARG C 204 -46.20 -4.49 15.87
CA ARG C 204 -47.57 -4.98 15.97
C ARG C 204 -48.17 -5.06 14.58
N ARG C 205 -48.90 -6.13 14.31
CA ARG C 205 -49.55 -6.30 13.01
C ARG C 205 -50.82 -5.48 12.93
N ARG C 206 -51.03 -4.86 11.77
CA ARG C 206 -52.23 -4.07 11.54
C ARG C 206 -53.37 -4.96 11.09
N THR C 207 -54.53 -4.81 11.74
CA THR C 207 -55.69 -5.62 11.40
C THR C 207 -56.33 -5.23 10.08
N LEU C 208 -55.92 -4.11 9.49
CA LEU C 208 -56.49 -3.65 8.22
C LEU C 208 -57.97 -3.30 8.38
N GLU D 1 3.34 7.44 28.18
CA GLU D 1 2.50 6.42 27.56
C GLU D 1 3.29 5.16 27.29
N PHE D 2 2.82 4.03 27.82
CA PHE D 2 3.51 2.76 27.67
C PHE D 2 2.96 1.90 26.53
N GLN D 3 1.71 2.12 26.12
CA GLN D 3 1.15 1.33 25.03
C GLN D 3 1.89 1.60 23.72
N ARG D 4 2.19 2.86 23.44
CA ARG D 4 2.95 3.20 22.24
C ARG D 4 4.32 2.54 22.26
N LYS D 5 5.01 2.61 23.41
CA LYS D 5 6.33 2.01 23.52
C LYS D 5 6.26 0.51 23.31
N LEU D 6 5.26 -0.15 23.90
CA LEU D 6 5.13 -1.59 23.75
C LEU D 6 4.88 -1.97 22.30
N TYR D 7 3.97 -1.26 21.63
CA TYR D 7 3.68 -1.57 20.23
C TYR D 7 4.92 -1.37 19.36
N LYS D 8 5.63 -0.26 19.56
CA LYS D 8 6.81 0.02 18.76
C LYS D 8 7.89 -1.03 18.99
N GLU D 9 8.08 -1.45 20.24
CA GLU D 9 9.07 -2.47 20.53
C GLU D 9 8.68 -3.81 19.90
N LEU D 10 7.40 -4.18 20.00
CA LEU D 10 6.97 -5.47 19.46
C LEU D 10 7.09 -5.52 17.95
N VAL D 11 6.76 -4.42 17.26
CA VAL D 11 6.75 -4.43 15.80
C VAL D 11 8.14 -4.65 15.20
N LYS D 12 9.20 -4.39 15.97
CA LYS D 12 10.55 -4.43 15.40
C LYS D 12 10.90 -5.82 14.91
N ASN D 13 11.45 -5.90 13.70
CA ASN D 13 12.00 -7.10 13.10
C ASN D 13 10.98 -8.23 12.95
N TYR D 14 9.70 -7.95 13.09
CA TYR D 14 8.69 -8.99 12.96
C TYR D 14 8.35 -9.25 11.50
N ASN D 15 8.24 -10.52 11.15
CA ASN D 15 7.92 -10.94 9.79
C ASN D 15 6.66 -11.80 9.79
N PRO D 16 5.56 -11.35 9.21
CA PRO D 16 4.31 -12.14 9.25
C PRO D 16 4.42 -13.48 8.55
N LEU D 17 5.39 -13.66 7.65
CA LEU D 17 5.50 -14.89 6.88
C LEU D 17 6.23 -16.00 7.63
N GLU D 18 6.74 -15.73 8.83
CA GLU D 18 7.49 -16.71 9.60
C GLU D 18 6.61 -17.36 10.64
N ARG D 19 6.65 -18.68 10.72
CA ARG D 19 5.90 -19.40 11.75
C ARG D 19 6.51 -19.11 13.11
N PRO D 20 5.74 -18.64 14.09
CA PRO D 20 6.31 -18.22 15.39
C PRO D 20 6.72 -19.41 16.25
N VAL D 21 7.78 -20.09 15.82
CA VAL D 21 8.34 -21.22 16.56
C VAL D 21 9.72 -20.84 17.04
N ALA D 22 10.14 -21.48 18.14
CA ALA D 22 11.42 -21.17 18.76
C ALA D 22 12.55 -22.10 18.33
N ASN D 23 12.25 -23.24 17.73
CA ASN D 23 13.28 -24.20 17.33
C ASN D 23 13.35 -24.44 15.83
N ASP D 24 12.23 -24.31 15.10
CA ASP D 24 12.21 -24.52 13.67
C ASP D 24 12.29 -26.00 13.31
N SER D 25 12.57 -26.84 14.30
CA SER D 25 12.66 -28.28 14.09
C SER D 25 11.54 -29.05 14.76
N GLN D 26 10.57 -28.35 15.36
CA GLN D 26 9.44 -28.97 16.02
C GLN D 26 8.15 -28.31 15.54
N PRO D 27 7.06 -29.07 15.47
CA PRO D 27 5.79 -28.49 15.04
C PRO D 27 5.24 -27.50 16.06
N LEU D 28 4.49 -26.53 15.56
CA LEU D 28 3.77 -25.59 16.40
C LEU D 28 2.39 -26.15 16.73
N THR D 29 2.05 -26.17 18.01
CA THR D 29 0.78 -26.74 18.46
C THR D 29 -0.33 -25.70 18.41
N VAL D 30 -1.42 -26.05 17.75
CA VAL D 30 -2.58 -25.16 17.63
C VAL D 30 -3.83 -25.92 18.08
N TYR D 31 -4.57 -25.33 19.01
CA TYR D 31 -5.81 -25.91 19.51
C TYR D 31 -6.99 -25.29 18.78
N PHE D 32 -7.89 -26.15 18.30
CA PHE D 32 -9.03 -25.74 17.50
C PHE D 32 -10.33 -26.23 18.14
N SER D 33 -11.34 -25.36 18.12
CA SER D 33 -12.63 -25.68 18.70
C SER D 33 -13.72 -24.87 17.99
N LEU D 34 -14.96 -25.29 18.20
CA LEU D 34 -16.11 -24.71 17.52
C LEU D 34 -17.14 -24.26 18.55
N SER D 35 -17.98 -23.30 18.15
CA SER D 35 -19.08 -22.83 18.99
C SER D 35 -20.28 -22.55 18.08
N LEU D 36 -21.23 -23.48 18.05
CA LEU D 36 -22.44 -23.31 17.27
C LEU D 36 -23.46 -22.47 18.03
N LEU D 37 -24.19 -21.62 17.32
CA LEU D 37 -25.20 -20.78 17.95
C LEU D 37 -26.60 -20.97 17.39
N GLN D 38 -26.75 -21.37 16.13
CA GLN D 38 -28.08 -21.52 15.57
C GLN D 38 -28.00 -22.24 14.23
N ILE D 39 -28.92 -23.17 14.01
CA ILE D 39 -29.06 -23.85 12.72
C ILE D 39 -30.07 -23.03 11.92
N MET D 40 -29.56 -22.07 11.14
CA MET D 40 -30.45 -21.12 10.48
C MET D 40 -31.35 -21.80 9.46
N ASP D 41 -30.81 -22.75 8.70
CA ASP D 41 -31.61 -23.39 7.65
C ASP D 41 -31.01 -24.75 7.32
N VAL D 42 -31.89 -25.66 6.88
CA VAL D 42 -31.49 -26.99 6.41
C VAL D 42 -32.18 -27.21 5.07
N ASP D 43 -31.39 -27.20 3.99
CA ASP D 43 -31.93 -27.31 2.64
C ASP D 43 -31.82 -28.76 2.19
N GLU D 44 -32.97 -29.37 1.88
CA GLU D 44 -33.01 -30.76 1.43
C GLU D 44 -32.82 -30.88 -0.08
N LYS D 45 -33.45 -30.00 -0.86
CA LYS D 45 -33.34 -30.10 -2.31
C LYS D 45 -31.91 -29.88 -2.78
N ASN D 46 -31.23 -28.88 -2.21
CA ASN D 46 -29.87 -28.55 -2.63
C ASN D 46 -28.80 -29.25 -1.80
N GLN D 47 -29.18 -29.97 -0.75
CA GLN D 47 -28.22 -30.69 0.09
C GLN D 47 -27.20 -29.72 0.70
N VAL D 48 -27.73 -28.70 1.38
CA VAL D 48 -26.90 -27.66 1.97
C VAL D 48 -27.39 -27.36 3.38
N LEU D 49 -26.45 -27.14 4.29
CA LEU D 49 -26.75 -26.82 5.68
C LEU D 49 -26.13 -25.46 6.01
N THR D 50 -26.94 -24.58 6.61
CA THR D 50 -26.50 -23.25 6.99
C THR D 50 -26.56 -23.12 8.51
N THR D 51 -25.48 -22.61 9.11
CA THR D 51 -25.39 -22.46 10.55
C THR D 51 -24.56 -21.23 10.88
N ASN D 52 -24.72 -20.76 12.12
CA ASN D 52 -23.94 -19.66 12.66
C ASN D 52 -22.93 -20.23 13.65
N ILE D 53 -21.64 -19.97 13.41
CA ILE D 53 -20.58 -20.64 14.14
C ILE D 53 -19.46 -19.66 14.43
N TRP D 54 -18.86 -19.79 15.62
CA TRP D 54 -17.65 -19.09 16.00
C TRP D 54 -16.51 -20.09 16.07
N LEU D 55 -15.42 -19.80 15.37
CA LEU D 55 -14.23 -20.63 15.44
C LEU D 55 -13.35 -20.18 16.60
N GLN D 56 -12.58 -21.12 17.15
CA GLN D 56 -11.67 -20.82 18.25
C GLN D 56 -10.33 -21.46 17.95
N MET D 57 -9.30 -20.63 17.80
CA MET D 57 -7.94 -21.09 17.56
C MET D 57 -7.04 -20.49 18.63
N SER D 58 -6.23 -21.34 19.25
CA SER D 58 -5.31 -20.92 20.30
C SER D 58 -3.92 -21.44 20.01
N TRP D 59 -2.92 -20.58 20.21
CA TRP D 59 -1.54 -20.99 19.99
C TRP D 59 -0.62 -20.05 20.76
N THR D 60 0.68 -20.18 20.55
CA THR D 60 1.69 -19.35 21.21
C THR D 60 2.64 -18.78 20.17
N ASP D 61 3.10 -17.56 20.41
CA ASP D 61 3.94 -16.85 19.46
C ASP D 61 5.43 -16.90 19.83
N HIS D 62 5.76 -16.61 21.08
CA HIS D 62 7.14 -16.61 21.55
C HIS D 62 7.89 -15.38 21.06
N TYR D 63 7.28 -14.60 20.19
CA TYR D 63 7.86 -13.34 19.73
C TYR D 63 7.15 -12.11 20.29
N LEU D 64 5.96 -12.28 20.84
CA LEU D 64 5.20 -11.19 21.44
C LEU D 64 5.15 -11.44 22.95
N GLN D 65 6.18 -11.00 23.65
CA GLN D 65 6.28 -11.16 25.09
C GLN D 65 6.88 -9.90 25.68
N TRP D 66 6.51 -9.60 26.92
CA TRP D 66 7.05 -8.45 27.62
C TRP D 66 6.86 -8.65 29.13
N ASN D 67 7.64 -7.88 29.89
CA ASN D 67 7.56 -7.91 31.35
C ASN D 67 6.55 -6.84 31.78
N VAL D 68 5.47 -7.27 32.41
CA VAL D 68 4.41 -6.35 32.80
C VAL D 68 4.91 -5.30 33.78
N SER D 69 5.97 -5.59 34.52
CA SER D 69 6.52 -4.62 35.47
C SER D 69 7.15 -3.43 34.77
N GLU D 70 7.62 -3.59 33.54
CA GLU D 70 8.21 -2.51 32.78
C GLU D 70 7.20 -1.73 31.94
N TYR D 71 5.98 -2.26 31.81
CA TYR D 71 4.90 -1.59 31.09
C TYR D 71 3.65 -1.62 31.97
N PRO D 72 3.66 -0.88 33.07
CA PRO D 72 2.52 -0.93 34.00
C PRO D 72 1.23 -0.52 33.31
N GLY D 73 0.14 -1.23 33.66
CA GLY D 73 -1.16 -0.96 33.11
C GLY D 73 -1.46 -1.65 31.79
N VAL D 74 -0.49 -2.33 31.19
CA VAL D 74 -0.66 -3.00 29.92
C VAL D 74 -0.53 -4.50 30.16
N LYS D 75 -1.58 -5.25 29.83
CA LYS D 75 -1.58 -6.70 30.00
C LYS D 75 -2.02 -7.47 28.76
N THR D 76 -2.60 -6.80 27.76
CA THR D 76 -3.01 -7.48 26.54
C THR D 76 -2.85 -6.52 25.36
N VAL D 77 -2.64 -7.09 24.18
CA VAL D 77 -2.54 -6.32 22.95
C VAL D 77 -3.40 -7.00 21.90
N ARG D 78 -3.77 -6.22 20.88
CA ARG D 78 -4.63 -6.69 19.80
C ARG D 78 -4.01 -6.30 18.47
N PHE D 79 -3.96 -7.26 17.54
CA PHE D 79 -3.39 -7.03 16.23
C PHE D 79 -4.41 -7.32 15.13
N PRO D 80 -4.49 -6.47 14.11
CA PRO D 80 -5.44 -6.70 13.02
C PRO D 80 -4.94 -7.78 12.08
N ASP D 81 -5.69 -8.00 11.01
CA ASP D 81 -5.33 -9.01 10.02
C ASP D 81 -4.15 -8.53 9.18
N GLY D 82 -3.29 -9.47 8.80
CA GLY D 82 -2.17 -9.19 7.93
C GLY D 82 -0.94 -8.63 8.61
N GLN D 83 -0.94 -8.51 9.93
CA GLN D 83 0.21 -7.98 10.65
C GLN D 83 0.91 -9.01 11.53
N ILE D 84 0.32 -10.19 11.73
CA ILE D 84 0.95 -11.26 12.49
C ILE D 84 0.60 -12.59 11.83
N TRP D 85 1.37 -13.62 12.15
CA TRP D 85 1.14 -14.94 11.59
C TRP D 85 -0.17 -15.52 12.12
N LYS D 86 -0.95 -16.14 11.23
CA LYS D 86 -2.21 -16.74 11.58
C LYS D 86 -2.36 -18.07 10.86
N PRO D 87 -2.94 -19.07 11.51
CA PRO D 87 -3.17 -20.35 10.83
C PRO D 87 -4.16 -20.21 9.68
N ASP D 88 -3.92 -20.99 8.63
CA ASP D 88 -4.80 -21.01 7.46
C ASP D 88 -5.78 -22.17 7.54
N ILE D 89 -6.65 -22.11 8.54
CA ILE D 89 -7.65 -23.15 8.74
C ILE D 89 -8.83 -22.90 7.80
N LEU D 90 -9.22 -23.92 7.04
CA LEU D 90 -10.31 -23.80 6.09
C LEU D 90 -11.23 -25.02 6.21
N LEU D 91 -12.46 -24.82 5.76
CA LEU D 91 -13.47 -25.87 5.73
C LEU D 91 -13.40 -26.58 4.38
N TYR D 92 -13.14 -27.90 4.42
CA TYR D 92 -12.97 -28.65 3.18
C TYR D 92 -14.28 -28.76 2.40
N ASN D 93 -15.37 -29.13 3.08
CA ASN D 93 -16.65 -29.35 2.42
C ASN D 93 -17.50 -28.08 2.45
N SER D 94 -16.98 -27.03 1.82
CA SER D 94 -17.67 -25.76 1.74
C SER D 94 -18.55 -25.71 0.49
N ALA D 95 -19.75 -25.16 0.64
CA ALA D 95 -20.68 -25.01 -0.46
C ALA D 95 -20.88 -23.55 -0.88
N ASP D 96 -20.33 -22.60 -0.15
CA ASP D 96 -20.47 -21.20 -0.50
C ASP D 96 -19.65 -20.88 -1.74
N GLU D 97 -20.13 -19.91 -2.53
CA GLU D 97 -19.41 -19.51 -3.73
C GLU D 97 -18.03 -18.95 -3.39
N ARG D 98 -17.95 -18.15 -2.34
CA ARG D 98 -16.67 -17.61 -1.90
C ARG D 98 -15.78 -18.67 -1.26
N PHE D 99 -16.32 -19.84 -0.96
CA PHE D 99 -15.57 -20.90 -0.30
C PHE D 99 -15.30 -20.54 1.16
N ASP D 100 -14.52 -19.48 1.38
CA ASP D 100 -14.26 -18.99 2.73
C ASP D 100 -15.30 -17.93 3.09
N ALA D 101 -15.94 -18.12 4.25
CA ALA D 101 -17.02 -17.25 4.71
C ALA D 101 -16.83 -16.89 6.16
N THR D 102 -15.62 -16.48 6.52
CA THR D 102 -15.28 -16.07 7.87
C THR D 102 -14.95 -14.58 7.90
N PHE D 103 -15.47 -13.89 8.91
CA PHE D 103 -15.22 -12.47 9.08
C PHE D 103 -13.99 -12.29 9.95
N HIS D 104 -12.95 -11.66 9.39
CA HIS D 104 -11.67 -11.52 10.08
C HIS D 104 -11.77 -10.48 11.18
N THR D 105 -11.27 -10.82 12.36
CA THR D 105 -11.26 -9.91 13.49
C THR D 105 -9.86 -9.78 14.08
N ASN D 106 -9.73 -9.08 15.20
CA ASN D 106 -8.43 -8.88 15.83
C ASN D 106 -7.98 -10.16 16.54
N VAL D 107 -6.67 -10.25 16.75
CA VAL D 107 -6.05 -11.34 17.49
C VAL D 107 -5.53 -10.77 18.80
N LEU D 108 -5.90 -11.40 19.91
CA LEU D 108 -5.57 -10.92 21.25
C LEU D 108 -4.40 -11.74 21.81
N VAL D 109 -3.43 -11.04 22.39
CA VAL D 109 -2.23 -11.66 22.96
C VAL D 109 -2.02 -11.12 24.35
N ASN D 110 -1.67 -12.01 25.29
CA ASN D 110 -1.38 -11.62 26.67
C ASN D 110 0.13 -11.67 26.89
N SER D 111 0.54 -11.32 28.12
CA SER D 111 1.96 -11.12 28.41
C SER D 111 2.79 -12.35 28.07
N SER D 112 2.23 -13.55 28.19
CA SER D 112 2.99 -14.77 27.98
C SER D 112 3.16 -15.13 26.51
N GLY D 113 2.53 -14.41 25.59
CA GLY D 113 2.61 -14.72 24.19
C GLY D 113 1.54 -15.66 23.67
N HIS D 114 0.46 -15.85 24.43
CA HIS D 114 -0.62 -16.74 24.02
CA HIS D 114 -0.62 -16.74 24.01
C HIS D 114 -1.61 -15.96 23.15
N CYS D 115 -1.86 -16.48 21.95
CA CYS D 115 -2.72 -15.83 20.97
C CYS D 115 -4.02 -16.62 20.82
N GLN D 116 -5.13 -15.90 20.83
CA GLN D 116 -6.47 -16.46 20.61
C GLN D 116 -7.11 -15.77 19.42
N TYR D 117 -7.92 -16.53 18.69
CA TYR D 117 -8.57 -16.02 17.48
C TYR D 117 -9.93 -16.68 17.35
N LEU D 118 -10.99 -15.86 17.43
CA LEU D 118 -12.37 -16.36 17.43
C LEU D 118 -13.18 -15.64 16.36
N PRO D 119 -13.07 -16.06 15.11
CA PRO D 119 -13.85 -15.44 14.03
C PRO D 119 -15.27 -15.96 14.02
N PRO D 120 -16.26 -15.08 13.93
CA PRO D 120 -17.64 -15.52 13.72
C PRO D 120 -17.97 -15.62 12.24
N GLY D 121 -19.00 -16.41 11.94
CA GLY D 121 -19.41 -16.53 10.55
C GLY D 121 -20.67 -17.35 10.39
N ILE D 122 -21.18 -17.31 9.16
CA ILE D 122 -22.31 -18.14 8.73
C ILE D 122 -21.77 -19.08 7.66
N PHE D 123 -21.69 -20.37 7.98
CA PHE D 123 -21.04 -21.34 7.12
C PHE D 123 -22.08 -22.18 6.40
N LYS D 124 -21.88 -22.37 5.09
CA LYS D 124 -22.71 -23.25 4.28
C LYS D 124 -21.88 -24.46 3.86
N SER D 125 -22.38 -25.65 4.16
CA SER D 125 -21.67 -26.89 3.87
C SER D 125 -22.61 -27.87 3.19
N SER D 126 -22.03 -28.78 2.41
CA SER D 126 -22.81 -29.77 1.68
C SER D 126 -23.05 -30.98 2.58
N CYS D 127 -24.32 -31.30 2.81
CA CYS D 127 -24.71 -32.43 3.63
C CYS D 127 -25.76 -33.25 2.90
N TYR D 128 -25.74 -34.55 3.14
CA TYR D 128 -26.68 -35.48 2.52
C TYR D 128 -27.84 -35.73 3.49
N ILE D 129 -29.06 -35.42 3.04
CA ILE D 129 -30.26 -35.58 3.85
C ILE D 129 -31.05 -36.75 3.29
N ASP D 130 -31.33 -37.74 4.15
CA ASP D 130 -32.10 -38.92 3.78
C ASP D 130 -33.53 -38.75 4.26
N VAL D 131 -34.49 -38.90 3.35
CA VAL D 131 -35.90 -38.72 3.65
C VAL D 131 -36.67 -40.03 3.57
N ARG D 132 -35.98 -41.16 3.51
CA ARG D 132 -36.66 -42.45 3.49
C ARG D 132 -37.52 -42.63 4.72
N TRP D 133 -36.97 -42.33 5.89
CA TRP D 133 -37.73 -42.34 7.14
C TRP D 133 -38.16 -40.91 7.47
N PHE D 134 -39.13 -40.45 6.69
CA PHE D 134 -39.54 -39.04 6.77
C PHE D 134 -40.03 -38.67 8.16
N PRO D 135 -41.10 -39.27 8.70
CA PRO D 135 -41.59 -38.83 10.02
C PRO D 135 -40.55 -38.94 11.12
N PHE D 136 -39.72 -39.99 11.09
CA PHE D 136 -38.72 -40.23 12.13
C PHE D 136 -37.40 -40.56 11.47
N ASP D 137 -36.38 -39.74 11.73
CA ASP D 137 -35.07 -39.97 11.16
C ASP D 137 -34.06 -39.03 11.80
N VAL D 138 -32.81 -39.48 11.91
CA VAL D 138 -31.71 -38.69 12.45
C VAL D 138 -30.73 -38.41 11.32
N GLN D 139 -30.40 -37.14 11.11
CA GLN D 139 -29.50 -36.73 10.06
C GLN D 139 -28.12 -36.38 10.64
N HIS D 140 -27.09 -36.88 9.98
CA HIS D 140 -25.70 -36.64 10.38
C HIS D 140 -25.04 -35.77 9.32
N CYS D 141 -24.66 -34.55 9.70
CA CYS D 141 -23.95 -33.63 8.83
C CYS D 141 -22.56 -33.39 9.40
N LYS D 142 -21.54 -33.53 8.56
CA LYS D 142 -20.15 -33.43 8.98
C LYS D 142 -19.53 -32.14 8.49
N LEU D 143 -18.77 -31.49 9.37
CA LEU D 143 -18.00 -30.30 9.04
C LEU D 143 -16.53 -30.62 9.26
N LYS D 144 -15.73 -30.49 8.21
CA LYS D 144 -14.33 -30.86 8.24
C LYS D 144 -13.47 -29.61 8.10
N PHE D 145 -12.59 -29.38 9.07
CA PHE D 145 -11.68 -28.24 9.08
C PHE D 145 -10.25 -28.72 9.09
N GLY D 146 -9.37 -27.97 8.44
CA GLY D 146 -7.97 -28.33 8.41
C GLY D 146 -7.12 -27.24 7.81
N SER D 147 -5.81 -27.36 8.04
CA SER D 147 -4.85 -26.44 7.43
C SER D 147 -4.63 -26.82 5.98
N TRP D 148 -4.55 -25.80 5.11
CA TRP D 148 -4.45 -26.04 3.68
C TRP D 148 -3.02 -26.19 3.20
N SER D 149 -2.10 -25.37 3.71
CA SER D 149 -0.71 -25.40 3.27
C SER D 149 0.26 -25.90 4.34
N TYR D 150 -0.18 -26.04 5.58
CA TYR D 150 0.67 -26.54 6.67
C TYR D 150 0.24 -27.95 7.01
N GLY D 151 1.15 -28.91 6.83
CA GLY D 151 0.91 -30.29 7.16
C GLY D 151 1.65 -30.73 8.41
N GLY D 152 1.73 -32.04 8.57
CA GLY D 152 2.47 -32.61 9.68
C GLY D 152 3.91 -32.13 9.72
N TRP D 153 4.55 -32.25 10.88
CA TRP D 153 5.93 -31.84 11.07
C TRP D 153 6.07 -30.32 11.13
N SER D 154 4.98 -29.61 10.81
CA SER D 154 4.97 -28.15 10.89
C SER D 154 3.89 -27.63 11.83
N LEU D 155 2.66 -28.12 11.70
CA LEU D 155 1.54 -27.66 12.51
C LEU D 155 0.84 -28.87 13.11
N ASP D 156 0.85 -28.97 14.43
CA ASP D 156 0.18 -30.05 15.16
C ASP D 156 -1.17 -29.52 15.63
N LEU D 157 -2.24 -30.01 15.00
CA LEU D 157 -3.58 -29.55 15.30
C LEU D 157 -4.23 -30.45 16.34
N GLN D 158 -4.69 -29.85 17.43
CA GLN D 158 -5.39 -30.56 18.50
C GLN D 158 -6.83 -30.07 18.56
N MET D 159 -7.71 -30.95 19.03
CA MET D 159 -9.14 -30.66 19.06
C MET D 159 -9.61 -30.38 20.49
N GLN D 160 -10.61 -29.51 20.60
CA GLN D 160 -11.29 -29.25 21.87
C GLN D 160 -12.78 -29.39 21.67
N GLU D 161 -13.47 -29.78 22.75
CA GLU D 161 -14.90 -30.03 22.66
C GLU D 161 -15.65 -28.76 22.28
N ALA D 162 -16.71 -28.94 21.50
CA ALA D 162 -17.52 -27.83 21.03
C ALA D 162 -18.38 -27.27 22.17
N ASP D 163 -18.68 -25.98 22.09
CA ASP D 163 -19.47 -25.28 23.09
C ASP D 163 -20.87 -25.02 22.54
N ILE D 164 -21.88 -25.41 23.32
CA ILE D 164 -23.28 -25.24 22.90
C ILE D 164 -24.04 -24.52 24.00
N SER D 165 -23.33 -23.77 24.84
CA SER D 165 -23.98 -23.06 25.94
C SER D 165 -24.95 -22.01 25.43
N GLY D 166 -24.59 -21.30 24.37
CA GLY D 166 -25.43 -20.23 23.86
C GLY D 166 -26.28 -20.65 22.68
N TYR D 167 -26.45 -21.95 22.49
CA TYR D 167 -27.25 -22.44 21.38
C TYR D 167 -28.71 -22.02 21.53
N ILE D 168 -29.31 -21.63 20.42
CA ILE D 168 -30.72 -21.20 20.37
C ILE D 168 -31.53 -22.34 19.75
N PRO D 169 -32.46 -22.95 20.48
CA PRO D 169 -33.20 -24.10 19.92
C PRO D 169 -33.94 -23.71 18.65
N ASN D 170 -33.98 -24.65 17.71
CA ASN D 170 -34.69 -24.46 16.45
C ASN D 170 -36.11 -25.00 16.56
N GLY D 171 -37.02 -24.37 15.82
CA GLY D 171 -38.42 -24.74 15.87
C GLY D 171 -38.80 -25.98 15.09
N GLU D 172 -37.91 -26.48 14.23
CA GLU D 172 -38.20 -27.65 13.41
C GLU D 172 -37.20 -28.77 13.58
N TRP D 173 -35.99 -28.50 14.07
CA TRP D 173 -34.97 -29.52 14.25
C TRP D 173 -34.43 -29.47 15.67
N ASP D 174 -34.09 -30.64 16.19
CA ASP D 174 -33.55 -30.78 17.55
C ASP D 174 -32.14 -31.34 17.47
N LEU D 175 -31.22 -30.71 18.18
CA LEU D 175 -29.84 -31.14 18.20
C LEU D 175 -29.64 -32.23 19.25
N VAL D 176 -28.94 -33.30 18.88
CA VAL D 176 -28.63 -34.38 19.81
C VAL D 176 -27.24 -34.25 20.39
N GLY D 177 -26.28 -33.83 19.57
CA GLY D 177 -24.90 -33.65 20.01
C GLY D 177 -23.99 -33.25 18.87
N ILE D 178 -22.79 -32.79 19.19
CA ILE D 178 -21.84 -32.38 18.16
C ILE D 178 -20.50 -33.04 18.45
N PRO D 179 -20.39 -34.37 18.29
CA PRO D 179 -19.12 -35.04 18.55
C PRO D 179 -18.06 -34.60 17.57
N GLY D 180 -16.80 -34.62 18.03
CA GLY D 180 -15.68 -34.25 17.21
C GLY D 180 -14.63 -35.36 17.20
N LYS D 181 -13.86 -35.38 16.11
CA LYS D 181 -12.84 -36.40 15.94
C LYS D 181 -11.68 -35.82 15.14
N ARG D 182 -10.47 -36.20 15.53
CA ARG D 182 -9.24 -35.78 14.85
C ARG D 182 -8.70 -36.95 14.03
N SER D 183 -8.37 -36.69 12.78
CA SER D 183 -7.86 -37.72 11.88
C SER D 183 -6.66 -37.18 11.13
N GLU D 184 -5.91 -38.11 10.52
CA GLU D 184 -4.74 -37.76 9.71
C GLU D 184 -4.80 -38.53 8.41
N ARG D 185 -4.64 -37.81 7.29
CA ARG D 185 -4.79 -38.41 5.97
C ARG D 185 -3.57 -38.13 5.11
N PHE D 186 -3.45 -38.91 4.04
CA PHE D 186 -2.43 -38.74 3.03
C PHE D 186 -3.09 -38.35 1.70
N TYR D 187 -2.50 -37.38 1.02
CA TYR D 187 -2.99 -36.91 -0.27
C TYR D 187 -1.95 -37.19 -1.35
N GLU D 188 -2.42 -37.45 -2.56
CA GLU D 188 -1.52 -37.76 -3.67
C GLU D 188 -0.62 -36.60 -4.03
N CYS D 189 -0.99 -35.37 -3.64
CA CYS D 189 -0.17 -34.22 -3.98
C CYS D 189 1.18 -34.24 -3.26
N CYS D 190 1.19 -34.60 -1.98
CA CYS D 190 2.40 -34.60 -1.19
C CYS D 190 2.47 -35.86 -0.34
N LYS D 191 3.68 -36.22 0.06
CA LYS D 191 3.93 -37.39 0.89
C LYS D 191 3.84 -37.07 2.38
N GLU D 192 3.56 -35.81 2.74
CA GLU D 192 3.48 -35.41 4.14
C GLU D 192 2.05 -35.54 4.64
N PRO D 193 1.82 -36.27 5.74
CA PRO D 193 0.45 -36.41 6.24
C PRO D 193 -0.12 -35.08 6.70
N TYR D 194 -1.44 -34.96 6.59
CA TYR D 194 -2.15 -33.74 6.98
C TYR D 194 -3.25 -34.10 7.98
N PRO D 195 -3.29 -33.43 9.13
CA PRO D 195 -4.37 -33.66 10.08
C PRO D 195 -5.60 -32.81 9.78
N ASP D 196 -6.73 -33.23 10.35
CA ASP D 196 -7.99 -32.53 10.18
C ASP D 196 -8.91 -32.87 11.35
N VAL D 197 -9.91 -32.03 11.55
CA VAL D 197 -10.88 -32.19 12.63
C VAL D 197 -12.28 -32.17 12.04
N THR D 198 -13.09 -33.15 12.39
CA THR D 198 -14.45 -33.29 11.87
C THR D 198 -15.45 -33.27 13.00
N PHE D 199 -16.49 -32.47 12.85
CA PHE D 199 -17.58 -32.37 13.81
C PHE D 199 -18.88 -32.85 13.18
N THR D 200 -19.73 -33.46 13.99
CA THR D 200 -21.01 -34.00 13.54
C THR D 200 -22.15 -33.22 14.17
N VAL D 201 -23.21 -32.99 13.39
CA VAL D 201 -24.33 -32.16 13.85
C VAL D 201 -25.37 -32.98 14.59
N THR D 202 -25.80 -34.11 14.03
CA THR D 202 -26.76 -35.00 14.68
C THR D 202 -28.09 -34.28 14.95
N MET D 203 -28.74 -33.92 13.85
CA MET D 203 -30.05 -33.28 13.94
C MET D 203 -31.16 -34.34 13.89
N ARG D 204 -32.31 -33.97 14.44
CA ARG D 204 -33.49 -34.83 14.42
C ARG D 204 -34.71 -34.00 14.06
N ARG D 205 -35.58 -34.55 13.21
CA ARG D 205 -36.79 -33.85 12.81
C ARG D 205 -37.86 -33.96 13.89
N ARG D 206 -38.55 -32.85 14.14
CA ARG D 206 -39.63 -32.84 15.12
C ARG D 206 -40.92 -33.35 14.49
N THR D 207 -41.59 -34.29 15.17
CA THR D 207 -42.83 -34.84 14.66
C THR D 207 -44.00 -33.88 14.77
N LEU D 208 -43.85 -32.76 15.45
CA LEU D 208 -44.92 -31.79 15.61
C LEU D 208 -46.08 -32.39 16.40
N GLU E 1 17.63 -18.01 15.01
CA GLU E 1 16.50 -18.30 14.14
C GLU E 1 16.93 -18.29 12.67
N PHE E 2 16.68 -19.41 11.97
CA PHE E 2 17.08 -19.54 10.58
C PHE E 2 15.97 -19.22 9.59
N GLN E 3 14.71 -19.32 10.01
CA GLN E 3 13.60 -19.01 9.10
C GLN E 3 13.61 -17.54 8.70
N ARG E 4 13.84 -16.65 9.66
CA ARG E 4 13.94 -15.22 9.35
C ARG E 4 15.06 -14.96 8.37
N LYS E 5 16.23 -15.55 8.61
CA LYS E 5 17.37 -15.35 7.73
C LYS E 5 17.07 -15.85 6.32
N LEU E 6 16.44 -17.03 6.22
CA LEU E 6 16.12 -17.58 4.92
C LEU E 6 15.15 -16.68 4.16
N TYR E 7 14.10 -16.21 4.84
CA TYR E 7 13.12 -15.35 4.19
C TYR E 7 13.77 -14.05 3.73
N LYS E 8 14.59 -13.44 4.59
CA LYS E 8 15.22 -12.18 4.23
C LYS E 8 16.17 -12.36 3.05
N GLU E 9 16.93 -13.46 3.04
CA GLU E 9 17.83 -13.72 1.92
C GLU E 9 17.05 -13.95 0.64
N LEU E 10 15.97 -14.72 0.69
CA LEU E 10 15.21 -15.02 -0.51
C LEU E 10 14.56 -13.78 -1.09
N VAL E 11 14.03 -12.89 -0.23
CA VAL E 11 13.29 -11.74 -0.73
C VAL E 11 14.17 -10.78 -1.51
N LYS E 12 15.48 -10.82 -1.33
CA LYS E 12 16.36 -9.82 -1.94
C LYS E 12 16.30 -9.88 -3.46
N ASN E 13 16.15 -8.70 -4.08
CA ASN E 13 16.22 -8.51 -5.53
C ASN E 13 15.17 -9.30 -6.29
N TYR E 14 14.15 -9.82 -5.62
CA TYR E 14 13.13 -10.59 -6.31
C TYR E 14 12.08 -9.68 -6.93
N ASN E 15 11.69 -9.98 -8.16
CA ASN E 15 10.70 -9.21 -8.90
C ASN E 15 9.54 -10.10 -9.30
N PRO E 16 8.34 -9.91 -8.77
CA PRO E 16 7.22 -10.80 -9.12
C PRO E 16 6.83 -10.75 -10.58
N LEU E 17 7.20 -9.70 -11.32
CA LEU E 17 6.80 -9.57 -12.71
C LEU E 17 7.70 -10.35 -13.68
N GLU E 18 8.76 -10.98 -13.18
CA GLU E 18 9.70 -11.69 -14.03
C GLU E 18 9.40 -13.18 -14.01
N ARG E 19 9.36 -13.79 -15.19
CA ARG E 19 9.16 -15.23 -15.28
C ARG E 19 10.40 -15.95 -14.75
N PRO E 20 10.26 -16.85 -13.78
CA PRO E 20 11.43 -17.48 -13.14
C PRO E 20 12.11 -18.50 -14.04
N VAL E 21 12.74 -18.00 -15.10
CA VAL E 21 13.49 -18.84 -16.03
C VAL E 21 14.96 -18.49 -15.93
N ALA E 22 15.80 -19.47 -16.26
CA ALA E 22 17.25 -19.31 -16.15
C ALA E 22 17.92 -18.87 -17.44
N ASN E 23 17.25 -19.01 -18.59
CA ASN E 23 17.86 -18.67 -19.87
C ASN E 23 17.15 -17.54 -20.61
N ASP E 24 15.84 -17.37 -20.41
CA ASP E 24 15.07 -16.31 -21.06
C ASP E 24 14.83 -16.63 -22.54
N SER E 25 15.50 -17.66 -23.06
CA SER E 25 15.34 -18.07 -24.44
C SER E 25 14.62 -19.41 -24.58
N GLN E 26 14.16 -19.99 -23.48
CA GLN E 26 13.45 -21.25 -23.49
C GLN E 26 12.17 -21.13 -22.69
N PRO E 27 11.13 -21.86 -23.08
CA PRO E 27 9.87 -21.80 -22.34
C PRO E 27 9.99 -22.42 -20.96
N LEU E 28 9.18 -21.93 -20.03
CA LEU E 28 9.07 -22.49 -18.70
C LEU E 28 7.99 -23.58 -18.71
N THR E 29 8.34 -24.75 -18.20
CA THR E 29 7.42 -25.90 -18.21
C THR E 29 6.54 -25.87 -16.97
N VAL E 30 5.23 -25.95 -17.18
CA VAL E 30 4.25 -25.96 -16.10
C VAL E 30 3.33 -27.16 -16.27
N TYR E 31 3.21 -27.97 -15.22
CA TYR E 31 2.34 -29.13 -15.22
C TYR E 31 1.02 -28.78 -14.56
N PHE E 32 -0.08 -29.13 -15.24
CA PHE E 32 -1.43 -28.79 -14.80
C PHE E 32 -2.27 -30.06 -14.66
N SER E 33 -3.07 -30.09 -13.59
CA SER E 33 -3.93 -31.24 -13.31
C SER E 33 -5.14 -30.78 -12.52
N LEU E 34 -6.15 -31.65 -12.47
CA LEU E 34 -7.42 -31.34 -11.84
C LEU E 34 -7.75 -32.40 -10.79
N SER E 35 -8.59 -32.01 -9.82
CA SER E 35 -9.07 -32.95 -8.82
C SER E 35 -10.53 -32.61 -8.51
N LEU E 36 -11.45 -33.38 -9.09
CA LEU E 36 -12.88 -33.18 -8.84
C LEU E 36 -13.28 -33.87 -7.55
N LEU E 37 -14.20 -33.24 -6.80
CA LEU E 37 -14.68 -33.81 -5.56
C LEU E 37 -16.18 -34.02 -5.50
N GLN E 38 -16.98 -33.25 -6.24
CA GLN E 38 -18.42 -33.42 -6.17
C GLN E 38 -19.07 -32.62 -7.28
N ILE E 39 -20.06 -33.22 -7.94
CA ILE E 39 -20.90 -32.53 -8.93
C ILE E 39 -22.09 -31.97 -8.16
N MET E 40 -21.95 -30.73 -7.71
CA MET E 40 -22.96 -30.15 -6.81
C MET E 40 -24.31 -30.01 -7.50
N ASP E 41 -24.31 -29.58 -8.76
CA ASP E 41 -25.58 -29.35 -9.45
C ASP E 41 -25.36 -29.41 -10.96
N VAL E 42 -26.41 -29.81 -11.67
CA VAL E 42 -26.43 -29.84 -13.13
C VAL E 42 -27.71 -29.14 -13.57
N ASP E 43 -27.58 -27.96 -14.14
CA ASP E 43 -28.72 -27.14 -14.54
C ASP E 43 -28.98 -27.34 -16.03
N GLU E 44 -30.18 -27.84 -16.34
CA GLU E 44 -30.57 -28.09 -17.73
C GLU E 44 -31.17 -26.86 -18.40
N LYS E 45 -32.02 -26.11 -17.67
CA LYS E 45 -32.66 -24.94 -18.26
C LYS E 45 -31.64 -23.87 -18.63
N ASN E 46 -30.67 -23.62 -17.76
CA ASN E 46 -29.68 -22.58 -17.99
C ASN E 46 -28.41 -23.10 -18.63
N GLN E 47 -28.28 -24.41 -18.84
CA GLN E 47 -27.10 -25.00 -19.48
C GLN E 47 -25.83 -24.63 -18.70
N VAL E 48 -25.85 -24.97 -17.42
CA VAL E 48 -24.75 -24.64 -16.51
C VAL E 48 -24.44 -25.86 -15.65
N LEU E 49 -23.15 -26.09 -15.42
CA LEU E 49 -22.69 -27.19 -14.58
C LEU E 49 -21.86 -26.63 -13.43
N THR E 50 -22.19 -27.06 -12.21
CA THR E 50 -21.49 -26.62 -11.01
C THR E 50 -20.78 -27.81 -10.38
N THR E 51 -19.50 -27.62 -10.03
CA THR E 51 -18.69 -28.67 -9.45
C THR E 51 -17.69 -28.07 -8.48
N ASN E 52 -17.17 -28.92 -7.59
CA ASN E 52 -16.12 -28.56 -6.65
C ASN E 52 -14.82 -29.18 -7.13
N ILE E 53 -13.80 -28.34 -7.34
CA ILE E 53 -12.58 -28.77 -8.01
C ILE E 53 -11.38 -28.11 -7.35
N TRP E 54 -10.29 -28.87 -7.24
CA TRP E 54 -8.99 -28.35 -6.85
C TRP E 54 -8.06 -28.37 -8.04
N LEU E 55 -7.44 -27.23 -8.33
CA LEU E 55 -6.46 -27.14 -9.40
C LEU E 55 -5.08 -27.51 -8.86
N GLN E 56 -4.23 -28.04 -9.74
CA GLN E 56 -2.87 -28.40 -9.38
C GLN E 56 -1.92 -27.87 -10.43
N MET E 57 -1.04 -26.96 -10.03
CA MET E 57 -0.02 -26.41 -10.91
C MET E 57 1.34 -26.63 -10.28
N SER E 58 2.27 -27.15 -11.08
CA SER E 58 3.62 -27.43 -10.60
C SER E 58 4.63 -26.83 -11.57
N TRP E 59 5.66 -26.20 -11.02
CA TRP E 59 6.71 -25.63 -11.86
C TRP E 59 7.97 -25.47 -11.02
N THR E 60 8.99 -24.81 -11.59
CA THR E 60 10.25 -24.56 -10.91
C THR E 60 10.60 -23.08 -11.01
N ASP E 61 11.24 -22.56 -9.96
CA ASP E 61 11.55 -21.15 -9.88
C ASP E 61 13.01 -20.84 -10.24
N HIS E 62 13.96 -21.58 -9.66
CA HIS E 62 15.37 -21.38 -9.90
C HIS E 62 15.89 -20.15 -9.16
N TYR E 63 14.99 -19.36 -8.57
CA TYR E 63 15.38 -18.22 -7.76
C TYR E 63 15.17 -18.45 -6.28
N LEU E 64 14.40 -19.46 -5.90
CA LEU E 64 14.14 -19.80 -4.49
C LEU E 64 14.83 -21.13 -4.22
N GLN E 65 16.12 -21.06 -3.88
CA GLN E 65 16.90 -22.25 -3.58
C GLN E 65 17.84 -21.93 -2.42
N TRP E 66 18.16 -22.96 -1.65
CA TRP E 66 19.08 -22.80 -0.53
C TRP E 66 19.65 -24.16 -0.16
N ASN E 67 20.77 -24.13 0.56
CA ASN E 67 21.42 -25.34 1.04
C ASN E 67 20.87 -25.65 2.43
N VAL E 68 20.21 -26.80 2.55
CA VAL E 68 19.58 -27.16 3.82
C VAL E 68 20.59 -27.29 4.94
N SER E 69 21.86 -27.55 4.62
CA SER E 69 22.88 -27.68 5.64
C SER E 69 23.20 -26.35 6.31
N GLU E 70 22.97 -25.23 5.62
CA GLU E 70 23.21 -23.91 6.19
C GLU E 70 21.98 -23.34 6.88
N TYR E 71 20.81 -23.96 6.73
CA TYR E 71 19.59 -23.55 7.40
C TYR E 71 18.94 -24.78 8.02
N PRO E 72 19.57 -25.36 9.05
CA PRO E 72 19.05 -26.60 9.62
C PRO E 72 17.63 -26.42 10.15
N GLY E 73 16.81 -27.45 9.93
CA GLY E 73 15.44 -27.44 10.37
C GLY E 73 14.45 -26.80 9.40
N VAL E 74 14.94 -26.21 8.32
CA VAL E 74 14.08 -25.55 7.33
C VAL E 74 14.18 -26.32 6.03
N LYS E 75 13.03 -26.82 5.55
CA LYS E 75 12.98 -27.57 4.30
C LYS E 75 11.93 -27.08 3.33
N THR E 76 10.98 -26.25 3.76
CA THR E 76 9.96 -25.73 2.87
C THR E 76 9.60 -24.31 3.31
N VAL E 77 9.14 -23.52 2.34
CA VAL E 77 8.68 -22.15 2.59
C VAL E 77 7.34 -21.96 1.89
N ARG E 78 6.59 -20.96 2.35
CA ARG E 78 5.27 -20.66 1.82
C ARG E 78 5.17 -19.17 1.55
N PHE E 79 4.67 -18.83 0.37
CA PHE E 79 4.52 -17.43 -0.01
C PHE E 79 3.07 -17.11 -0.34
N PRO E 80 2.58 -15.96 0.11
CA PRO E 80 1.19 -15.57 -0.18
C PRO E 80 1.06 -15.07 -1.62
N ASP E 81 -0.15 -14.62 -1.95
CA ASP E 81 -0.42 -14.11 -3.27
C ASP E 81 0.22 -12.74 -3.47
N GLY E 82 0.69 -12.49 -4.69
CA GLY E 82 1.24 -11.19 -5.03
C GLY E 82 2.69 -10.97 -4.66
N GLN E 83 3.36 -11.99 -4.11
CA GLN E 83 4.76 -11.85 -3.74
C GLN E 83 5.71 -12.71 -4.58
N ILE E 84 5.19 -13.61 -5.40
CA ILE E 84 6.01 -14.42 -6.29
C ILE E 84 5.25 -14.61 -7.60
N TRP E 85 5.98 -14.98 -8.64
CA TRP E 85 5.38 -15.19 -9.95
C TRP E 85 4.47 -16.42 -9.93
N LYS E 86 3.30 -16.29 -10.55
CA LYS E 86 2.33 -17.35 -10.61
C LYS E 86 1.71 -17.41 -12.01
N PRO E 87 1.45 -18.61 -12.53
CA PRO E 87 0.79 -18.71 -13.83
C PRO E 87 -0.62 -18.13 -13.80
N ASP E 88 -1.00 -17.53 -14.92
CA ASP E 88 -2.35 -16.96 -15.07
C ASP E 88 -3.27 -17.93 -15.81
N ILE E 89 -3.51 -19.07 -15.18
CA ILE E 89 -4.37 -20.09 -15.75
C ILE E 89 -5.83 -19.73 -15.50
N LEU E 90 -6.64 -19.72 -16.55
CA LEU E 90 -8.04 -19.36 -16.46
C LEU E 90 -8.88 -20.36 -17.23
N LEU E 91 -10.15 -20.42 -16.86
CA LEU E 91 -11.13 -21.27 -17.53
C LEU E 91 -11.81 -20.47 -18.63
N TYR E 92 -11.69 -20.95 -19.86
CA TYR E 92 -12.24 -20.22 -21.00
C TYR E 92 -13.76 -20.18 -20.98
N ASN E 93 -14.39 -21.34 -20.79
CA ASN E 93 -15.85 -21.43 -20.83
C ASN E 93 -16.45 -21.28 -19.43
N SER E 94 -16.21 -20.11 -18.84
CA SER E 94 -16.74 -19.79 -17.53
C SER E 94 -18.11 -19.13 -17.65
N ALA E 95 -19.02 -19.52 -16.76
CA ALA E 95 -20.36 -18.96 -16.72
C ALA E 95 -20.60 -18.09 -15.49
N ASP E 96 -19.68 -18.04 -14.54
CA ASP E 96 -19.84 -17.21 -13.36
C ASP E 96 -19.73 -15.74 -13.72
N GLU E 97 -20.45 -14.90 -12.98
CA GLU E 97 -20.39 -13.46 -13.22
C GLU E 97 -18.98 -12.92 -13.00
N ARG E 98 -18.30 -13.38 -11.94
CA ARG E 98 -16.93 -12.97 -11.69
C ARG E 98 -15.94 -13.56 -12.68
N PHE E 99 -16.37 -14.53 -13.49
CA PHE E 99 -15.49 -15.20 -14.44
C PHE E 99 -14.50 -16.10 -13.71
N ASP E 100 -13.62 -15.50 -12.90
CA ASP E 100 -12.68 -16.26 -12.09
C ASP E 100 -13.29 -16.54 -10.72
N ALA E 101 -13.30 -17.81 -10.33
CA ALA E 101 -13.92 -18.26 -9.09
C ALA E 101 -12.98 -19.19 -8.33
N THR E 102 -11.73 -18.79 -8.20
CA THR E 102 -10.72 -19.57 -7.48
C THR E 102 -10.28 -18.82 -6.23
N PHE E 103 -10.17 -19.55 -5.13
CA PHE E 103 -9.73 -18.98 -3.86
C PHE E 103 -8.21 -19.08 -3.77
N HIS E 104 -7.55 -17.92 -3.68
CA HIS E 104 -6.09 -17.88 -3.70
C HIS E 104 -5.53 -18.36 -2.37
N THR E 105 -4.54 -19.24 -2.44
CA THR E 105 -3.88 -19.76 -1.24
C THR E 105 -2.37 -19.59 -1.34
N ASN E 106 -1.64 -20.13 -0.37
CA ASN E 106 -0.19 -20.00 -0.37
C ASN E 106 0.43 -20.93 -1.41
N VAL E 107 1.66 -20.59 -1.80
CA VAL E 107 2.47 -21.39 -2.71
C VAL E 107 3.63 -21.98 -1.92
N LEU E 108 3.81 -23.30 -2.01
CA LEU E 108 4.80 -24.02 -1.24
C LEU E 108 6.01 -24.34 -2.11
N VAL E 109 7.21 -24.10 -1.57
CA VAL E 109 8.45 -24.32 -2.29
C VAL E 109 9.40 -25.12 -1.40
N ASN E 110 10.07 -26.10 -2.00
CA ASN E 110 11.05 -26.91 -1.28
C ASN E 110 12.46 -26.49 -1.68
N SER E 111 13.45 -27.14 -1.09
CA SER E 111 14.84 -26.70 -1.22
C SER E 111 15.27 -26.61 -2.68
N SER E 112 14.73 -27.45 -3.54
CA SER E 112 15.17 -27.48 -4.93
C SER E 112 14.56 -26.40 -5.80
N GLY E 113 13.62 -25.62 -5.26
CA GLY E 113 12.96 -24.59 -6.03
C GLY E 113 11.69 -25.02 -6.73
N HIS E 114 11.13 -26.15 -6.36
CA HIS E 114 9.91 -26.66 -6.97
CA HIS E 114 9.90 -26.65 -6.98
C HIS E 114 8.69 -26.05 -6.28
N CYS E 115 7.83 -25.41 -7.06
CA CYS E 115 6.66 -24.71 -6.56
C CYS E 115 5.39 -25.47 -6.94
N GLN E 116 4.50 -25.64 -5.97
CA GLN E 116 3.20 -26.25 -6.16
C GLN E 116 2.10 -25.27 -5.75
N TYR E 117 0.97 -25.35 -6.44
CA TYR E 117 -0.14 -24.44 -6.20
C TYR E 117 -1.44 -25.18 -6.44
N LEU E 118 -2.24 -25.34 -5.39
CA LEU E 118 -3.47 -26.13 -5.43
C LEU E 118 -4.64 -25.30 -4.90
N PRO E 119 -5.20 -24.44 -5.73
CA PRO E 119 -6.36 -23.64 -5.29
C PRO E 119 -7.64 -24.45 -5.37
N PRO E 120 -8.45 -24.42 -4.32
CA PRO E 120 -9.79 -25.01 -4.39
C PRO E 120 -10.82 -24.01 -4.87
N GLY E 121 -11.93 -24.53 -5.38
CA GLY E 121 -12.99 -23.64 -5.82
C GLY E 121 -14.22 -24.39 -6.25
N ILE E 122 -15.28 -23.60 -6.49
CA ILE E 122 -16.54 -24.08 -7.04
C ILE E 122 -16.70 -23.39 -8.40
N PHE E 123 -16.59 -24.17 -9.47
CA PHE E 123 -16.55 -23.63 -10.82
C PHE E 123 -17.88 -23.84 -11.52
N LYS E 124 -18.37 -22.80 -12.17
CA LYS E 124 -19.58 -22.85 -12.99
C LYS E 124 -19.18 -22.69 -14.45
N SER E 125 -19.58 -23.65 -15.29
CA SER E 125 -19.22 -23.65 -16.70
C SER E 125 -20.46 -23.92 -17.53
N SER E 126 -20.43 -23.44 -18.77
CA SER E 126 -21.56 -23.60 -19.70
C SER E 126 -21.43 -24.94 -20.41
N CYS E 127 -22.44 -25.79 -20.26
CA CYS E 127 -22.47 -27.10 -20.90
C CYS E 127 -23.82 -27.30 -21.56
N TYR E 128 -23.81 -28.04 -22.67
CA TYR E 128 -25.02 -28.34 -23.43
C TYR E 128 -25.54 -29.69 -23.01
N ILE E 129 -26.79 -29.72 -22.53
CA ILE E 129 -27.43 -30.94 -22.06
C ILE E 129 -28.50 -31.33 -23.07
N ASP E 130 -28.41 -32.55 -23.58
CA ASP E 130 -29.36 -33.08 -24.55
C ASP E 130 -30.34 -34.00 -23.84
N VAL E 131 -31.63 -33.72 -24.00
CA VAL E 131 -32.68 -34.48 -23.33
C VAL E 131 -33.51 -35.30 -24.31
N ARG E 132 -33.05 -35.44 -25.55
CA ARG E 132 -33.77 -36.25 -26.52
C ARG E 132 -33.91 -37.69 -26.03
N TRP E 133 -32.82 -38.27 -25.53
CA TRP E 133 -32.85 -39.59 -24.92
C TRP E 133 -32.93 -39.43 -23.40
N PHE E 134 -34.11 -39.01 -22.95
CA PHE E 134 -34.30 -38.65 -21.55
C PHE E 134 -33.99 -39.81 -20.61
N PRO E 135 -34.70 -40.94 -20.67
CA PRO E 135 -34.42 -42.01 -19.70
C PRO E 135 -32.99 -42.51 -19.74
N PHE E 136 -32.38 -42.59 -20.92
CA PHE E 136 -31.02 -43.10 -21.09
C PHE E 136 -30.25 -42.15 -21.98
N ASP E 137 -29.16 -41.60 -21.45
CA ASP E 137 -28.34 -40.68 -22.23
C ASP E 137 -27.06 -40.38 -21.45
N VAL E 138 -25.97 -40.13 -22.18
CA VAL E 138 -24.68 -39.76 -21.61
C VAL E 138 -24.37 -38.33 -22.01
N GLN E 139 -24.08 -37.49 -21.03
CA GLN E 139 -23.79 -36.08 -21.27
C GLN E 139 -22.28 -35.83 -21.15
N HIS E 140 -21.76 -35.08 -22.12
CA HIS E 140 -20.34 -34.72 -22.17
C HIS E 140 -20.22 -33.22 -21.92
N CYS E 141 -19.60 -32.85 -20.81
CA CYS E 141 -19.33 -31.46 -20.47
C CYS E 141 -17.83 -31.23 -20.47
N LYS E 142 -17.38 -30.20 -21.17
CA LYS E 142 -15.97 -29.90 -21.34
C LYS E 142 -15.56 -28.70 -20.51
N LEU E 143 -14.40 -28.81 -19.85
CA LEU E 143 -13.80 -27.71 -19.11
C LEU E 143 -12.45 -27.41 -19.75
N LYS E 144 -12.27 -26.18 -20.21
CA LYS E 144 -11.08 -25.77 -20.95
C LYS E 144 -10.30 -24.76 -20.11
N PHE E 145 -9.03 -25.08 -19.84
CA PHE E 145 -8.15 -24.23 -19.07
C PHE E 145 -6.94 -23.84 -19.91
N GLY E 146 -6.44 -22.63 -19.70
CA GLY E 146 -5.28 -22.18 -20.43
C GLY E 146 -4.75 -20.87 -19.89
N SER E 147 -3.53 -20.56 -20.31
CA SER E 147 -2.91 -19.28 -19.95
C SER E 147 -3.49 -18.17 -20.83
N TRP E 148 -3.75 -17.02 -20.23
CA TRP E 148 -4.40 -15.93 -20.94
C TRP E 148 -3.42 -15.01 -21.65
N SER E 149 -2.29 -14.68 -21.01
CA SER E 149 -1.32 -13.76 -21.57
C SER E 149 0.00 -14.42 -21.95
N TYR E 150 0.23 -15.67 -21.54
CA TYR E 150 1.45 -16.40 -21.87
C TYR E 150 1.12 -17.46 -22.91
N GLY E 151 1.74 -17.34 -24.08
CA GLY E 151 1.56 -18.30 -25.15
C GLY E 151 2.78 -19.18 -25.35
N GLY E 152 2.82 -19.83 -26.51
CA GLY E 152 3.96 -20.65 -26.87
C GLY E 152 5.26 -19.87 -26.82
N TRP E 153 6.37 -20.59 -26.73
CA TRP E 153 7.70 -19.98 -26.70
C TRP E 153 7.97 -19.32 -25.36
N SER E 154 6.96 -19.21 -24.51
CA SER E 154 7.12 -18.67 -23.16
C SER E 154 6.70 -19.65 -22.08
N LEU E 155 5.54 -20.27 -22.20
CA LEU E 155 5.02 -21.20 -21.20
C LEU E 155 4.60 -22.49 -21.89
N ASP E 156 5.27 -23.59 -21.56
CA ASP E 156 4.95 -24.90 -22.09
C ASP E 156 4.06 -25.62 -21.08
N LEU E 157 2.79 -25.78 -21.42
CA LEU E 157 1.82 -26.38 -20.51
C LEU E 157 1.69 -27.87 -20.80
N GLN E 158 1.90 -28.68 -19.76
CA GLN E 158 1.77 -30.13 -19.86
C GLN E 158 0.60 -30.58 -18.98
N MET E 159 -0.01 -31.69 -19.36
CA MET E 159 -1.19 -32.19 -18.69
C MET E 159 -0.86 -33.42 -17.83
N GLN E 160 -1.59 -33.55 -16.72
CA GLN E 160 -1.52 -34.73 -15.88
C GLN E 160 -2.91 -35.27 -15.64
N GLU E 161 -3.01 -36.59 -15.43
CA GLU E 161 -4.30 -37.23 -15.28
C GLU E 161 -5.03 -36.68 -14.05
N ALA E 162 -6.35 -36.59 -14.16
CA ALA E 162 -7.17 -36.08 -13.07
C ALA E 162 -7.29 -37.10 -11.96
N ASP E 163 -7.47 -36.62 -10.74
CA ASP E 163 -7.60 -37.45 -9.55
C ASP E 163 -9.05 -37.49 -9.10
N ILE E 164 -9.57 -38.69 -8.90
CA ILE E 164 -10.96 -38.87 -8.49
C ILE E 164 -11.01 -39.77 -7.26
N SER E 165 -9.91 -39.82 -6.51
CA SER E 165 -9.85 -40.68 -5.33
C SER E 165 -10.84 -40.23 -4.26
N GLY E 166 -10.99 -38.92 -4.08
CA GLY E 166 -11.87 -38.39 -3.05
C GLY E 166 -13.24 -38.00 -3.56
N TYR E 167 -13.60 -38.47 -4.75
CA TYR E 167 -14.89 -38.13 -5.33
C TYR E 167 -16.03 -38.67 -4.48
N ILE E 168 -17.07 -37.87 -4.31
CA ILE E 168 -18.26 -38.24 -3.56
C ILE E 168 -19.36 -38.56 -4.55
N PRO E 169 -19.87 -39.80 -4.59
CA PRO E 169 -20.88 -40.15 -5.59
C PRO E 169 -22.12 -39.28 -5.45
N ASN E 170 -22.72 -38.94 -6.59
CA ASN E 170 -23.94 -38.15 -6.63
C ASN E 170 -25.16 -39.06 -6.67
N GLY E 171 -26.25 -38.57 -6.09
CA GLY E 171 -27.47 -39.37 -6.01
C GLY E 171 -28.29 -39.43 -7.27
N GLU E 172 -28.01 -38.57 -8.25
CA GLU E 172 -28.77 -38.54 -9.49
C GLU E 172 -27.94 -38.73 -10.75
N TRP E 173 -26.62 -38.51 -10.68
CA TRP E 173 -25.75 -38.66 -11.83
C TRP E 173 -24.57 -39.55 -11.47
N ASP E 174 -24.12 -40.33 -12.45
CA ASP E 174 -23.00 -41.25 -12.29
C ASP E 174 -21.88 -40.83 -13.22
N LEU E 175 -20.66 -40.75 -12.67
CA LEU E 175 -19.49 -40.37 -13.46
C LEU E 175 -18.92 -41.60 -14.16
N VAL E 176 -18.59 -41.47 -15.44
CA VAL E 176 -17.96 -42.54 -16.19
C VAL E 176 -16.46 -42.36 -16.29
N GLY E 177 -16.00 -41.12 -16.44
CA GLY E 177 -14.58 -40.82 -16.53
C GLY E 177 -14.33 -39.36 -16.82
N ILE E 178 -13.09 -38.92 -16.64
CA ILE E 178 -12.74 -37.52 -16.88
C ILE E 178 -11.51 -37.47 -17.77
N PRO E 179 -11.62 -37.87 -19.03
CA PRO E 179 -10.46 -37.84 -19.93
C PRO E 179 -9.99 -36.41 -20.17
N GLY E 180 -8.68 -36.27 -20.39
CA GLY E 180 -8.08 -34.98 -20.65
C GLY E 180 -7.29 -35.01 -21.94
N LYS E 181 -7.17 -33.82 -22.55
CA LYS E 181 -6.47 -33.69 -23.82
C LYS E 181 -5.82 -32.32 -23.90
N ARG E 182 -4.61 -32.28 -24.45
CA ARG E 182 -3.86 -31.05 -24.65
C ARG E 182 -3.90 -30.67 -26.12
N SER E 183 -4.23 -29.40 -26.40
CA SER E 183 -4.33 -28.92 -27.76
C SER E 183 -3.61 -27.59 -27.88
N GLU E 184 -3.35 -27.17 -29.12
CA GLU E 184 -2.73 -25.89 -29.41
C GLU E 184 -3.51 -25.20 -30.51
N ARG E 185 -3.86 -23.93 -30.28
CA ARG E 185 -4.70 -23.19 -31.21
C ARG E 185 -4.05 -21.87 -31.60
N PHE E 186 -4.55 -21.30 -32.68
CA PHE E 186 -4.16 -19.98 -33.16
C PHE E 186 -5.35 -19.03 -33.06
N TYR E 187 -5.10 -17.82 -32.58
CA TYR E 187 -6.12 -16.80 -32.45
C TYR E 187 -5.79 -15.62 -33.35
N GLU E 188 -6.83 -14.95 -33.85
CA GLU E 188 -6.62 -13.82 -34.74
C GLU E 188 -5.91 -12.66 -34.07
N CYS E 189 -5.92 -12.60 -32.74
CA CYS E 189 -5.28 -11.49 -32.04
C CYS E 189 -3.78 -11.51 -32.22
N CYS E 190 -3.16 -12.70 -32.13
CA CYS E 190 -1.71 -12.81 -32.21
C CYS E 190 -1.35 -14.01 -33.08
N LYS E 191 -0.13 -13.97 -33.62
CA LYS E 191 0.38 -15.05 -34.46
C LYS E 191 1.08 -16.13 -33.67
N GLU E 192 1.13 -16.01 -32.34
CA GLU E 192 1.80 -16.97 -31.49
C GLU E 192 0.81 -18.03 -31.04
N PRO E 193 1.08 -19.32 -31.26
CA PRO E 193 0.14 -20.35 -30.83
C PRO E 193 0.00 -20.40 -29.31
N TYR E 194 -1.18 -20.81 -28.86
CA TYR E 194 -1.48 -20.90 -27.44
C TYR E 194 -1.96 -22.31 -27.12
N PRO E 195 -1.36 -22.97 -26.13
CA PRO E 195 -1.85 -24.29 -25.72
C PRO E 195 -2.98 -24.19 -24.69
N ASP E 196 -3.69 -25.30 -24.56
CA ASP E 196 -4.80 -25.40 -23.62
C ASP E 196 -5.04 -26.86 -23.28
N VAL E 197 -5.74 -27.08 -22.16
CA VAL E 197 -6.04 -28.42 -21.68
C VAL E 197 -7.55 -28.52 -21.45
N THR E 198 -8.15 -29.57 -21.98
CA THR E 198 -9.60 -29.77 -21.91
C THR E 198 -9.90 -31.09 -21.22
N PHE E 199 -10.80 -31.06 -20.24
CA PHE E 199 -11.24 -32.25 -19.53
C PHE E 199 -12.72 -32.49 -19.80
N THR E 200 -13.10 -33.76 -19.84
CA THR E 200 -14.49 -34.16 -20.10
C THR E 200 -15.08 -34.82 -18.87
N VAL E 201 -16.36 -34.53 -18.60
CA VAL E 201 -17.02 -35.01 -17.40
C VAL E 201 -17.62 -36.40 -17.59
N THR E 202 -18.38 -36.61 -18.67
CA THR E 202 -18.97 -37.91 -18.98
C THR E 202 -19.91 -38.37 -17.86
N MET E 203 -20.98 -37.62 -17.70
CA MET E 203 -22.01 -37.96 -16.74
C MET E 203 -23.09 -38.83 -17.38
N ARG E 204 -23.78 -39.60 -16.54
CA ARG E 204 -24.88 -40.44 -16.98
C ARG E 204 -26.03 -40.31 -16.00
N ARG E 205 -27.25 -40.23 -16.53
CA ARG E 205 -28.43 -40.12 -15.68
C ARG E 205 -28.82 -41.48 -15.12
N ARG E 206 -29.20 -41.49 -13.84
CA ARG E 206 -29.64 -42.73 -13.20
C ARG E 206 -31.11 -42.97 -13.49
N THR E 207 -31.42 -44.20 -13.92
CA THR E 207 -32.81 -44.55 -14.23
C THR E 207 -33.68 -44.72 -12.99
N LEU E 208 -33.09 -44.72 -11.80
CA LEU E 208 -33.85 -44.89 -10.57
C LEU E 208 -34.51 -46.26 -10.51
N ALA F 1 22.69 7.65 -22.61
CA ALA F 1 22.31 6.33 -23.14
C ALA F 1 22.96 5.22 -22.32
N VAL F 2 22.42 4.97 -21.13
CA VAL F 2 22.92 3.92 -20.26
C VAL F 2 24.24 4.35 -19.63
N GLN F 3 25.26 4.54 -20.47
CA GLN F 3 26.59 4.93 -19.98
C GLN F 3 27.05 6.16 -20.73
N LEU F 4 27.24 7.26 -20.01
CA LEU F 4 27.68 8.53 -20.58
C LEU F 4 29.07 8.86 -20.05
N GLN F 5 29.94 9.32 -20.95
CA GLN F 5 31.29 9.72 -20.58
C GLN F 5 31.58 11.11 -21.13
N ALA F 6 32.10 11.98 -20.27
CA ALA F 6 32.40 13.36 -20.62
C ALA F 6 33.87 13.51 -20.97
N SER F 7 34.16 14.47 -21.86
CA SER F 7 35.52 14.75 -22.27
C SER F 7 35.58 16.16 -22.85
N GLY F 8 36.81 16.64 -23.03
CA GLY F 8 37.05 17.98 -23.55
C GLY F 8 37.64 18.96 -22.57
N GLY F 9 37.98 18.52 -21.35
CA GLY F 9 38.55 19.42 -20.37
C GLY F 9 39.96 19.82 -20.70
N GLY F 10 40.44 20.82 -19.98
CA GLY F 10 41.79 21.31 -20.19
C GLY F 10 42.01 22.61 -19.44
N LEU F 11 43.11 23.27 -19.77
CA LEU F 11 43.50 24.54 -19.16
C LEU F 11 43.21 25.66 -20.16
N VAL F 12 42.46 26.67 -19.70
CA VAL F 12 42.09 27.80 -20.54
C VAL F 12 42.31 29.09 -19.75
N GLN F 13 42.37 30.20 -20.49
CA GLN F 13 42.57 31.51 -19.91
C GLN F 13 41.22 32.21 -19.72
N ALA F 14 41.17 33.08 -18.73
CA ALA F 14 39.93 33.79 -18.42
C ALA F 14 39.44 34.57 -19.64
N GLY F 15 38.15 34.44 -19.93
CA GLY F 15 37.55 35.11 -21.07
C GLY F 15 37.51 34.31 -22.35
N ASP F 16 37.91 33.04 -22.31
CA ASP F 16 37.93 32.20 -23.50
C ASP F 16 36.71 31.27 -23.50
N SER F 17 36.59 30.49 -24.56
CA SER F 17 35.48 29.56 -24.74
C SER F 17 35.98 28.12 -24.70
N LEU F 18 35.07 27.21 -24.36
CA LEU F 18 35.40 25.80 -24.24
C LEU F 18 34.20 24.96 -24.62
N ARG F 19 34.45 23.83 -25.27
CA ARG F 19 33.40 22.93 -25.73
C ARG F 19 33.63 21.54 -25.15
N LEU F 20 32.67 21.07 -24.36
CA LEU F 20 32.74 19.75 -23.75
C LEU F 20 31.75 18.80 -24.43
N SER F 21 32.17 17.55 -24.59
CA SER F 21 31.38 16.54 -25.29
C SER F 21 31.10 15.37 -24.37
N CYS F 22 29.83 15.00 -24.27
CA CYS F 22 29.40 13.83 -23.50
C CYS F 22 28.88 12.79 -24.49
N ALA F 23 29.58 11.67 -24.59
CA ALA F 23 29.26 10.61 -25.52
C ALA F 23 28.51 9.49 -24.81
N ALA F 24 27.53 8.92 -25.50
CA ALA F 24 26.68 7.88 -24.94
C ALA F 24 27.04 6.51 -25.52
N SER F 25 26.83 5.47 -24.73
CA SER F 25 27.07 4.10 -25.16
C SER F 25 26.36 3.16 -24.20
N GLY F 26 25.95 2.01 -24.74
CA GLY F 26 25.24 1.01 -23.97
C GLY F 26 23.74 1.00 -24.12
N GLY F 27 23.19 1.81 -25.01
CA GLY F 27 21.75 1.86 -25.18
C GLY F 27 21.36 2.90 -26.21
N THR F 28 20.07 3.16 -26.29
CA THR F 28 19.54 4.13 -27.23
C THR F 28 19.70 5.54 -26.64
N PHE F 29 20.43 6.39 -27.35
CA PHE F 29 20.71 7.73 -26.84
C PHE F 29 19.50 8.64 -26.91
N SER F 30 18.51 8.32 -27.75
CA SER F 30 17.33 9.17 -27.90
C SER F 30 16.28 8.92 -26.83
N HIS F 31 16.48 7.96 -25.93
CA HIS F 31 15.54 7.65 -24.87
C HIS F 31 15.93 8.25 -23.53
N TYR F 32 16.99 9.05 -23.48
CA TYR F 32 17.51 9.56 -22.22
C TYR F 32 17.81 11.05 -22.35
N ALA F 33 17.78 11.74 -21.21
CA ALA F 33 18.18 13.12 -21.11
C ALA F 33 19.60 13.22 -20.55
N VAL F 34 20.21 14.39 -20.72
CA VAL F 34 21.60 14.63 -20.33
C VAL F 34 21.62 15.78 -19.33
N GLY F 35 22.31 15.57 -18.22
CA GLY F 35 22.49 16.63 -17.22
C GLY F 35 23.95 16.80 -16.88
N TRP F 36 24.34 18.03 -16.59
CA TRP F 36 25.71 18.38 -16.28
C TRP F 36 25.84 18.83 -14.83
N PHE F 37 26.88 18.35 -14.15
CA PHE F 37 27.13 18.72 -12.77
C PHE F 37 28.59 19.11 -12.58
N ARG F 38 28.82 20.00 -11.63
CA ARG F 38 30.16 20.43 -11.25
C ARG F 38 30.46 19.97 -9.83
N GLN F 39 31.66 19.45 -9.63
CA GLN F 39 32.06 18.94 -8.32
C GLN F 39 32.78 19.97 -7.48
N ALA F 40 33.69 20.74 -8.06
CA ALA F 40 34.44 21.76 -7.34
C ALA F 40 35.45 21.11 -6.40
N PRO F 41 36.54 21.80 -6.06
CA PRO F 41 37.56 21.15 -5.23
C PRO F 41 37.07 20.79 -3.83
N GLY F 42 36.51 21.75 -3.10
CA GLY F 42 36.11 21.51 -1.72
C GLY F 42 34.63 21.75 -1.44
N LYS F 43 33.83 21.89 -2.48
CA LYS F 43 32.40 22.10 -2.34
C LYS F 43 31.64 20.86 -2.81
N GLU F 44 30.32 20.92 -2.71
CA GLU F 44 29.45 19.82 -3.08
C GLU F 44 29.08 19.90 -4.56
N ARG F 45 28.50 18.81 -5.07
CA ARG F 45 28.09 18.77 -6.46
C ARG F 45 26.91 19.71 -6.69
N GLU F 46 26.95 20.39 -7.84
CA GLU F 46 25.92 21.37 -8.18
C GLU F 46 25.50 21.21 -9.63
N PHE F 47 24.19 21.35 -9.87
CA PHE F 47 23.65 21.29 -11.21
C PHE F 47 24.14 22.47 -12.05
N VAL F 48 24.29 22.24 -13.35
CA VAL F 48 24.76 23.29 -14.25
C VAL F 48 23.76 23.52 -15.38
N ALA F 49 23.50 22.49 -16.17
CA ALA F 49 22.59 22.62 -17.30
C ALA F 49 22.03 21.25 -17.63
N ALA F 50 20.88 21.26 -18.32
CA ALA F 50 20.20 20.02 -18.67
C ALA F 50 19.35 20.24 -19.90
N ILE F 51 19.14 19.17 -20.66
CA ILE F 51 18.34 19.19 -21.88
C ILE F 51 17.46 17.95 -21.91
N SER F 52 16.23 18.10 -22.39
CA SER F 52 15.28 16.99 -22.42
C SER F 52 15.67 15.98 -23.49
N TRP F 53 15.00 14.83 -23.46
CA TRP F 53 15.31 13.75 -24.38
C TRP F 53 15.01 14.12 -25.83
N SER F 54 14.12 15.08 -26.06
CA SER F 54 13.77 15.50 -27.41
C SER F 54 14.42 16.81 -27.82
N GLY F 55 15.10 17.49 -26.89
CA GLY F 55 15.72 18.77 -27.18
C GLY F 55 14.79 19.95 -27.17
N ARG F 56 13.51 19.75 -26.84
CA ARG F 56 12.55 20.85 -26.83
C ARG F 56 12.51 21.60 -25.50
N SER F 57 13.21 21.11 -24.48
CA SER F 57 13.24 21.76 -23.17
C SER F 57 14.68 21.83 -22.68
N THR F 58 15.05 22.98 -22.13
CA THR F 58 16.39 23.19 -21.61
C THR F 58 16.30 23.91 -20.27
N SER F 59 17.31 23.71 -19.44
CA SER F 59 17.37 24.34 -18.13
C SER F 59 18.82 24.69 -17.82
N PHE F 60 19.01 25.84 -17.18
CA PHE F 60 20.34 26.34 -16.83
C PHE F 60 20.33 26.86 -15.41
N ALA F 61 21.51 27.01 -14.83
CA ALA F 61 21.67 27.60 -13.51
C ALA F 61 21.52 29.11 -13.62
N ASN F 62 21.81 29.82 -12.53
CA ASN F 62 21.65 31.27 -12.52
C ASN F 62 22.96 32.01 -12.82
N SER F 63 24.10 31.44 -12.44
CA SER F 63 25.40 32.01 -12.75
C SER F 63 25.92 31.56 -14.11
N VAL F 64 25.15 30.75 -14.83
CA VAL F 64 25.58 30.18 -16.10
C VAL F 64 24.51 30.48 -17.14
N LYS F 65 23.43 31.13 -16.71
CA LYS F 65 22.28 31.35 -17.56
C LYS F 65 22.66 31.97 -18.90
N GLY F 66 23.52 32.98 -18.89
CA GLY F 66 23.81 33.73 -20.10
C GLY F 66 25.07 33.34 -20.84
N ARG F 67 25.93 32.53 -20.22
CA ARG F 67 27.24 32.22 -20.80
C ARG F 67 27.34 30.81 -21.37
N PHE F 68 26.49 29.88 -20.93
CA PHE F 68 26.58 28.50 -21.39
C PHE F 68 25.41 28.16 -22.33
N THR F 69 25.61 27.08 -23.08
CA THR F 69 24.61 26.59 -24.00
C THR F 69 24.76 25.08 -24.13
N ILE F 70 23.65 24.41 -24.46
CA ILE F 70 23.61 22.96 -24.53
C ILE F 70 22.93 22.55 -25.83
N SER F 71 23.47 21.52 -26.48
CA SER F 71 22.91 21.03 -27.73
C SER F 71 23.05 19.52 -27.79
N ARG F 72 22.26 18.90 -28.67
CA ARG F 72 22.22 17.46 -28.84
C ARG F 72 22.67 17.08 -30.25
N ASP F 73 23.10 15.82 -30.39
CA ASP F 73 23.43 15.27 -31.71
C ASP F 73 23.22 13.76 -31.63
N SER F 74 22.09 13.30 -32.19
CA SER F 74 21.78 11.88 -32.16
C SER F 74 22.63 11.08 -33.14
N ALA F 75 23.10 11.72 -34.21
CA ALA F 75 23.92 11.02 -35.19
C ALA F 75 25.20 10.49 -34.55
N LYS F 76 25.85 11.32 -33.73
CA LYS F 76 27.07 10.92 -33.05
C LYS F 76 26.82 10.47 -31.60
N ASN F 77 25.56 10.45 -31.16
CA ASN F 77 25.23 10.09 -29.79
C ASN F 77 26.02 10.94 -28.79
N THR F 78 25.96 12.26 -29.00
CA THR F 78 26.79 13.18 -28.24
C THR F 78 26.02 14.43 -27.87
N ALA F 79 26.16 14.85 -26.61
CA ALA F 79 25.67 16.12 -26.14
C ALA F 79 26.83 17.10 -26.01
N TYR F 80 26.61 18.34 -26.43
CA TYR F 80 27.66 19.34 -26.45
C TYR F 80 27.31 20.48 -25.50
N LEU F 81 28.27 20.88 -24.68
CA LEU F 81 28.12 22.01 -23.77
C LEU F 81 29.14 23.07 -24.15
N GLN F 82 28.65 24.24 -24.53
CA GLN F 82 29.52 25.35 -24.93
C GLN F 82 29.53 26.39 -23.83
N MET F 83 30.73 26.74 -23.37
CA MET F 83 30.92 27.72 -22.31
C MET F 83 31.67 28.91 -22.89
N ASN F 84 31.12 30.11 -22.72
CA ASN F 84 31.72 31.32 -23.24
C ASN F 84 32.03 32.28 -22.10
N ASN F 85 33.11 33.04 -22.27
CA ASN F 85 33.55 34.01 -21.27
C ASN F 85 33.73 33.35 -19.90
N LEU F 86 34.68 32.40 -19.87
CA LEU F 86 34.95 31.67 -18.65
C LEU F 86 35.52 32.58 -17.57
N LYS F 87 35.28 32.22 -16.33
CA LYS F 87 35.68 33.00 -15.17
C LYS F 87 36.47 32.12 -14.20
N PRO F 88 37.27 32.72 -13.33
CA PRO F 88 38.12 31.91 -12.44
C PRO F 88 37.34 30.95 -11.56
N GLU F 89 36.11 31.27 -11.20
CA GLU F 89 35.32 30.42 -10.32
C GLU F 89 34.70 29.23 -11.04
N ASP F 90 34.95 29.07 -12.34
CA ASP F 90 34.43 27.96 -13.11
C ASP F 90 35.38 26.76 -13.15
N THR F 91 36.51 26.84 -12.45
CA THR F 91 37.46 25.73 -12.41
C THR F 91 36.90 24.63 -11.51
N ALA F 92 36.65 23.46 -12.10
CA ALA F 92 36.07 22.35 -11.35
C ALA F 92 36.06 21.11 -12.25
N VAL F 93 35.48 20.03 -11.74
CA VAL F 93 35.31 18.79 -12.50
C VAL F 93 33.87 18.71 -12.97
N TYR F 94 33.68 18.55 -14.27
CA TYR F 94 32.35 18.47 -14.89
C TYR F 94 32.03 17.01 -15.21
N CYS F 95 30.83 16.58 -14.81
CA CYS F 95 30.37 15.22 -15.01
C CYS F 95 29.02 15.23 -15.72
N CYS F 96 28.79 14.17 -16.50
CA CYS F 96 27.60 14.03 -17.33
C CYS F 96 26.78 12.84 -16.86
N ALA F 97 25.47 13.04 -16.73
CA ALA F 97 24.59 12.00 -16.20
C ALA F 97 23.38 11.81 -17.10
N PRO F 98 22.89 10.58 -17.24
CA PRO F 98 21.69 10.33 -18.05
C PRO F 98 20.41 10.32 -17.23
N ALA F 99 19.30 10.45 -17.94
CA ALA F 99 17.97 10.36 -17.33
C ALA F 99 17.01 9.84 -18.38
N ARG F 100 16.37 8.70 -18.09
CA ARG F 100 15.48 8.07 -19.07
C ARG F 100 14.24 8.93 -19.28
N PHE F 101 14.05 9.40 -20.51
CA PHE F 101 12.90 10.23 -20.86
C PHE F 101 12.72 11.37 -19.87
N GLY F 102 13.82 12.03 -19.52
CA GLY F 102 13.77 13.14 -18.60
C GLY F 102 13.19 14.39 -19.23
N THR F 103 12.74 15.29 -18.36
CA THR F 103 12.16 16.55 -18.79
C THR F 103 13.17 17.69 -18.81
N GLY F 104 14.45 17.40 -18.58
CA GLY F 104 15.46 18.44 -18.55
C GLY F 104 15.30 19.42 -17.41
N SER F 105 15.00 18.91 -16.21
CA SER F 105 14.83 19.74 -15.03
C SER F 105 16.04 19.60 -14.11
N ALA F 106 16.04 20.40 -13.05
CA ALA F 106 17.14 20.40 -12.08
C ALA F 106 16.98 19.36 -10.98
N ALA F 107 15.84 18.66 -10.93
CA ALA F 107 15.65 17.65 -9.91
C ALA F 107 16.70 16.55 -10.02
N ARG F 108 17.29 16.18 -8.89
CA ARG F 108 18.34 15.18 -8.86
C ARG F 108 17.82 13.76 -8.71
N ASP F 109 16.53 13.58 -8.45
CA ASP F 109 15.98 12.25 -8.22
C ASP F 109 15.62 11.52 -9.50
N GLU F 110 15.65 12.18 -10.64
CA GLU F 110 15.34 11.55 -11.92
C GLU F 110 16.58 11.22 -12.74
N TYR F 111 17.77 11.40 -12.17
CA TYR F 111 19.01 11.09 -12.85
C TYR F 111 19.68 9.86 -12.24
N ASP F 112 20.62 9.30 -12.99
CA ASP F 112 21.40 8.17 -12.53
C ASP F 112 22.76 8.64 -12.05
N ASP F 113 23.57 7.71 -11.56
CA ASP F 113 24.89 8.05 -11.04
C ASP F 113 25.76 8.63 -12.15
N CYS F 114 26.43 9.74 -11.84
CA CYS F 114 27.33 10.35 -12.80
C CYS F 114 28.58 9.50 -12.98
N GLY F 115 29.21 9.64 -14.13
CA GLY F 115 30.43 8.91 -14.44
C GLY F 115 31.67 9.70 -14.04
N GLN F 116 32.81 9.28 -14.59
CA GLN F 116 34.07 9.96 -14.35
C GLN F 116 34.15 11.18 -15.27
N GLY F 117 34.31 12.35 -14.67
CA GLY F 117 34.22 13.60 -15.38
C GLY F 117 35.55 14.10 -15.89
N THR F 118 35.54 15.35 -16.34
CA THR F 118 36.73 16.01 -16.87
C THR F 118 37.04 17.25 -16.04
N GLN F 119 38.31 17.43 -15.71
CA GLN F 119 38.77 18.58 -14.95
C GLN F 119 39.05 19.76 -15.87
N VAL F 120 38.54 20.94 -15.50
CA VAL F 120 38.81 22.17 -16.23
C VAL F 120 39.27 23.23 -15.24
N THR F 121 40.29 23.99 -15.62
CA THR F 121 40.87 25.02 -14.78
C THR F 121 40.97 26.32 -15.57
N VAL F 122 40.63 27.42 -14.92
CA VAL F 122 40.68 28.76 -15.52
C VAL F 122 41.71 29.58 -14.76
N SER F 123 42.67 30.16 -15.48
CA SER F 123 43.72 30.97 -14.90
C SER F 123 43.46 32.44 -15.20
N SER F 124 43.55 33.27 -14.17
CA SER F 124 43.34 34.71 -14.34
C SER F 124 44.37 35.31 -15.28
N ALA G 1 8.99 30.87 -7.08
CA ALA G 1 8.29 30.57 -8.31
C ALA G 1 9.15 29.72 -9.24
N VAL G 2 9.25 28.43 -8.92
CA VAL G 2 10.02 27.49 -9.72
C VAL G 2 11.51 27.72 -9.51
N GLN G 3 12.00 28.90 -9.91
CA GLN G 3 13.41 29.23 -9.78
C GLN G 3 13.55 30.55 -9.04
N LEU G 4 14.18 30.52 -7.87
CA LEU G 4 14.39 31.70 -7.05
C LEU G 4 15.88 32.01 -6.97
N GLN G 5 16.22 33.30 -7.10
CA GLN G 5 17.60 33.74 -7.01
C GLN G 5 17.71 34.88 -6.02
N ALA G 6 18.66 34.78 -5.10
CA ALA G 6 18.88 35.78 -4.08
C ALA G 6 19.99 36.75 -4.47
N SER G 7 19.88 37.98 -3.98
CA SER G 7 20.88 39.00 -4.26
C SER G 7 20.77 40.09 -3.20
N GLY G 8 21.78 40.96 -3.16
CA GLY G 8 21.84 42.04 -2.21
C GLY G 8 22.94 41.93 -1.17
N GLY G 9 23.78 40.91 -1.27
CA GLY G 9 24.85 40.74 -0.30
C GLY G 9 25.95 41.77 -0.45
N GLY G 10 26.81 41.83 0.55
CA GLY G 10 27.91 42.77 0.54
C GLY G 10 28.60 42.80 1.89
N LEU G 11 29.44 43.82 2.06
CA LEU G 11 30.19 44.04 3.29
C LEU G 11 29.55 45.19 4.05
N VAL G 12 29.22 44.95 5.32
CA VAL G 12 28.59 45.94 6.17
C VAL G 12 29.29 45.95 7.53
N GLN G 13 29.08 47.04 8.26
CA GLN G 13 29.66 47.22 9.58
C GLN G 13 28.66 46.81 10.65
N ALA G 14 29.18 46.36 11.79
CA ALA G 14 28.34 45.90 12.88
C ALA G 14 27.38 47.00 13.31
N GLY G 15 26.11 46.64 13.48
CA GLY G 15 25.08 47.58 13.88
C GLY G 15 24.34 48.26 12.74
N ASP G 16 24.58 47.85 11.50
CA ASP G 16 23.93 48.44 10.34
C ASP G 16 22.79 47.55 9.86
N SER G 17 22.09 48.01 8.84
CA SER G 17 20.96 47.29 8.27
C SER G 17 21.29 46.85 6.84
N LEU G 18 20.59 45.81 6.40
CA LEU G 18 20.80 45.25 5.07
C LEU G 18 19.49 44.69 4.53
N ARG G 19 19.29 44.84 3.22
CA ARG G 19 18.07 44.38 2.57
C ARG G 19 18.43 43.42 1.46
N LEU G 20 17.95 42.18 1.56
CA LEU G 20 18.19 41.16 0.56
C LEU G 20 16.92 40.89 -0.24
N SER G 21 17.08 40.65 -1.53
CA SER G 21 15.96 40.46 -2.45
C SER G 21 16.07 39.10 -3.12
N CYS G 22 14.99 38.33 -3.06
CA CYS G 22 14.89 37.03 -3.74
C CYS G 22 13.87 37.17 -4.85
N ALA G 23 14.32 37.07 -6.09
CA ALA G 23 13.47 37.22 -7.26
C ALA G 23 13.08 35.85 -7.82
N ALA G 24 11.84 35.75 -8.27
CA ALA G 24 11.29 34.50 -8.78
C ALA G 24 11.18 34.54 -10.31
N SER G 25 11.30 33.37 -10.92
CA SER G 25 11.18 33.23 -12.37
C SER G 25 10.95 31.76 -12.70
N GLY G 26 10.22 31.53 -13.79
CA GLY G 26 9.91 30.19 -14.23
C GLY G 26 8.54 29.68 -13.85
N GLY G 27 7.70 30.51 -13.26
CA GLY G 27 6.38 30.06 -12.86
C GLY G 27 5.63 31.17 -12.15
N THR G 28 4.48 30.80 -11.58
CA THR G 28 3.65 31.75 -10.86
C THR G 28 4.20 31.94 -9.45
N PHE G 29 4.56 33.19 -9.13
CA PHE G 29 5.18 33.47 -7.83
C PHE G 29 4.18 33.41 -6.68
N SER G 30 2.89 33.52 -6.97
CA SER G 30 1.87 33.51 -5.92
C SER G 30 1.48 32.11 -5.48
N HIS G 31 2.02 31.07 -6.11
CA HIS G 31 1.70 29.69 -5.77
C HIS G 31 2.76 29.03 -4.90
N TYR G 32 3.78 29.78 -4.47
CA TYR G 32 4.90 29.21 -3.74
C TYR G 32 5.23 30.07 -2.53
N ALA G 33 5.84 29.44 -1.53
CA ALA G 33 6.36 30.13 -0.36
C ALA G 33 7.87 30.31 -0.49
N VAL G 34 8.41 31.21 0.33
CA VAL G 34 9.83 31.57 0.27
C VAL G 34 10.46 31.28 1.63
N GLY G 35 11.59 30.58 1.61
CA GLY G 35 12.33 30.31 2.83
C GLY G 35 13.77 30.71 2.68
N TRP G 36 14.37 31.17 3.78
CA TRP G 36 15.74 31.65 3.79
C TRP G 36 16.61 30.72 4.65
N PHE G 37 17.81 30.43 4.14
CA PHE G 37 18.74 29.57 4.86
C PHE G 37 20.12 30.20 4.85
N ARG G 38 20.89 29.92 5.90
CA ARG G 38 22.27 30.36 6.04
C ARG G 38 23.18 29.15 5.99
N GLN G 39 24.29 29.27 5.26
CA GLN G 39 25.23 28.17 5.10
C GLN G 39 26.37 28.23 6.11
N ALA G 40 26.93 29.42 6.34
CA ALA G 40 28.02 29.58 7.29
C ALA G 40 29.31 28.97 6.72
N PRO G 41 30.47 29.45 7.14
CA PRO G 41 31.72 28.94 6.55
C PRO G 41 31.96 27.45 6.82
N GLY G 42 31.94 27.05 8.09
CA GLY G 42 32.25 25.67 8.44
C GLY G 42 31.14 24.93 9.16
N LYS G 43 29.94 25.49 9.18
CA LYS G 43 28.80 24.86 9.83
C LYS G 43 27.80 24.39 8.77
N GLU G 44 26.71 23.79 9.25
CA GLU G 44 25.67 23.25 8.38
C GLU G 44 24.62 24.32 8.07
N ARG G 45 23.78 24.01 7.09
CA ARG G 45 22.72 24.94 6.71
C ARG G 45 21.68 25.04 7.82
N GLU G 46 21.19 26.26 8.05
CA GLU G 46 20.23 26.52 9.11
C GLU G 46 19.13 27.43 8.59
N PHE G 47 17.91 27.14 9.02
CA PHE G 47 16.75 27.97 8.67
C PHE G 47 16.87 29.34 9.32
N VAL G 48 16.32 30.36 8.65
CA VAL G 48 16.39 31.73 9.16
C VAL G 48 14.98 32.31 9.29
N ALA G 49 14.26 32.38 8.17
CA ALA G 49 12.93 32.97 8.17
C ALA G 49 12.15 32.42 6.98
N ALA G 50 10.82 32.49 7.10
CA ALA G 50 9.95 31.95 6.06
C ALA G 50 8.62 32.68 6.11
N ILE G 51 7.96 32.74 4.95
CA ILE G 51 6.66 33.40 4.80
C ILE G 51 5.78 32.52 3.92
N SER G 52 4.49 32.46 4.25
CA SER G 52 3.57 31.62 3.52
C SER G 52 3.27 32.20 2.13
N TRP G 53 2.61 31.39 1.31
CA TRP G 53 2.31 31.81 -0.06
C TRP G 53 1.37 33.00 -0.11
N SER G 54 0.56 33.22 0.92
CA SER G 54 -0.37 34.34 0.96
C SER G 54 0.11 35.50 1.82
N GLY G 55 1.22 35.32 2.54
CA GLY G 55 1.73 36.37 3.41
C GLY G 55 1.04 36.48 4.75
N ARG G 56 0.08 35.60 5.05
CA ARG G 56 -0.65 35.64 6.31
C ARG G 56 0.06 34.89 7.44
N SER G 57 1.12 34.15 7.14
CA SER G 57 1.86 33.39 8.13
C SER G 57 3.35 33.63 7.95
N THR G 58 4.05 33.84 9.07
CA THR G 58 5.49 34.08 9.04
C THR G 58 6.15 33.28 10.16
N SER G 59 7.41 32.94 9.96
CA SER G 59 8.18 32.19 10.94
C SER G 59 9.61 32.69 10.95
N PHE G 60 10.20 32.76 12.13
CA PHE G 60 11.56 33.24 12.31
C PHE G 60 12.31 32.31 13.26
N ALA G 61 13.64 32.41 13.23
CA ALA G 61 14.48 31.67 14.16
C ALA G 61 14.44 32.34 15.53
N ASN G 62 15.29 31.90 16.45
CA ASN G 62 15.29 32.45 17.80
C ASN G 62 16.34 33.54 17.99
N SER G 63 17.46 33.48 17.28
CA SER G 63 18.48 34.51 17.31
C SER G 63 18.21 35.63 16.31
N VAL G 64 17.11 35.54 15.57
CA VAL G 64 16.80 36.49 14.51
C VAL G 64 15.39 37.00 14.74
N LYS G 65 14.73 36.49 15.78
CA LYS G 65 13.33 36.78 16.03
C LYS G 65 13.05 38.28 16.04
N GLY G 66 13.89 39.06 16.71
CA GLY G 66 13.60 40.47 16.89
C GLY G 66 14.28 41.42 15.93
N ARG G 67 15.25 40.95 15.17
CA ARG G 67 16.06 41.82 14.32
C ARG G 67 15.74 41.72 12.83
N PHE G 68 15.14 40.62 12.38
CA PHE G 68 14.86 40.43 10.97
C PHE G 68 13.37 40.54 10.69
N THR G 69 13.06 40.77 9.41
CA THR G 69 11.68 40.89 8.95
C THR G 69 11.61 40.40 7.51
N ILE G 70 10.44 39.92 7.12
CA ILE G 70 10.23 39.34 5.80
C ILE G 70 8.96 39.92 5.20
N SER G 71 9.00 40.23 3.90
CA SER G 71 7.85 40.78 3.21
C SER G 71 7.81 40.25 1.79
N ARG G 72 6.63 40.36 1.18
CA ARG G 72 6.38 39.86 -0.17
C ARG G 72 6.03 41.01 -1.11
N ASP G 73 6.21 40.78 -2.41
CA ASP G 73 5.79 41.73 -3.43
C ASP G 73 5.50 40.93 -4.70
N SER G 74 4.21 40.72 -4.98
CA SER G 74 3.83 39.95 -6.16
C SER G 74 4.00 40.75 -7.44
N ALA G 75 3.92 42.09 -7.35
CA ALA G 75 4.09 42.91 -8.55
C ALA G 75 5.46 42.70 -9.17
N LYS G 76 6.50 42.68 -8.35
CA LYS G 76 7.86 42.46 -8.84
C LYS G 76 8.32 41.02 -8.68
N ASN G 77 7.46 40.12 -8.20
CA ASN G 77 7.82 38.72 -7.97
C ASN G 77 9.08 38.63 -7.11
N THR G 78 9.05 39.33 -5.98
CA THR G 78 10.22 39.47 -5.14
C THR G 78 9.86 39.38 -3.66
N ALA G 79 10.65 38.62 -2.91
CA ALA G 79 10.57 38.57 -1.47
C ALA G 79 11.73 39.36 -0.88
N TYR G 80 11.44 40.15 0.16
CA TYR G 80 12.43 41.03 0.75
C TYR G 80 12.70 40.60 2.20
N LEU G 81 13.98 40.51 2.54
CA LEU G 81 14.41 40.20 3.90
C LEU G 81 15.20 41.40 4.44
N GLN G 82 14.69 42.00 5.50
CA GLN G 82 15.34 43.15 6.12
C GLN G 82 16.00 42.71 7.42
N MET G 83 17.30 43.00 7.55
CA MET G 83 18.08 42.66 8.72
C MET G 83 18.54 43.94 9.38
N ASN G 84 18.26 44.08 10.68
CA ASN G 84 18.63 45.28 11.42
C ASN G 84 19.56 44.89 12.57
N ASN G 85 20.48 45.80 12.89
CA ASN G 85 21.44 45.60 13.97
C ASN G 85 22.22 44.31 13.76
N LEU G 86 22.96 44.27 12.66
CA LEU G 86 23.74 43.09 12.32
C LEU G 86 24.85 42.86 13.34
N LYS G 87 25.23 41.61 13.50
CA LYS G 87 26.23 41.17 14.46
C LYS G 87 27.31 40.36 13.76
N PRO G 88 28.49 40.26 14.36
CA PRO G 88 29.59 39.55 13.69
C PRO G 88 29.28 38.11 13.33
N GLU G 89 28.41 37.44 14.09
CA GLU G 89 28.09 36.04 13.83
C GLU G 89 27.08 35.86 12.70
N ASP G 90 26.65 36.93 12.07
CA ASP G 90 25.70 36.86 10.96
C ASP G 90 26.40 36.76 9.60
N THR G 91 27.73 36.71 9.57
CA THR G 91 28.46 36.60 8.32
C THR G 91 28.34 35.18 7.78
N ALA G 92 27.71 35.04 6.62
CA ALA G 92 27.49 33.73 6.03
C ALA G 92 26.92 33.92 4.62
N VAL G 93 26.56 32.81 3.97
CA VAL G 93 25.93 32.81 2.66
C VAL G 93 24.45 32.56 2.85
N TYR G 94 23.61 33.44 2.33
CA TYR G 94 22.17 33.36 2.43
C TYR G 94 21.59 32.85 1.12
N CYS G 95 20.72 31.85 1.20
CA CYS G 95 20.10 31.23 0.04
C CYS G 95 18.58 31.25 0.20
N CYS G 96 17.89 31.30 -0.94
CA CYS G 96 16.44 31.43 -1.01
C CYS G 96 15.87 30.19 -1.68
N ALA G 97 14.82 29.63 -1.08
CA ALA G 97 14.23 28.40 -1.60
C ALA G 97 12.71 28.52 -1.71
N PRO G 98 12.11 27.91 -2.73
CA PRO G 98 10.66 27.95 -2.87
C PRO G 98 9.96 26.74 -2.25
N ALA G 99 8.66 26.91 -2.05
CA ALA G 99 7.80 25.83 -1.54
C ALA G 99 6.40 26.04 -2.08
N ARG G 100 5.90 25.06 -2.82
CA ARG G 100 4.59 25.20 -3.46
C ARG G 100 3.49 25.21 -2.40
N PHE G 101 2.75 26.32 -2.33
CA PHE G 101 1.66 26.47 -1.37
C PHE G 101 2.10 26.09 0.04
N GLY G 102 3.29 26.56 0.42
CA GLY G 102 3.81 26.27 1.74
C GLY G 102 3.11 27.07 2.83
N THR G 103 3.24 26.57 4.05
CA THR G 103 2.64 27.20 5.22
C THR G 103 3.61 28.13 5.93
N GLY G 104 4.79 28.36 5.39
CA GLY G 104 5.78 29.20 6.04
C GLY G 104 6.30 28.63 7.34
N SER G 105 6.59 27.34 7.37
CA SER G 105 7.11 26.67 8.55
C SER G 105 8.60 26.39 8.39
N ALA G 106 9.21 25.87 9.45
CA ALA G 106 10.63 25.56 9.46
C ALA G 106 10.95 24.17 8.93
N ALA G 107 9.93 23.35 8.65
CA ALA G 107 10.17 22.01 8.12
C ALA G 107 10.92 22.08 6.80
N ARG G 108 11.96 21.26 6.67
CA ARG G 108 12.80 21.25 5.48
C ARG G 108 12.29 20.30 4.40
N ASP G 109 11.29 19.48 4.70
CA ASP G 109 10.82 18.49 3.74
C ASP G 109 9.80 19.06 2.75
N GLU G 110 9.31 20.27 2.97
CA GLU G 110 8.35 20.90 2.07
C GLU G 110 8.98 21.93 1.15
N TYR G 111 10.30 22.05 1.15
CA TYR G 111 11.01 22.99 0.30
C TYR G 111 11.78 22.24 -0.80
N ASP G 112 12.15 23.00 -1.82
CA ASP G 112 12.96 22.47 -2.92
C ASP G 112 14.42 22.87 -2.71
N ASP G 113 15.26 22.41 -3.63
CA ASP G 113 16.69 22.69 -3.53
C ASP G 113 16.94 24.19 -3.62
N CYS G 114 17.77 24.70 -2.72
CA CYS G 114 18.13 26.11 -2.74
C CYS G 114 19.05 26.40 -3.92
N GLY G 115 19.02 27.65 -4.36
CA GLY G 115 19.86 28.11 -5.46
C GLY G 115 21.19 28.63 -4.98
N GLN G 116 21.86 29.36 -5.86
CA GLN G 116 23.12 30.00 -5.54
C GLN G 116 22.85 31.29 -4.77
N GLY G 117 23.40 31.37 -3.56
CA GLY G 117 23.08 32.44 -2.64
C GLY G 117 24.01 33.63 -2.74
N THR G 118 23.90 34.52 -1.76
CA THR G 118 24.73 35.72 -1.69
C THR G 118 25.51 35.72 -0.38
N GLN G 119 26.80 36.07 -0.48
CA GLN G 119 27.68 36.13 0.68
C GLN G 119 27.56 37.49 1.35
N VAL G 120 27.41 37.49 2.67
CA VAL G 120 27.39 38.71 3.47
C VAL G 120 28.38 38.56 4.61
N THR G 121 29.14 39.62 4.87
CA THR G 121 30.16 39.62 5.92
C THR G 121 29.98 40.86 6.80
N VAL G 122 30.11 40.66 8.11
CA VAL G 122 29.97 41.74 9.09
C VAL G 122 31.31 41.91 9.79
N SER G 123 31.83 43.13 9.79
CA SER G 123 33.10 43.46 10.42
C SER G 123 32.86 44.22 11.71
N SER G 124 33.53 43.80 12.78
CA SER G 124 33.40 44.45 14.07
C SER G 124 33.87 45.89 14.02
N ALA H 1 7.06 22.62 22.86
CA ALA H 1 5.81 23.19 22.39
C ALA H 1 6.01 23.92 21.07
N VAL H 2 6.15 23.17 19.99
CA VAL H 2 6.32 23.73 18.66
C VAL H 2 7.73 24.29 18.51
N GLN H 3 8.07 25.30 19.30
CA GLN H 3 9.38 25.93 19.23
C GLN H 3 9.98 25.97 20.63
N LEU H 4 11.11 25.28 20.80
CA LEU H 4 11.81 25.21 22.08
C LEU H 4 13.16 25.90 21.96
N GLN H 5 13.51 26.69 22.97
CA GLN H 5 14.79 27.39 23.00
C GLN H 5 15.48 27.13 24.32
N ALA H 6 16.75 26.76 24.26
CA ALA H 6 17.53 26.44 25.44
C ALA H 6 18.39 27.63 25.86
N SER H 7 18.64 27.73 27.16
CA SER H 7 19.46 28.81 27.70
C SER H 7 19.99 28.37 29.07
N GLY H 8 20.96 29.14 29.56
CA GLY H 8 21.59 28.86 30.84
C GLY H 8 23.05 28.44 30.76
N GLY H 9 23.64 28.42 29.57
CA GLY H 9 25.02 28.03 29.43
C GLY H 9 25.98 29.05 30.00
N GLY H 10 27.24 28.63 30.12
CA GLY H 10 28.27 29.50 30.65
C GLY H 10 29.53 28.73 30.93
N LEU H 11 30.43 29.38 31.66
CA LEU H 11 31.71 28.79 32.05
C LEU H 11 31.66 28.40 33.51
N VAL H 12 31.98 27.15 33.81
CA VAL H 12 31.96 26.62 35.17
C VAL H 12 33.23 25.84 35.43
N GLN H 13 33.52 25.62 36.71
CA GLN H 13 34.69 24.88 37.13
C GLN H 13 34.33 23.43 37.40
N ALA H 14 35.30 22.54 37.23
CA ALA H 14 35.07 21.12 37.42
C ALA H 14 34.56 20.85 38.82
N GLY H 15 33.52 20.02 38.91
CA GLY H 15 32.92 19.68 40.19
C GLY H 15 31.78 20.56 40.64
N ASP H 16 31.33 21.50 39.79
CA ASP H 16 30.24 22.39 40.14
C ASP H 16 28.94 21.93 39.49
N SER H 17 27.87 22.65 39.78
CA SER H 17 26.54 22.33 39.26
C SER H 17 26.07 23.43 38.30
N LEU H 18 25.15 23.04 37.43
CA LEU H 18 24.62 23.96 36.43
C LEU H 18 23.18 23.60 36.11
N ARG H 19 22.36 24.62 35.88
CA ARG H 19 20.94 24.45 35.60
C ARG H 19 20.60 25.08 34.26
N LEU H 20 20.13 24.27 33.33
CA LEU H 20 19.74 24.73 32.00
C LEU H 20 18.23 24.73 31.86
N SER H 21 17.70 25.73 31.18
CA SER H 21 16.26 25.91 31.03
C SER H 21 15.90 25.92 29.55
N CYS H 22 14.92 25.09 29.17
CA CYS H 22 14.39 25.04 27.83
C CYS H 22 12.95 25.56 27.87
N ALA H 23 12.72 26.70 27.24
CA ALA H 23 11.41 27.35 27.24
C ALA H 23 10.68 27.05 25.94
N ALA H 24 9.36 26.85 26.05
CA ALA H 24 8.52 26.50 24.91
C ALA H 24 7.68 27.69 24.47
N SER H 25 7.36 27.73 23.19
CA SER H 25 6.53 28.78 22.62
C SER H 25 6.04 28.32 21.26
N GLY H 26 4.84 28.79 20.90
CA GLY H 26 4.22 28.45 19.63
C GLY H 26 3.19 27.35 19.70
N GLY H 27 2.83 26.88 20.88
CA GLY H 27 1.85 25.82 20.99
C GLY H 27 1.66 25.41 22.43
N THR H 28 0.92 24.32 22.61
CA THR H 28 0.65 23.78 23.95
C THR H 28 1.85 22.98 24.43
N PHE H 29 2.45 23.40 25.54
CA PHE H 29 3.64 22.74 26.04
C PHE H 29 3.35 21.37 26.66
N SER H 30 2.10 21.11 27.03
CA SER H 30 1.75 19.84 27.67
C SER H 30 1.50 18.72 26.66
N HIS H 31 1.56 19.01 25.36
CA HIS H 31 1.32 18.01 24.33
C HIS H 31 2.61 17.49 23.72
N TYR H 32 3.77 17.88 24.24
CA TYR H 32 5.04 17.52 23.64
C TYR H 32 6.02 17.06 24.72
N ALA H 33 6.98 16.24 24.32
CA ALA H 33 8.08 15.82 25.16
C ALA H 33 9.32 16.63 24.85
N VAL H 34 10.29 16.58 25.77
CA VAL H 34 11.51 17.37 25.67
C VAL H 34 12.70 16.43 25.68
N GLY H 35 13.60 16.62 24.73
CA GLY H 35 14.83 15.83 24.67
C GLY H 35 16.04 16.74 24.57
N TRP H 36 17.14 16.29 25.17
CA TRP H 36 18.38 17.05 25.21
C TRP H 36 19.46 16.34 24.41
N PHE H 37 20.21 17.12 23.64
CA PHE H 37 21.30 16.58 22.84
C PHE H 37 22.55 17.43 23.01
N ARG H 38 23.70 16.78 22.87
CA ARG H 38 24.99 17.45 22.92
C ARG H 38 25.65 17.34 21.55
N GLN H 39 26.25 18.44 21.10
CA GLN H 39 26.89 18.49 19.79
C GLN H 39 28.37 18.19 19.85
N ALA H 40 29.08 18.74 20.83
CA ALA H 40 30.51 18.52 20.98
C ALA H 40 31.28 19.24 19.88
N PRO H 41 32.54 19.60 20.11
CA PRO H 41 33.27 20.37 19.09
C PRO H 41 33.47 19.62 17.79
N GLY H 42 34.05 18.43 17.84
CA GLY H 42 34.36 17.69 16.63
C GLY H 42 33.70 16.33 16.51
N LYS H 43 32.73 16.04 17.37
CA LYS H 43 32.01 14.78 17.35
C LYS H 43 30.58 15.01 16.86
N GLU H 44 29.82 13.92 16.80
CA GLU H 44 28.45 13.96 16.32
C GLU H 44 27.48 14.22 17.48
N ARG H 45 26.24 14.52 17.13
CA ARG H 45 25.22 14.78 18.14
C ARG H 45 24.89 13.50 18.89
N GLU H 46 24.69 13.63 20.20
CA GLU H 46 24.42 12.49 21.06
C GLU H 46 23.30 12.82 22.03
N PHE H 47 22.43 11.85 22.26
CA PHE H 47 21.34 12.00 23.22
C PHE H 47 21.88 12.12 24.64
N VAL H 48 21.17 12.86 25.49
CA VAL H 48 21.61 13.06 26.86
C VAL H 48 20.52 12.61 27.83
N ALA H 49 19.35 13.25 27.74
CA ALA H 49 18.25 12.94 28.65
C ALA H 49 16.94 13.32 27.99
N ALA H 50 15.86 12.70 28.47
CA ALA H 50 14.54 12.95 27.90
C ALA H 50 13.48 12.66 28.95
N ILE H 51 12.34 13.34 28.81
CA ILE H 51 11.21 13.20 29.72
C ILE H 51 9.93 13.16 28.89
N SER H 52 8.98 12.33 29.32
CA SER H 52 7.74 12.17 28.58
C SER H 52 6.85 13.41 28.73
N TRP H 53 5.79 13.45 27.93
CA TRP H 53 4.89 14.59 27.94
C TRP H 53 4.16 14.76 29.27
N SER H 54 4.00 13.68 30.04
CA SER H 54 3.32 13.74 31.32
C SER H 54 4.27 13.74 32.51
N GLY H 55 5.57 13.56 32.27
CA GLY H 55 6.54 13.52 33.35
C GLY H 55 6.63 12.20 34.08
N ARG H 56 5.87 11.19 33.66
CA ARG H 56 5.87 9.89 34.33
C ARG H 56 6.98 8.96 33.83
N SER H 57 7.67 9.33 32.75
CA SER H 57 8.74 8.51 32.20
C SER H 57 9.95 9.39 31.92
N THR H 58 11.13 8.87 32.26
CA THR H 58 12.38 9.60 32.06
C THR H 58 13.43 8.64 31.53
N SER H 59 14.39 9.18 30.79
CA SER H 59 15.47 8.39 30.23
C SER H 59 16.75 9.20 30.26
N PHE H 60 17.86 8.52 30.54
CA PHE H 60 19.17 9.16 30.65
C PHE H 60 20.20 8.32 29.91
N ALA H 61 21.34 8.93 29.62
CA ALA H 61 22.46 8.24 29.01
C ALA H 61 23.17 7.39 30.08
N ASN H 62 24.32 6.83 29.73
CA ASN H 62 25.05 5.98 30.67
C ASN H 62 26.14 6.72 31.42
N SER H 63 26.75 7.74 30.80
CA SER H 63 27.74 8.59 31.45
C SER H 63 27.11 9.75 32.21
N VAL H 64 25.79 9.85 32.19
CA VAL H 64 25.07 10.97 32.79
C VAL H 64 24.02 10.42 33.74
N LYS H 65 23.93 9.09 33.80
CA LYS H 65 22.87 8.43 34.55
C LYS H 65 22.77 8.95 35.99
N GLY H 66 23.90 9.09 36.66
CA GLY H 66 23.87 9.43 38.08
C GLY H 66 24.07 10.88 38.42
N ARG H 67 24.48 11.70 37.45
CA ARG H 67 24.84 13.09 37.74
C ARG H 67 23.81 14.11 37.24
N PHE H 68 22.97 13.74 36.28
CA PHE H 68 22.01 14.68 35.72
C PHE H 68 20.58 14.34 36.17
N THR H 69 19.70 15.33 36.05
CA THR H 69 18.30 15.17 36.38
C THR H 69 17.48 16.09 35.50
N ILE H 70 16.22 15.71 35.27
CA ILE H 70 15.33 16.43 34.37
C ILE H 70 13.99 16.63 35.06
N SER H 71 13.41 17.81 34.90
CA SER H 71 12.13 18.12 35.50
C SER H 71 11.32 19.02 34.56
N ARG H 72 10.02 19.07 34.79
CA ARG H 72 9.08 19.83 33.98
C ARG H 72 8.42 20.92 34.80
N ASP H 73 7.91 21.94 34.12
CA ASP H 73 7.12 22.99 34.76
C ASP H 73 6.16 23.55 33.71
N SER H 74 4.90 23.14 33.78
CA SER H 74 3.91 23.60 32.81
C SER H 74 3.50 25.04 33.08
N ALA H 75 3.59 25.51 34.32
CA ALA H 75 3.21 26.88 34.62
C ALA H 75 4.06 27.87 33.84
N LYS H 76 5.37 27.65 33.78
CA LYS H 76 6.29 28.50 33.04
C LYS H 76 6.63 27.95 31.66
N ASN H 77 6.04 26.83 31.26
CA ASN H 77 6.34 26.21 29.97
C ASN H 77 7.84 25.99 29.81
N THR H 78 8.44 25.37 30.83
CA THR H 78 9.89 25.24 30.88
C THR H 78 10.30 23.87 31.40
N ALA H 79 11.28 23.28 30.73
CA ALA H 79 11.93 22.06 31.19
C ALA H 79 13.30 22.43 31.76
N TYR H 80 13.64 21.80 32.89
CA TYR H 80 14.87 22.11 33.59
C TYR H 80 15.78 20.89 33.61
N LEU H 81 17.05 21.11 33.28
CA LEU H 81 18.07 20.07 33.33
C LEU H 81 19.12 20.48 34.35
N GLN H 82 19.27 19.67 35.39
CA GLN H 82 20.25 19.93 36.44
C GLN H 82 21.42 18.98 36.29
N MET H 83 22.63 19.54 36.21
CA MET H 83 23.86 18.78 36.06
C MET H 83 24.71 19.00 37.31
N ASN H 84 25.12 17.91 37.94
CA ASN H 84 25.92 17.96 39.16
C ASN H 84 27.26 17.27 38.93
N ASN H 85 28.30 17.78 39.59
CA ASN H 85 29.64 17.23 39.48
C ASN H 85 30.10 17.17 38.03
N LEU H 86 30.18 18.35 37.41
CA LEU H 86 30.57 18.45 36.02
C LEU H 86 32.02 17.99 35.83
N LYS H 87 32.31 17.49 34.64
CA LYS H 87 33.61 16.96 34.29
C LYS H 87 34.11 17.62 33.02
N PRO H 88 35.42 17.59 32.78
CA PRO H 88 35.97 18.30 31.60
C PRO H 88 35.39 17.83 30.28
N GLU H 89 34.96 16.57 30.18
CA GLU H 89 34.43 16.05 28.92
C GLU H 89 32.98 16.45 28.68
N ASP H 90 32.39 17.25 29.57
CA ASP H 90 31.01 17.71 29.39
C ASP H 90 30.93 19.05 28.67
N THR H 91 32.05 19.60 28.23
CA THR H 91 32.05 20.87 27.51
C THR H 91 31.54 20.64 26.09
N ALA H 92 30.41 21.24 25.76
CA ALA H 92 29.80 21.07 24.45
C ALA H 92 28.63 22.04 24.32
N VAL H 93 27.91 21.94 23.22
CA VAL H 93 26.71 22.73 22.97
C VAL H 93 25.49 21.85 23.22
N TYR H 94 24.60 22.30 24.09
CA TYR H 94 23.39 21.56 24.45
C TYR H 94 22.19 22.16 23.73
N CYS H 95 21.39 21.30 23.11
CA CYS H 95 20.22 21.70 22.35
C CYS H 95 18.99 20.96 22.86
N CYS H 96 17.83 21.61 22.73
CA CYS H 96 16.57 21.10 23.23
C CYS H 96 15.61 20.88 22.07
N ALA H 97 14.96 19.72 22.05
CA ALA H 97 14.08 19.36 20.94
C ALA H 97 12.74 18.86 21.45
N PRO H 98 11.65 19.17 20.73
CA PRO H 98 10.32 18.70 21.14
C PRO H 98 9.93 17.39 20.47
N ALA H 99 8.92 16.75 21.05
CA ALA H 99 8.34 15.53 20.50
C ALA H 99 6.88 15.46 20.91
N ARG H 100 5.98 15.44 19.93
CA ARG H 100 4.55 15.46 20.22
C ARG H 100 4.13 14.16 20.90
N PHE H 101 3.63 14.26 22.12
CA PHE H 101 3.18 13.10 22.89
C PHE H 101 4.24 12.00 22.88
N GLY H 102 5.50 12.39 23.10
CA GLY H 102 6.57 11.42 23.11
C GLY H 102 6.58 10.60 24.38
N THR H 103 7.25 9.46 24.32
CA THR H 103 7.38 8.54 25.43
C THR H 103 8.66 8.76 26.24
N GLY H 104 9.43 9.80 25.92
CA GLY H 104 10.68 10.04 26.61
C GLY H 104 11.73 8.98 26.37
N SER H 105 11.88 8.52 25.13
CA SER H 105 12.85 7.50 24.77
C SER H 105 14.03 8.14 24.04
N ALA H 106 15.03 7.33 23.75
CA ALA H 106 16.23 7.77 23.06
C ALA H 106 16.11 7.75 21.55
N ALA H 107 15.02 7.20 21.01
CA ALA H 107 14.84 7.14 19.56
C ALA H 107 14.83 8.55 18.97
N ARG H 108 15.59 8.73 17.90
CA ARG H 108 15.72 10.04 17.26
C ARG H 108 14.67 10.29 16.19
N ASP H 109 13.87 9.28 15.83
CA ASP H 109 12.88 9.43 14.77
C ASP H 109 11.58 10.04 15.24
N GLU H 110 11.37 10.17 16.55
CA GLU H 110 10.15 10.76 17.09
C GLU H 110 10.33 12.20 17.53
N TYR H 111 11.48 12.80 17.26
CA TYR H 111 11.75 14.19 17.62
C TYR H 111 11.80 15.06 16.38
N ASP H 112 11.69 16.37 16.61
CA ASP H 112 11.78 17.35 15.55
C ASP H 112 13.17 17.97 15.55
N ASP H 113 13.42 18.87 14.59
CA ASP H 113 14.72 19.51 14.47
C ASP H 113 15.03 20.33 15.72
N CYS H 114 16.24 20.17 16.24
CA CYS H 114 16.66 20.93 17.39
C CYS H 114 16.89 22.39 17.00
N GLY H 115 16.77 23.27 17.99
CA GLY H 115 16.98 24.68 17.80
C GLY H 115 18.42 25.09 18.05
N GLN H 116 18.63 26.39 18.23
CA GLN H 116 19.94 26.92 18.54
C GLN H 116 20.20 26.74 20.03
N GLY H 117 21.28 26.04 20.35
CA GLY H 117 21.56 25.63 21.70
C GLY H 117 22.43 26.61 22.47
N THR H 118 22.90 26.15 23.63
CA THR H 118 23.76 26.95 24.50
C THR H 118 25.09 26.23 24.70
N GLN H 119 26.18 26.99 24.61
CA GLN H 119 27.52 26.46 24.80
C GLN H 119 27.89 26.45 26.27
N VAL H 120 28.43 25.33 26.75
CA VAL H 120 28.91 25.20 28.12
C VAL H 120 30.32 24.64 28.07
N THR H 121 31.20 25.20 28.90
CA THR H 121 32.60 24.79 28.96
C THR H 121 32.99 24.53 30.40
N VAL H 122 33.74 23.45 30.63
CA VAL H 122 34.21 23.08 31.95
C VAL H 122 35.73 23.14 31.96
N SER H 123 36.29 23.88 32.91
CA SER H 123 37.72 24.05 33.05
C SER H 123 38.23 23.23 34.22
N SER H 124 39.31 22.48 34.00
CA SER H 124 39.90 21.66 35.04
C SER H 124 40.41 22.52 36.19
N ALA I 1 19.57 -5.75 25.86
CA ALA I 1 18.30 -5.65 26.57
C ALA I 1 17.88 -4.19 26.74
N VAL I 2 17.39 -3.59 25.67
CA VAL I 2 16.93 -2.21 25.69
C VAL I 2 18.12 -1.26 25.73
N GLN I 3 18.89 -1.32 26.81
CA GLN I 3 20.06 -0.45 26.98
C GLN I 3 21.27 -1.30 27.29
N LEU I 4 22.26 -1.26 26.41
CA LEU I 4 23.50 -2.02 26.57
C LEU I 4 24.66 -1.06 26.77
N GLN I 5 25.54 -1.40 27.71
CA GLN I 5 26.72 -0.58 27.99
C GLN I 5 27.96 -1.47 27.98
N ALA I 6 28.98 -1.03 27.26
CA ALA I 6 30.23 -1.79 27.14
C ALA I 6 31.28 -1.26 28.10
N SER I 7 32.16 -2.15 28.54
CA SER I 7 33.23 -1.80 29.45
C SER I 7 34.33 -2.84 29.36
N GLY I 8 35.49 -2.51 29.93
CA GLY I 8 36.64 -3.38 29.93
C GLY I 8 37.81 -2.89 29.10
N GLY I 9 37.73 -1.69 28.54
CA GLY I 9 38.82 -1.17 27.73
C GLY I 9 40.02 -0.78 28.57
N GLY I 10 41.12 -0.53 27.87
CA GLY I 10 42.35 -0.16 28.53
C GLY I 10 43.51 -0.19 27.56
N LEU I 11 44.72 -0.11 28.13
CA LEU I 11 45.96 -0.13 27.36
C LEU I 11 46.61 -1.50 27.51
N VAL I 12 46.92 -2.14 26.38
CA VAL I 12 47.52 -3.47 26.37
C VAL I 12 48.68 -3.46 25.37
N GLN I 13 49.54 -4.46 25.52
CA GLN I 13 50.70 -4.62 24.66
C GLN I 13 50.39 -5.62 23.54
N ALA I 14 51.07 -5.44 22.40
CA ALA I 14 50.82 -6.30 21.26
C ALA I 14 51.06 -7.75 21.61
N GLY I 15 50.13 -8.62 21.20
CA GLY I 15 50.23 -10.04 21.48
C GLY I 15 49.53 -10.49 22.74
N ASP I 16 48.83 -9.61 23.44
CA ASP I 16 48.14 -9.95 24.68
C ASP I 16 46.66 -10.18 24.41
N SER I 17 45.94 -10.56 25.46
CA SER I 17 44.52 -10.84 25.39
C SER I 17 43.73 -9.80 26.20
N LEU I 18 42.46 -9.65 25.82
CA LEU I 18 41.59 -8.68 26.47
C LEU I 18 40.16 -9.18 26.47
N ARG I 19 39.43 -8.90 27.54
CA ARG I 19 38.05 -9.36 27.70
C ARG I 19 37.15 -8.15 27.92
N LEU I 20 36.19 -7.95 27.02
CA LEU I 20 35.25 -6.84 27.12
C LEU I 20 33.87 -7.37 27.50
N SER I 21 33.16 -6.61 28.34
CA SER I 21 31.87 -7.02 28.86
C SER I 21 30.81 -5.99 28.49
N CYS I 22 29.72 -6.45 27.89
CA CYS I 22 28.57 -5.61 27.56
C CYS I 22 27.41 -6.04 28.45
N ALA I 23 26.99 -5.14 29.34
CA ALA I 23 25.94 -5.41 30.30
C ALA I 23 24.62 -4.80 29.82
N ALA I 24 23.53 -5.53 30.05
CA ALA I 24 22.21 -5.12 29.60
C ALA I 24 21.38 -4.61 30.78
N SER I 25 20.45 -3.70 30.48
CA SER I 25 19.55 -3.15 31.47
C SER I 25 18.40 -2.46 30.76
N GLY I 26 17.24 -2.47 31.41
CA GLY I 26 16.04 -1.86 30.86
C GLY I 26 15.08 -2.82 30.18
N GLY I 27 15.32 -4.12 30.25
CA GLY I 27 14.43 -5.06 29.61
C GLY I 27 14.95 -6.47 29.77
N THR I 28 14.30 -7.40 29.06
CA THR I 28 14.69 -8.80 29.10
C THR I 28 15.89 -9.03 28.18
N PHE I 29 17.00 -9.50 28.76
CA PHE I 29 18.22 -9.67 27.98
C PHE I 29 18.15 -10.87 27.04
N SER I 30 17.23 -11.81 27.28
CA SER I 30 17.14 -13.00 26.45
C SER I 30 16.31 -12.78 25.19
N HIS I 31 15.73 -11.60 25.01
CA HIS I 31 14.93 -11.28 23.83
C HIS I 31 15.69 -10.47 22.79
N TYR I 32 16.98 -10.24 22.99
CA TYR I 32 17.75 -9.38 22.10
C TYR I 32 19.08 -10.03 21.76
N ALA I 33 19.63 -9.65 20.61
CA ALA I 33 20.97 -10.06 20.19
C ALA I 33 21.96 -8.94 20.47
N VAL I 34 23.24 -9.29 20.45
CA VAL I 34 24.32 -8.36 20.78
C VAL I 34 25.25 -8.27 19.59
N GLY I 35 25.57 -7.05 19.19
CA GLY I 35 26.53 -6.82 18.11
C GLY I 35 27.60 -5.85 18.54
N TRP I 36 28.82 -6.06 18.02
CA TRP I 36 29.97 -5.24 18.37
C TRP I 36 30.44 -4.45 17.16
N PHE I 37 30.77 -3.18 17.39
CA PHE I 37 31.26 -2.31 16.32
C PHE I 37 32.49 -1.56 16.78
N ARG I 38 33.37 -1.24 15.83
CA ARG I 38 34.57 -0.47 16.07
C ARG I 38 34.44 0.87 15.35
N GLN I 39 34.83 1.94 16.02
CA GLN I 39 34.72 3.29 15.46
C GLN I 39 36.01 3.73 14.77
N ALA I 40 37.16 3.48 15.39
CA ALA I 40 38.44 3.86 14.83
C ALA I 40 38.61 5.38 14.89
N PRO I 41 39.85 5.87 14.93
CA PRO I 41 40.05 7.32 15.09
C PRO I 41 39.50 8.13 13.93
N GLY I 42 39.91 7.82 12.71
CA GLY I 42 39.51 8.62 11.56
C GLY I 42 38.76 7.85 10.48
N LYS I 43 38.33 6.64 10.78
CA LYS I 43 37.58 5.82 9.85
C LYS I 43 36.13 5.70 10.30
N GLU I 44 35.34 4.98 9.52
CA GLU I 44 33.91 4.79 9.79
C GLU I 44 33.69 3.58 10.67
N ARG I 45 32.47 3.46 11.19
CA ARG I 45 32.12 2.33 12.04
C ARG I 45 32.09 1.04 11.24
N GLU I 46 32.60 -0.03 11.83
CA GLU I 46 32.68 -1.32 11.17
C GLU I 46 32.23 -2.43 12.11
N PHE I 47 31.51 -3.39 11.56
CA PHE I 47 31.06 -4.55 12.32
C PHE I 47 32.26 -5.41 12.73
N VAL I 48 32.13 -6.07 13.89
CA VAL I 48 33.21 -6.91 14.39
C VAL I 48 32.72 -8.33 14.62
N ALA I 49 31.72 -8.48 15.50
CA ALA I 49 31.20 -9.80 15.83
C ALA I 49 29.77 -9.65 16.34
N ALA I 50 29.03 -10.76 16.25
CA ALA I 50 27.63 -10.76 16.65
C ALA I 50 27.21 -12.16 17.04
N ILE I 51 26.23 -12.24 17.94
CA ILE I 51 25.69 -13.50 18.44
C ILE I 51 24.17 -13.39 18.49
N SER I 52 23.49 -14.49 18.16
CA SER I 52 22.04 -14.48 18.12
C SER I 52 21.47 -14.46 19.54
N TRP I 53 20.16 -14.24 19.63
CA TRP I 53 19.49 -14.13 20.92
C TRP I 53 19.54 -15.43 21.71
N SER I 54 19.69 -16.58 21.04
CA SER I 54 19.74 -17.87 21.70
C SER I 54 21.16 -18.42 21.83
N GLY I 55 22.15 -17.77 21.20
CA GLY I 55 23.51 -18.24 21.24
C GLY I 55 23.84 -19.36 20.27
N ARG I 56 22.88 -19.77 19.44
CA ARG I 56 23.10 -20.85 18.49
C ARG I 56 23.71 -20.38 17.18
N SER I 57 23.80 -19.07 16.96
CA SER I 57 24.37 -18.52 15.73
C SER I 57 25.36 -17.42 16.08
N THR I 58 26.50 -17.43 15.39
CA THR I 58 27.54 -16.44 15.62
C THR I 58 28.08 -15.97 14.28
N SER I 59 28.60 -14.74 14.26
CA SER I 59 29.18 -14.17 13.05
C SER I 59 30.38 -13.32 13.42
N PHE I 60 31.41 -13.36 12.59
CA PHE I 60 32.64 -12.63 12.81
C PHE I 60 33.08 -11.96 11.52
N ALA I 61 33.98 -10.99 11.67
CA ALA I 61 34.58 -10.33 10.50
C ALA I 61 35.63 -11.25 9.90
N ASN I 62 36.40 -10.73 8.95
CA ASN I 62 37.42 -11.53 8.28
C ASN I 62 38.81 -11.36 8.89
N SER I 63 39.11 -10.18 9.43
CA SER I 63 40.37 -9.92 10.11
C SER I 63 40.32 -10.30 11.59
N VAL I 64 39.18 -10.80 12.05
CA VAL I 64 38.96 -11.10 13.46
C VAL I 64 38.47 -12.54 13.58
N LYS I 65 38.31 -13.20 12.42
CA LYS I 65 37.70 -14.52 12.39
C LYS I 65 38.38 -15.49 13.35
N GLY I 66 39.71 -15.50 13.38
CA GLY I 66 40.43 -16.50 14.15
C GLY I 66 40.91 -16.07 15.52
N ARG I 67 40.86 -14.78 15.82
CA ARG I 67 41.43 -14.26 17.06
C ARG I 67 40.40 -13.86 18.11
N PHE I 68 39.16 -13.60 17.70
CA PHE I 68 38.14 -13.16 18.65
C PHE I 68 37.10 -14.25 18.88
N THR I 69 36.36 -14.11 19.99
CA THR I 69 35.31 -15.04 20.35
C THR I 69 34.24 -14.28 21.13
N ILE I 70 33.01 -14.79 21.07
CA ILE I 70 31.86 -14.13 21.69
C ILE I 70 31.07 -15.16 22.47
N SER I 71 30.61 -14.77 23.66
CA SER I 71 29.83 -15.67 24.50
C SER I 71 28.75 -14.87 25.22
N ARG I 72 27.75 -15.58 25.72
CA ARG I 72 26.60 -14.99 26.40
C ARG I 72 26.55 -15.47 27.85
N ASP I 73 25.85 -14.70 28.68
CA ASP I 73 25.59 -15.10 30.07
C ASP I 73 24.30 -14.41 30.50
N SER I 74 23.21 -15.18 30.53
CA SER I 74 21.91 -14.63 30.90
C SER I 74 21.81 -14.40 32.40
N ALA I 75 22.57 -15.15 33.21
CA ALA I 75 22.52 -14.97 34.65
C ALA I 75 22.95 -13.56 35.04
N LYS I 76 24.03 -13.06 34.44
CA LYS I 76 24.52 -11.73 34.70
C LYS I 76 24.07 -10.71 33.66
N ASN I 77 23.26 -11.12 32.69
CA ASN I 77 22.82 -10.22 31.62
C ASN I 77 24.02 -9.56 30.94
N THR I 78 24.99 -10.37 30.55
CA THR I 78 26.25 -9.87 30.04
C THR I 78 26.72 -10.70 28.85
N ALA I 79 27.19 -9.99 27.82
CA ALA I 79 27.87 -10.61 26.69
C ALA I 79 29.36 -10.35 26.81
N TYR I 80 30.16 -11.37 26.52
CA TYR I 80 31.61 -11.29 26.67
C TYR I 80 32.28 -11.44 25.32
N LEU I 81 33.23 -10.55 25.04
CA LEU I 81 34.04 -10.60 23.83
C LEU I 81 35.49 -10.80 24.23
N GLN I 82 36.08 -11.91 23.80
CA GLN I 82 37.46 -12.24 24.11
C GLN I 82 38.31 -12.03 22.86
N MET I 83 39.36 -11.22 23.00
CA MET I 83 40.27 -10.91 21.92
C MET I 83 41.65 -11.47 22.27
N ASN I 84 42.22 -12.26 21.37
CA ASN I 84 43.52 -12.87 21.59
C ASN I 84 44.49 -12.42 20.52
N ASN I 85 45.76 -12.30 20.89
CA ASN I 85 46.83 -11.88 19.98
C ASN I 85 46.48 -10.55 19.33
N LEU I 86 46.35 -9.52 20.16
CA LEU I 86 46.00 -8.20 19.67
C LEU I 86 47.12 -7.63 18.80
N LYS I 87 46.72 -6.78 17.87
CA LYS I 87 47.62 -6.17 16.90
C LYS I 87 47.47 -4.66 16.94
N PRO I 88 48.48 -3.93 16.45
CA PRO I 88 48.44 -2.46 16.54
C PRO I 88 47.23 -1.85 15.86
N GLU I 89 46.69 -2.47 14.82
CA GLU I 89 45.56 -1.91 14.08
C GLU I 89 44.22 -2.15 14.78
N ASP I 90 44.23 -2.78 15.95
CA ASP I 90 43.00 -3.02 16.71
C ASP I 90 42.69 -1.90 17.70
N THR I 91 43.49 -0.85 17.74
CA THR I 91 43.25 0.27 18.64
C THR I 91 42.08 1.10 18.12
N ALA I 92 41.00 1.14 18.88
CA ALA I 92 39.80 1.87 18.47
C ALA I 92 38.82 1.89 19.63
N VAL I 93 37.63 2.43 19.38
CA VAL I 93 36.54 2.46 20.36
C VAL I 93 35.54 1.38 19.99
N TYR I 94 35.25 0.49 20.94
CA TYR I 94 34.32 -0.62 20.75
C TYR I 94 32.99 -0.28 21.40
N CYS I 95 31.90 -0.49 20.64
CA CYS I 95 30.56 -0.19 21.09
C CYS I 95 29.69 -1.43 20.93
N CYS I 96 28.69 -1.54 21.82
CA CYS I 96 27.79 -2.69 21.89
C CYS I 96 26.38 -2.25 21.57
N ALA I 97 25.69 -3.01 20.71
CA ALA I 97 24.35 -2.64 20.28
C ALA I 97 23.40 -3.83 20.39
N PRO I 98 22.13 -3.58 20.74
CA PRO I 98 21.15 -4.66 20.83
C PRO I 98 20.36 -4.83 19.54
N ALA I 99 19.72 -6.01 19.44
CA ALA I 99 18.83 -6.32 18.33
C ALA I 99 17.77 -7.30 18.83
N ARG I 100 16.50 -6.90 18.73
CA ARG I 100 15.43 -7.72 19.26
C ARG I 100 15.28 -8.99 18.43
N PHE I 101 15.47 -10.14 19.07
CA PHE I 101 15.36 -11.44 18.41
C PHE I 101 16.16 -11.47 17.11
N GLY I 102 17.38 -10.94 17.17
CA GLY I 102 18.24 -10.92 15.99
C GLY I 102 18.80 -12.28 15.67
N THR I 103 19.25 -12.42 14.42
CA THR I 103 19.83 -13.66 13.93
C THR I 103 21.35 -13.67 14.03
N GLY I 104 21.95 -12.65 14.63
CA GLY I 104 23.39 -12.58 14.72
C GLY I 104 24.08 -12.40 13.38
N SER I 105 23.55 -11.55 12.53
CA SER I 105 24.11 -11.28 11.22
C SER I 105 24.82 -9.92 11.21
N ALA I 106 25.46 -9.62 10.09
CA ALA I 106 26.19 -8.37 9.93
C ALA I 106 25.33 -7.22 9.44
N ALA I 107 24.07 -7.47 9.08
CA ALA I 107 23.20 -6.42 8.61
C ALA I 107 23.02 -5.35 9.68
N ARG I 108 23.15 -4.08 9.28
CA ARG I 108 23.06 -2.97 10.21
C ARG I 108 21.64 -2.45 10.39
N ASP I 109 20.68 -2.93 9.59
CA ASP I 109 19.32 -2.42 9.66
C ASP I 109 18.48 -3.09 10.73
N GLU I 110 18.98 -4.16 11.36
CA GLU I 110 18.24 -4.87 12.40
C GLU I 110 18.76 -4.53 13.80
N TYR I 111 19.66 -3.57 13.92
CA TYR I 111 20.21 -3.15 15.20
C TYR I 111 19.70 -1.77 15.58
N ASP I 112 19.85 -1.45 16.85
CA ASP I 112 19.48 -0.13 17.37
C ASP I 112 20.75 0.72 17.53
N ASP I 113 20.55 1.97 17.94
CA ASP I 113 21.68 2.87 18.10
C ASP I 113 22.64 2.35 19.17
N CYS I 114 23.93 2.38 18.85
CA CYS I 114 24.95 1.96 19.79
C CYS I 114 25.08 2.98 20.91
N GLY I 115 25.55 2.51 22.06
CA GLY I 115 25.77 3.36 23.21
C GLY I 115 27.17 3.93 23.24
N GLN I 116 27.55 4.43 24.41
CA GLN I 116 28.89 4.96 24.62
C GLN I 116 29.85 3.80 24.87
N GLY I 117 30.87 3.70 24.03
CA GLY I 117 31.75 2.54 24.03
C GLY I 117 32.97 2.72 24.92
N THR I 118 33.91 1.79 24.75
CA THR I 118 35.16 1.80 25.50
C THR I 118 36.34 1.88 24.54
N GLN I 119 37.30 2.74 24.88
CA GLN I 119 38.51 2.93 24.08
C GLN I 119 39.55 1.89 24.46
N VAL I 120 40.15 1.25 23.45
CA VAL I 120 41.24 0.31 23.64
C VAL I 120 42.38 0.70 22.72
N THR I 121 43.60 0.65 23.24
CA THR I 121 44.80 1.01 22.49
C THR I 121 45.84 -0.09 22.62
N VAL I 122 46.50 -0.42 21.51
CA VAL I 122 47.53 -1.45 21.47
C VAL I 122 48.84 -0.78 21.09
N SER I 123 49.88 -1.00 21.91
CA SER I 123 51.19 -0.43 21.70
C SER I 123 52.14 -1.51 21.21
N SER I 124 52.89 -1.20 20.14
CA SER I 124 53.85 -2.14 19.57
C SER I 124 54.95 -2.47 20.58
N ALA J 1 29.22 -14.99 -2.26
CA ALA J 1 28.51 -16.05 -1.56
C ALA J 1 28.37 -15.74 -0.07
N VAL J 2 27.45 -14.82 0.24
CA VAL J 2 27.20 -14.44 1.63
C VAL J 2 28.33 -13.58 2.15
N GLN J 3 29.54 -14.14 2.23
CA GLN J 3 30.70 -13.42 2.74
C GLN J 3 31.84 -13.53 1.73
N LEU J 4 32.25 -12.38 1.19
CA LEU J 4 33.32 -12.31 0.20
C LEU J 4 34.51 -11.58 0.80
N GLN J 5 35.71 -12.11 0.56
CA GLN J 5 36.93 -11.49 1.04
C GLN J 5 37.92 -11.35 -0.10
N ALA J 6 38.49 -10.17 -0.26
CA ALA J 6 39.42 -9.88 -1.33
C ALA J 6 40.86 -9.98 -0.83
N SER J 7 41.75 -10.35 -1.75
CA SER J 7 43.17 -10.47 -1.43
C SER J 7 43.97 -10.38 -2.72
N GLY J 8 45.28 -10.22 -2.56
CA GLY J 8 46.20 -10.11 -3.68
C GLY J 8 46.84 -8.75 -3.84
N GLY J 9 46.59 -7.81 -2.93
CA GLY J 9 47.18 -6.49 -3.05
C GLY J 9 48.67 -6.50 -2.77
N GLY J 10 49.29 -5.37 -3.09
CA GLY J 10 50.72 -5.22 -2.89
C GLY J 10 51.23 -3.97 -3.57
N LEU J 11 52.55 -3.89 -3.66
CA LEU J 11 53.24 -2.77 -4.29
C LEU J 11 53.76 -3.20 -5.65
N VAL J 12 53.40 -2.44 -6.68
CA VAL J 12 53.79 -2.74 -8.05
C VAL J 12 54.29 -1.46 -8.71
N GLN J 13 55.02 -1.65 -9.81
CA GLN J 13 55.58 -0.54 -10.57
C GLN J 13 54.66 -0.20 -11.75
N ALA J 14 54.69 1.06 -12.15
CA ALA J 14 53.84 1.52 -13.24
C ALA J 14 54.09 0.70 -14.50
N GLY J 15 53.00 0.27 -15.15
CA GLY J 15 53.08 -0.52 -16.35
C GLY J 15 53.09 -2.01 -16.15
N ASP J 16 52.89 -2.49 -14.92
CA ASP J 16 52.89 -3.91 -14.63
C ASP J 16 51.45 -4.41 -14.50
N SER J 17 51.32 -5.72 -14.28
CA SER J 17 50.03 -6.38 -14.14
C SER J 17 49.85 -6.91 -12.73
N LEU J 18 48.59 -7.08 -12.34
CA LEU J 18 48.26 -7.54 -11.00
C LEU J 18 46.96 -8.35 -11.05
N ARG J 19 46.90 -9.40 -10.23
CA ARG J 19 45.75 -10.29 -10.19
C ARG J 19 45.20 -10.33 -8.77
N LEU J 20 43.95 -9.92 -8.62
CA LEU J 20 43.27 -9.92 -7.32
C LEU J 20 42.24 -11.03 -7.28
N SER J 21 42.11 -11.67 -6.12
CA SER J 21 41.21 -12.80 -5.94
C SER J 21 40.22 -12.50 -4.83
N CYS J 22 38.93 -12.68 -5.12
CA CYS J 22 37.86 -12.53 -4.15
C CYS J 22 37.26 -13.91 -3.90
N ALA J 23 37.43 -14.41 -2.69
CA ALA J 23 36.97 -15.75 -2.31
C ALA J 23 35.65 -15.64 -1.55
N ALA J 24 34.76 -16.60 -1.81
CA ALA J 24 33.43 -16.62 -1.21
C ALA J 24 33.34 -17.69 -0.14
N SER J 25 32.49 -17.44 0.86
CA SER J 25 32.26 -18.39 1.94
C SER J 25 30.97 -18.00 2.65
N GLY J 26 30.29 -19.01 3.20
CA GLY J 26 29.05 -18.81 3.90
C GLY J 26 27.79 -19.07 3.10
N GLY J 27 27.91 -19.59 1.88
CA GLY J 27 26.74 -19.85 1.07
C GLY J 27 27.14 -20.36 -0.29
N THR J 28 26.14 -20.45 -1.18
CA THR J 28 26.37 -20.93 -2.53
C THR J 28 26.92 -19.80 -3.38
N PHE J 29 28.12 -19.99 -3.93
CA PHE J 29 28.77 -18.94 -4.71
C PHE J 29 28.13 -18.73 -6.07
N SER J 30 27.38 -19.70 -6.57
CA SER J 30 26.76 -19.58 -7.88
C SER J 30 25.44 -18.82 -7.87
N HIS J 31 24.97 -18.41 -6.69
CA HIS J 31 23.71 -17.68 -6.57
C HIS J 31 23.92 -16.18 -6.41
N TYR J 32 25.16 -15.70 -6.50
CA TYR J 32 25.45 -14.29 -6.25
C TYR J 32 26.38 -13.74 -7.33
N ALA J 33 26.32 -12.43 -7.51
CA ALA J 33 27.21 -11.71 -8.40
C ALA J 33 28.31 -11.04 -7.59
N VAL J 34 29.38 -10.64 -8.28
CA VAL J 34 30.55 -10.05 -7.65
C VAL J 34 30.78 -8.67 -8.23
N GLY J 35 30.97 -7.69 -7.35
CA GLY J 35 31.28 -6.34 -7.78
C GLY J 35 32.51 -5.81 -7.07
N TRP J 36 33.27 -4.98 -7.77
CA TRP J 36 34.51 -4.43 -7.26
C TRP J 36 34.39 -2.92 -7.08
N PHE J 37 34.90 -2.43 -5.96
CA PHE J 37 34.87 -1.00 -5.68
C PHE J 37 36.24 -0.53 -5.20
N ARG J 38 36.54 0.73 -5.48
CA ARG J 38 37.77 1.38 -5.05
C ARG J 38 37.43 2.48 -4.06
N GLN J 39 38.20 2.56 -2.97
CA GLN J 39 37.95 3.54 -1.92
C GLN J 39 38.74 4.82 -2.12
N ALA J 40 40.03 4.70 -2.47
CA ALA J 40 40.89 5.85 -2.68
C ALA J 40 41.22 6.51 -1.34
N PRO J 41 42.35 7.21 -1.24
CA PRO J 41 42.72 7.79 0.06
C PRO J 41 41.74 8.84 0.56
N GLY J 42 41.46 9.86 -0.24
CA GLY J 42 40.61 10.95 0.21
C GLY J 42 39.37 11.17 -0.62
N LYS J 43 39.04 10.22 -1.48
CA LYS J 43 37.85 10.31 -2.32
C LYS J 43 36.81 9.29 -1.86
N GLU J 44 35.67 9.28 -2.54
CA GLU J 44 34.56 8.40 -2.20
C GLU J 44 34.70 7.06 -2.94
N ARG J 45 33.89 6.10 -2.53
CA ARG J 45 33.91 4.78 -3.15
C ARG J 45 33.37 4.87 -4.57
N GLU J 46 34.01 4.13 -5.49
CA GLU J 46 33.63 4.16 -6.89
C GLU J 46 33.61 2.74 -7.44
N PHE J 47 32.62 2.47 -8.29
CA PHE J 47 32.51 1.17 -8.96
C PHE J 47 33.66 0.97 -9.93
N VAL J 48 34.07 -0.29 -10.11
CA VAL J 48 35.17 -0.60 -11.01
C VAL J 48 34.73 -1.60 -12.06
N ALA J 49 34.29 -2.77 -11.63
CA ALA J 49 33.89 -3.82 -12.55
C ALA J 49 32.93 -4.76 -11.85
N ALA J 50 32.14 -5.48 -12.65
CA ALA J 50 31.13 -6.38 -12.12
C ALA J 50 30.84 -7.48 -13.13
N ILE J 51 30.44 -8.64 -12.61
CA ILE J 51 30.10 -9.80 -13.44
C ILE J 51 28.84 -10.44 -12.89
N SER J 52 27.98 -10.92 -13.79
CA SER J 52 26.71 -11.50 -13.38
C SER J 52 26.93 -12.86 -12.72
N TRP J 53 25.85 -13.39 -12.12
CA TRP J 53 25.93 -14.66 -11.41
C TRP J 53 26.25 -15.82 -12.33
N SER J 54 25.94 -15.71 -13.62
CA SER J 54 26.21 -16.78 -14.57
C SER J 54 27.44 -16.51 -15.44
N GLY J 55 28.03 -15.32 -15.34
CA GLY J 55 29.19 -14.99 -16.15
C GLY J 55 28.88 -14.55 -17.56
N ARG J 56 27.61 -14.47 -17.93
CA ARG J 56 27.22 -14.08 -19.28
C ARG J 56 27.14 -12.57 -19.47
N SER J 57 27.23 -11.79 -18.39
CA SER J 57 27.15 -10.33 -18.46
C SER J 57 28.28 -9.73 -17.64
N THR J 58 28.92 -8.70 -18.19
CA THR J 58 30.02 -8.02 -17.53
C THR J 58 29.86 -6.53 -17.71
N SER J 59 30.41 -5.77 -16.77
CA SER J 59 30.35 -4.32 -16.82
C SER J 59 31.66 -3.76 -16.27
N PHE J 60 32.12 -2.67 -16.88
CA PHE J 60 33.37 -2.02 -16.51
C PHE J 60 33.17 -0.51 -16.46
N ALA J 61 34.09 0.17 -15.80
CA ALA J 61 34.10 1.62 -15.75
C ALA J 61 34.63 2.16 -17.09
N ASN J 62 34.86 3.47 -17.15
CA ASN J 62 35.33 4.08 -18.38
C ASN J 62 36.85 4.25 -18.43
N SER J 63 37.49 4.45 -17.28
CA SER J 63 38.94 4.53 -17.18
C SER J 63 39.59 3.17 -17.01
N VAL J 64 38.79 2.10 -16.98
CA VAL J 64 39.29 0.75 -16.73
C VAL J 64 38.79 -0.15 -17.85
N LYS J 65 38.01 0.42 -18.76
CA LYS J 65 37.36 -0.37 -19.80
C LYS J 65 38.33 -1.27 -20.55
N GLY J 66 39.49 -0.74 -20.93
CA GLY J 66 40.39 -1.50 -21.78
C GLY J 66 41.54 -2.21 -21.08
N ARG J 67 41.76 -1.91 -19.80
CA ARG J 67 42.91 -2.45 -19.09
C ARG J 67 42.58 -3.55 -18.10
N PHE J 68 41.33 -3.64 -17.63
CA PHE J 68 40.96 -4.63 -16.64
C PHE J 68 40.08 -5.72 -17.24
N THR J 69 40.02 -6.85 -16.53
CA THR J 69 39.20 -7.98 -16.94
C THR J 69 38.75 -8.71 -15.70
N ILE J 70 37.61 -9.40 -15.83
CA ILE J 70 36.99 -10.10 -14.70
C ILE J 70 36.59 -11.50 -15.14
N SER J 71 36.82 -12.48 -14.27
CA SER J 71 36.49 -13.86 -14.56
C SER J 71 36.00 -14.56 -13.30
N ARG J 72 35.31 -15.68 -13.49
CA ARG J 72 34.73 -16.44 -12.41
C ARG J 72 35.36 -17.83 -12.34
N ASP J 73 35.24 -18.47 -11.17
CA ASP J 73 35.66 -19.85 -11.00
C ASP J 73 34.83 -20.45 -9.86
N SER J 74 33.83 -21.25 -10.24
CA SER J 74 32.95 -21.85 -9.24
C SER J 74 33.64 -23.00 -8.51
N ALA J 75 34.61 -23.65 -9.14
CA ALA J 75 35.31 -24.75 -8.49
C ALA J 75 36.00 -24.29 -7.22
N LYS J 76 36.68 -23.14 -7.28
CA LYS J 76 37.37 -22.57 -6.13
C LYS J 76 36.56 -21.49 -5.42
N ASN J 77 35.34 -21.22 -5.88
CA ASN J 77 34.50 -20.16 -5.31
C ASN J 77 35.26 -18.83 -5.27
N THR J 78 35.81 -18.47 -6.42
CA THR J 78 36.70 -17.31 -6.50
C THR J 78 36.44 -16.52 -7.77
N ALA J 79 36.39 -15.20 -7.62
CA ALA J 79 36.35 -14.27 -8.73
C ALA J 79 37.73 -13.63 -8.89
N TYR J 80 38.18 -13.49 -10.13
CA TYR J 80 39.51 -12.99 -10.42
C TYR J 80 39.41 -11.69 -11.19
N LEU J 81 40.17 -10.68 -10.75
CA LEU J 81 40.25 -9.39 -11.43
C LEU J 81 41.69 -9.20 -11.90
N GLN J 82 41.87 -9.09 -13.21
CA GLN J 82 43.18 -8.89 -13.81
C GLN J 82 43.32 -7.45 -14.27
N MET J 83 44.36 -6.78 -13.80
CA MET J 83 44.65 -5.39 -14.14
C MET J 83 45.95 -5.34 -14.91
N ASN J 84 45.93 -4.72 -16.10
CA ASN J 84 47.11 -4.62 -16.94
C ASN J 84 47.45 -3.15 -17.17
N ASN J 85 48.74 -2.88 -17.30
CA ASN J 85 49.24 -1.53 -17.54
C ASN J 85 48.73 -0.57 -16.45
N LEU J 86 49.14 -0.85 -15.22
CA LEU J 86 48.72 -0.04 -14.09
C LEU J 86 49.29 1.36 -14.19
N LYS J 87 48.57 2.32 -13.61
CA LYS J 87 48.91 3.72 -13.65
C LYS J 87 48.95 4.28 -12.23
N PRO J 88 49.63 5.40 -12.03
CA PRO J 88 49.77 5.94 -10.67
C PRO J 88 48.45 6.24 -9.99
N GLU J 89 47.42 6.60 -10.74
CA GLU J 89 46.13 6.94 -10.15
C GLU J 89 45.30 5.73 -9.76
N ASP J 90 45.83 4.52 -9.93
CA ASP J 90 45.13 3.30 -9.55
C ASP J 90 45.46 2.86 -8.13
N THR J 91 46.26 3.61 -7.40
CA THR J 91 46.60 3.26 -6.03
C THR J 91 45.41 3.55 -5.12
N ALA J 92 44.87 2.50 -4.51
CA ALA J 92 43.69 2.64 -3.66
C ALA J 92 43.42 1.31 -2.97
N VAL J 93 42.33 1.25 -2.22
CA VAL J 93 41.88 0.02 -1.56
C VAL J 93 40.73 -0.56 -2.37
N TYR J 94 40.88 -1.83 -2.77
CA TYR J 94 39.88 -2.54 -3.56
C TYR J 94 39.08 -3.47 -2.67
N CYS J 95 37.75 -3.40 -2.79
CA CYS J 95 36.84 -4.21 -1.99
C CYS J 95 35.90 -4.98 -2.91
N CYS J 96 35.46 -6.14 -2.42
CA CYS J 96 34.63 -7.07 -3.18
C CYS J 96 33.29 -7.22 -2.48
N ALA J 97 32.19 -7.13 -3.25
CA ALA J 97 30.86 -7.20 -2.68
C ALA J 97 29.99 -8.18 -3.43
N PRO J 98 29.09 -8.88 -2.73
CA PRO J 98 28.19 -9.83 -3.39
C PRO J 98 26.85 -9.21 -3.75
N ALA J 99 26.15 -9.89 -4.66
CA ALA J 99 24.79 -9.50 -5.05
C ALA J 99 24.04 -10.76 -5.46
N ARG J 100 22.94 -11.06 -4.76
CA ARG J 100 22.19 -12.28 -5.03
C ARG J 100 21.54 -12.21 -6.40
N PHE J 101 21.92 -13.14 -7.28
CA PHE J 101 21.36 -13.21 -8.63
C PHE J 101 21.41 -11.84 -9.31
N GLY J 102 22.54 -11.16 -9.17
CA GLY J 102 22.69 -9.85 -9.78
C GLY J 102 22.89 -9.95 -11.28
N THR J 103 22.64 -8.82 -11.94
CA THR J 103 22.79 -8.71 -13.39
C THR J 103 24.15 -8.16 -13.80
N GLY J 104 25.06 -7.95 -12.85
CA GLY J 104 26.36 -7.39 -13.18
C GLY J 104 26.30 -5.96 -13.66
N SER J 105 25.49 -5.12 -13.01
CA SER J 105 25.35 -3.72 -13.37
C SER J 105 26.08 -2.85 -12.35
N ALA J 106 26.10 -1.54 -12.64
CA ALA J 106 26.77 -0.58 -11.78
C ALA J 106 25.89 -0.06 -10.66
N ALA J 107 24.59 -0.41 -10.65
CA ALA J 107 23.71 0.06 -9.59
C ALA J 107 24.19 -0.41 -8.23
N ARG J 108 24.22 0.50 -7.27
CA ARG J 108 24.70 0.20 -5.93
C ARG J 108 23.61 -0.31 -5.00
N ASP J 109 22.35 -0.28 -5.42
CA ASP J 109 21.25 -0.68 -4.55
C ASP J 109 21.00 -2.18 -4.56
N GLU J 110 21.64 -2.94 -5.46
CA GLU J 110 21.46 -4.38 -5.53
C GLU J 110 22.64 -5.14 -4.92
N TYR J 111 23.57 -4.44 -4.27
CA TYR J 111 24.71 -5.08 -3.64
C TYR J 111 24.59 -4.98 -2.12
N ASP J 112 25.38 -5.82 -1.44
CA ASP J 112 25.45 -5.81 0.01
C ASP J 112 26.69 -5.05 0.47
N ASP J 113 26.85 -4.94 1.78
CA ASP J 113 27.98 -4.20 2.33
C ASP J 113 29.29 -4.88 1.93
N CYS J 114 30.25 -4.07 1.48
CA CYS J 114 31.55 -4.58 1.12
C CYS J 114 32.33 -4.99 2.38
N GLY J 115 33.26 -5.91 2.21
CA GLY J 115 34.09 -6.38 3.29
C GLY J 115 35.37 -5.58 3.40
N GLN J 116 36.33 -6.14 4.13
CA GLN J 116 37.64 -5.52 4.29
C GLN J 116 38.47 -5.82 3.06
N GLY J 117 38.94 -4.76 2.39
CA GLY J 117 39.59 -4.88 1.10
C GLY J 117 41.09 -5.01 1.20
N THR J 118 41.74 -4.89 0.05
CA THR J 118 43.19 -4.96 -0.06
C THR J 118 43.74 -3.66 -0.64
N GLN J 119 44.82 -3.17 -0.03
CA GLN J 119 45.47 -1.95 -0.47
C GLN J 119 46.47 -2.25 -1.58
N VAL J 120 46.42 -1.46 -2.65
CA VAL J 120 47.38 -1.57 -3.76
C VAL J 120 47.93 -0.18 -4.04
N THR J 121 49.24 -0.11 -4.27
CA THR J 121 49.93 1.14 -4.53
C THR J 121 50.78 1.00 -5.78
N VAL J 122 50.76 2.02 -6.63
CA VAL J 122 51.54 2.05 -7.86
C VAL J 122 52.56 3.19 -7.76
N SER J 123 53.82 2.87 -7.99
CA SER J 123 54.91 3.84 -7.92
C SER J 123 55.39 4.16 -9.32
N SER J 124 55.52 5.46 -9.62
CA SER J 124 55.99 5.91 -10.92
C SER J 124 57.40 5.41 -11.21
C1 NAG K . 5.37 -4.82 -32.55
C2 NAG K . 6.29 -5.10 -33.74
C3 NAG K . 6.05 -4.07 -34.84
C4 NAG K . 4.57 -3.96 -35.19
C5 NAG K . 3.70 -3.84 -33.93
C6 NAG K . 2.22 -3.99 -34.22
C7 NAG K . 8.51 -6.12 -33.53
C8 NAG K . 7.92 -7.31 -34.23
N2 NAG K . 7.68 -5.09 -33.33
O3 NAG K . 6.80 -4.43 -35.99
O4 NAG K . 4.40 -2.78 -35.96
O5 NAG K . 4.03 -4.87 -32.99
O6 NAG K . 1.82 -5.35 -34.20
O7 NAG K . 9.69 -6.08 -33.18
C1 NAG K . 3.43 -2.85 -37.04
C2 NAG K . 3.42 -4.24 -37.68
C3 NAG K . 2.35 -4.30 -38.78
C4 NAG K . 0.99 -3.87 -38.22
C5 NAG K . 1.11 -2.50 -37.57
C6 NAG K . -0.18 -2.06 -36.90
C7 NAG K . 5.20 -5.82 -38.31
C8 NAG K . 4.29 -6.89 -37.79
N2 NAG K . 4.73 -4.57 -38.23
O3 NAG K . 2.26 -5.63 -39.29
O4 NAG K . 0.04 -3.82 -39.27
O5 NAG K . 2.12 -2.53 -36.55
O6 NAG K . 0.03 -0.89 -36.11
O7 NAG K . 6.30 -6.07 -38.78
C1 NAG L . -12.05 26.29 -16.60
C2 NAG L . -11.88 27.50 -17.50
C3 NAG L . -12.53 28.72 -16.87
C4 NAG L . -13.97 28.43 -16.46
C5 NAG L . -14.09 27.11 -15.70
C6 NAG L . -15.52 26.66 -15.49
C7 NAG L . -9.95 27.83 -18.99
C8 NAG L . -10.91 27.63 -20.12
N2 NAG L . -10.46 27.76 -17.76
O3 NAG L . -12.50 29.81 -17.79
O4 NAG L . -14.40 29.48 -15.60
O5 NAG L . -13.42 26.05 -16.39
O6 NAG L . -15.97 25.90 -16.59
O7 NAG L . -8.76 28.05 -19.18
C1 NAG L . -15.78 29.92 -15.74
C2 NAG L . -16.24 29.83 -17.21
C3 NAG L . -17.70 30.23 -17.31
C4 NAG L . -18.56 29.41 -16.36
C5 NAG L . -18.01 29.52 -14.94
C6 NAG L . -18.74 28.64 -13.96
C7 NAG L . -15.16 30.40 -19.35
C8 NAG L . -15.78 29.14 -19.88
N2 NAG L . -15.42 30.68 -18.06
O3 NAG L . -18.16 30.06 -18.66
O4 NAG L . -19.91 29.88 -16.38
O5 NAG L . -16.64 29.10 -14.91
O6 NAG L . -18.07 28.57 -12.71
O7 NAG L . -14.48 31.13 -20.04
C1 NAG M . -16.24 19.49 21.63
C2 NAG M . -16.42 20.80 22.39
C3 NAG M . -16.56 20.54 23.88
C4 NAG M . -17.64 19.50 24.17
C5 NAG M . -17.46 18.27 23.26
C6 NAG M . -18.64 17.31 23.33
C7 NAG M . -15.48 22.95 21.64
C8 NAG M . -16.89 23.36 21.37
N2 NAG M . -15.31 21.71 22.12
O3 NAG M . -16.90 21.76 24.54
O4 NAG M . -17.47 19.08 25.52
O5 NAG M . -17.35 18.65 21.89
O6 NAG M . -19.65 17.67 22.41
O7 NAG M . -14.53 23.69 21.43
C1 NAG M . -18.69 18.80 26.26
C2 NAG M . -19.82 19.74 25.83
C3 NAG M . -21.11 19.38 26.57
C4 NAG M . -21.44 17.90 26.39
C5 NAG M . -20.25 17.04 26.80
C6 NAG M . -20.47 15.57 26.54
C7 NAG M . -19.92 22.14 25.34
C8 NAG M . -20.83 21.77 24.20
N2 NAG M . -19.47 21.12 26.07
O3 NAG M . -22.18 20.18 26.10
O4 NAG M . -22.56 17.55 27.19
O5 NAG M . -19.10 17.42 26.05
O6 NAG M . -19.27 14.83 26.71
O7 NAG M . -19.60 23.31 25.57
C1 NAG N . -1.41 -15.82 29.32
C2 NAG N . -1.08 -15.93 30.80
C3 NAG N . -0.48 -17.31 31.09
C4 NAG N . -1.36 -18.43 30.54
C5 NAG N . -1.77 -18.16 29.10
C6 NAG N . -2.84 -19.12 28.61
C7 NAG N . -0.44 -14.03 32.20
C8 NAG N . -1.76 -14.23 32.90
N2 NAG N . -0.17 -14.88 31.20
O3 NAG N . -0.32 -17.45 32.50
O4 NAG N . -0.57 -19.63 30.57
O5 NAG N . -2.32 -16.85 28.96
O6 NAG N . -4.14 -18.65 28.92
O7 NAG N . 0.35 -13.15 32.54
C1 NAG N . -1.28 -20.85 30.91
C2 NAG N . -2.39 -20.58 31.95
C3 NAG N . -3.16 -21.87 32.23
C4 NAG N . -3.68 -22.49 30.95
C5 NAG N . -2.52 -22.69 29.97
C6 NAG N . -2.97 -23.21 28.62
C7 NAG N . -2.49 -19.19 33.98
C8 NAG N . -3.87 -18.82 33.53
N2 NAG N . -1.82 -20.04 33.18
O3 NAG N . -4.25 -21.59 33.11
O4 NAG N . -4.28 -23.75 31.22
O5 NAG N . -1.86 -21.43 29.73
O6 NAG N . -1.92 -23.15 27.66
O7 NAG N . -2.00 -18.74 35.00
C1 NAG O . 11.95 -30.85 -4.18
C2 NAG O . 12.96 -31.94 -3.89
C3 NAG O . 13.51 -32.52 -5.20
C4 NAG O . 12.38 -32.92 -6.14
C5 NAG O . 11.32 -31.83 -6.26
C6 NAG O . 10.06 -32.28 -6.97
C7 NAG O . 14.39 -31.99 -1.89
C8 NAG O . 13.59 -33.18 -1.47
N2 NAG O . 14.05 -31.45 -3.06
O3 NAG O . 14.33 -33.64 -4.92
O4 NAG O . 12.95 -33.13 -7.43
O5 NAG O . 10.90 -31.37 -4.95
O6 NAG O . 9.15 -32.87 -6.06
O7 NAG O . 15.32 -31.56 -1.21
C1 NAG O . 12.39 -34.23 -8.20
C2 NAG O . 11.98 -35.40 -7.31
C3 NAG O . 11.36 -36.50 -8.15
C4 NAG O . 10.21 -35.94 -8.99
C5 NAG O . 10.68 -34.77 -9.82
C6 NAG O . 9.57 -34.09 -10.60
C7 NAG O . 13.03 -36.47 -5.36
C8 NAG O . 11.65 -36.54 -4.77
N2 NAG O . 13.13 -35.91 -6.57
O3 NAG O . 10.88 -37.54 -7.31
O4 NAG O . 9.70 -36.96 -9.86
O5 NAG O . 11.25 -33.76 -8.95
O6 NAG O . 10.01 -32.86 -11.16
O7 NAG O . 14.01 -36.90 -4.77
C1 NAG P . 2.76 18.74 -32.01
C2 NAG P . 4.02 18.99 -32.83
C3 NAG P . 4.01 20.41 -33.41
C4 NAG P . 2.72 20.66 -34.17
C5 NAG P . 1.51 20.34 -33.29
C6 NAG P . 0.20 20.46 -34.02
C7 NAG P . 6.42 18.52 -32.58
C8 NAG P . 7.54 18.32 -31.61
N2 NAG P . 5.22 18.77 -32.04
O3 NAG P . 5.13 20.59 -34.26
O4 NAG P . 2.66 22.02 -34.59
O5 NAG P . 1.59 19.00 -32.81
O6 NAG P . -0.74 19.50 -33.58
O7 NAG P . 6.58 18.46 -33.80
C1 NAG Q . 20.42 -2.19 -31.74
C2 NAG Q . 20.38 -1.13 -32.85
C3 NAG Q . 21.23 -1.57 -34.02
C4 NAG Q . 22.63 -1.90 -33.56
C5 NAG Q . 22.59 -2.93 -32.44
C6 NAG Q . 23.95 -3.23 -31.85
C7 NAG Q . 18.52 0.35 -33.51
C8 NAG Q . 17.09 0.42 -33.94
N2 NAG Q . 19.01 -0.88 -33.27
O3 NAG Q . 21.27 -0.52 -34.99
O4 NAG Q . 23.40 -2.43 -34.65
O5 NAG Q . 21.77 -2.44 -31.37
O6 NAG Q . 24.61 -2.04 -31.44
O7 NAG Q . 19.22 1.35 -33.38
N1 NCT R . -16.68 12.63 -16.98
C1 NCT R . -17.63 12.19 -17.78
C2 NCT R . -18.12 12.91 -18.88
C3 NCT R . -17.56 14.15 -19.11
C4 NCT R . -16.56 14.62 -18.28
C5 NCT R . -16.15 13.82 -17.23
N2 NCT R . -18.73 11.33 -20.68
C6 NCT R . -19.21 12.37 -19.77
C7 NCT R . -20.39 11.72 -19.03
C8 NCT R . -20.93 10.70 -20.02
C9 NCT R . -19.67 10.22 -20.73
C10 NCT R . -18.46 11.83 -22.01
HC1 NCT R . -17.99 11.35 -17.59
HC3 NCT R . -17.85 14.66 -19.83
HC4 NCT R . -16.15 15.45 -18.42
HC5 NCT R . -15.48 14.10 -16.64
HC6 NCT R . -19.56 13.12 -20.27
HC71 NCT R . -21.05 12.38 -18.74
HC72 NCT R . -20.08 11.27 -18.22
HC81 NCT R . -21.56 11.08 -20.65
HC82 NCT R . -21.39 9.97 -19.57
HC91 NCT R . -19.30 9.45 -20.26
HC92 NCT R . -19.82 9.94 -21.64
H101 NCT R . -18.06 11.16 -22.59
H102 NCT R . -17.86 12.59 -21.97
H103 NCT R . -19.27 12.13 -22.43
C1 NAG S . -11.86 34.82 5.52
C2 NAG S . -11.16 36.11 5.12
C3 NAG S . -11.33 37.17 6.21
C4 NAG S . -12.79 37.35 6.56
C5 NAG S . -13.42 36.01 6.91
C6 NAG S . -14.92 36.10 7.14
C7 NAG S . -9.01 36.70 4.10
C8 NAG S . -7.58 36.32 3.91
N2 NAG S . -9.76 35.88 4.84
O3 NAG S . -10.76 38.40 5.77
O4 NAG S . -12.93 38.24 7.66
O5 NAG S . -13.23 35.08 5.82
O6 NAG S . -15.59 34.93 6.69
O7 NAG S . -9.48 37.73 3.59
C1 NAG T . 1.56 33.05 -18.28
C2 NAG T . 1.07 34.37 -17.68
C3 NAG T . 1.19 35.49 -18.70
C4 NAG T . 2.60 35.57 -19.26
C5 NAG T . 3.02 34.21 -19.80
C6 NAG T . 4.45 34.17 -20.27
C7 NAG T . -0.71 34.76 -16.04
C8 NAG T . -2.16 34.54 -15.70
N2 NAG T . -0.29 34.24 -17.19
O3 NAG T . 0.84 36.73 -18.10
O4 NAG T . 2.66 36.52 -20.30
O5 NAG T . 2.90 33.21 -18.77
O6 NAG T . 5.35 34.63 -19.25
O7 NAG T . 0.05 35.37 -15.29
N1 NCT U . -21.64 12.03 10.55
C1 NCT U . -22.92 12.09 10.18
C2 NCT U . -23.81 13.06 10.64
C3 NCT U . -23.31 14.01 11.51
C4 NCT U . -21.97 13.95 11.89
C5 NCT U . -21.18 12.94 11.39
N2 NCT U . -25.40 13.55 8.81
C6 NCT U . -25.25 13.09 10.19
C7 NCT U . -25.96 11.73 10.26
C8 NCT U . -27.03 11.84 9.17
C9 NCT U . -26.35 12.68 8.11
C10 NCT U . -25.79 14.93 8.70
HC1 NCT U . -23.22 11.43 9.60
HC3 NCT U . -23.86 14.67 11.83
HC4 NCT U . -21.61 14.58 12.48
HC5 NCT U . -20.28 12.88 11.62
HC6 NCT U . -25.71 13.70 10.80
HC71 NCT U . -26.32 11.56 11.14
HC72 NCT U . -25.35 11.01 10.06
HC81 NCT U . -27.85 12.25 9.49
HC82 NCT U . -27.28 10.96 8.84
HC91 NCT U . -25.89 12.11 7.49
HC92 NCT U . -26.97 13.21 7.59
H101 NCT U . -25.81 15.24 7.78
H102 NCT U . -25.17 15.49 9.19
H103 NCT U . -26.67 15.06 9.08
C1 NAG V . -4.25 5.47 36.54
C2 NAG V . -3.73 6.64 37.38
C3 NAG V . -3.23 6.15 38.72
C4 NAG V . -4.31 5.34 39.43
C5 NAG V . -4.80 4.22 38.51
C6 NAG V . -5.95 3.44 39.10
C7 NAG V . -2.34 8.62 36.96
C8 NAG V . -1.23 9.20 36.13
N2 NAG V . -2.68 7.36 36.67
O3 NAG V . -2.86 7.26 39.53
O4 NAG V . -3.79 4.77 40.63
O5 NAG V . -5.27 4.77 37.27
O6 NAG V . -6.86 3.02 38.09
O7 NAG V . -2.89 9.26 37.84
C1 NAG W . -4.73 29.42 23.27
C2 NAG W . -4.73 29.29 24.79
C3 NAG W . -5.04 30.64 25.43
C4 NAG W . -4.09 31.71 24.91
C5 NAG W . -4.12 31.73 23.38
C6 NAG W . -3.11 32.70 22.79
C7 NAG W . -5.41 27.40 26.19
C8 NAG W . -6.50 26.44 26.53
N2 NAG W . -5.68 28.29 25.23
O3 NAG W . -4.92 30.53 26.85
O4 NAG W . -4.46 32.99 25.42
O5 NAG W . -3.80 30.44 22.86
O6 NAG W . -1.80 32.45 23.29
O7 NAG W . -4.32 27.38 26.78
N1 NCT X . -12.27 -12.39 20.49
C1 NCT X . -13.54 -12.61 20.78
C2 NCT X . -14.02 -12.91 22.05
C3 NCT X . -13.07 -12.97 23.07
C4 NCT X . -11.73 -12.74 22.78
C5 NCT X . -11.38 -12.46 21.47
N2 NCT X . -16.26 -11.91 22.35
C6 NCT X . -15.47 -13.14 22.34
C7 NCT X . -16.18 -14.05 21.33
C8 NCT X . -17.64 -13.60 21.40
C9 NCT X . -17.52 -12.11 21.64
C10 NCT X . -16.49 -11.39 23.68
HC1 NCT X . -14.15 -12.56 20.07
HC3 NCT X . -13.33 -13.16 23.94
HC4 NCT X . -11.08 -12.78 23.44
HC5 NCT X . -10.49 -12.30 21.25
HC6 NCT X . -15.53 -13.59 23.21
HC71 NCT X . -16.05 -14.99 21.54
HC72 NCT X . -15.83 -13.92 20.44
HC81 NCT X . -18.13 -14.04 22.12
HC82 NCT X . -18.11 -13.80 20.58
HC91 NCT X . -17.49 -11.65 20.79
HC92 NCT X . -18.25 -11.74 22.14
H101 NCT X . -16.95 -10.54 23.67
H102 NCT X . -15.66 -11.29 24.16
H103 NCT X . -17.04 -12.02 24.18
C1 NAG Y . 15.06 -28.74 18.18
C2 NAG Y . 16.03 -28.69 19.36
C3 NAG Y . 17.10 -29.77 19.22
C4 NAG Y . 16.44 -31.13 19.02
C5 NAG Y . 15.46 -31.09 17.86
C6 NAG Y . 14.69 -32.37 17.68
C7 NAG Y . 17.21 -26.92 20.59
C8 NAG Y . 17.80 -25.55 20.53
N2 NAG Y . 16.66 -27.38 19.46
O3 NAG Y . 17.92 -29.78 20.37
O4 NAG Y . 17.43 -32.12 18.77
O5 NAG Y . 14.49 -30.05 18.08
O6 NAG Y . 13.37 -32.12 17.23
O7 NAG Y . 17.23 -27.58 21.63
C1 NAG Z . 10.24 -8.07 35.49
C2 NAG Z . 10.99 -9.35 35.87
C3 NAG Z . 11.16 -9.42 37.39
C4 NAG Z . 11.82 -8.15 37.91
C5 NAG Z . 11.03 -6.92 37.45
C6 NAG Z . 11.69 -5.62 37.82
C7 NAG Z . 10.92 -11.57 34.83
C8 NAG Z . 10.06 -12.70 34.37
N2 NAG Z . 10.29 -10.53 35.39
O3 NAG Z . 11.96 -10.55 37.72
O4 NAG Z . 11.86 -8.16 39.33
O5 NAG Z . 10.92 -6.93 36.00
O6 NAG Z . 13.04 -5.57 37.38
O7 NAG Z . 12.14 -11.59 34.68
N1 NCT AA . -1.45 -26.91 -0.90
C1 NCT AA . -2.46 -27.74 -0.63
C2 NCT AA . -2.30 -29.08 -0.31
C3 NCT AA . -0.99 -29.56 -0.25
C4 NCT AA . 0.06 -28.70 -0.53
C5 NCT AA . -0.22 -27.38 -0.85
N2 NCT AA . -4.01 -29.78 1.33
C6 NCT AA . -3.46 -29.99 -0.01
C7 NCT AA . -4.66 -29.82 -0.96
C8 NCT AA . -5.84 -30.31 -0.13
C9 NCT AA . -5.46 -29.85 1.28
C10 NCT AA . -3.48 -30.70 2.31
HC1 NCT AA . -3.31 -27.38 -0.68
HC3 NCT AA . -0.83 -30.44 -0.05
HC4 NCT AA . 0.94 -28.99 -0.51
HC5 NCT AA . 0.47 -26.78 -1.03
HC6 NCT AA . -3.14 -30.90 -0.11
HC71 NCT AA . -4.53 -30.31 -1.78
HC72 NCT AA . -4.78 -28.88 -1.20
HC81 NCT AA . -5.95 -31.28 -0.17
HC82 NCT AA . -6.67 -29.91 -0.42
HC91 NCT AA . -5.85 -28.99 1.46
HC92 NCT AA . -5.80 -30.45 1.98
H101 NCT AA . -3.78 -30.50 3.20
H102 NCT AA . -2.52 -30.68 2.31
H103 NCT AA . -3.76 -31.61 2.10
C1 NAG BA . 19.39 -20.54 -24.19
C2 NAG BA . 20.83 -21.06 -24.04
C3 NAG BA . 21.57 -20.96 -25.37
C4 NAG BA . 20.78 -21.67 -26.46
C5 NAG BA . 19.37 -21.12 -26.53
C6 NAG BA . 18.49 -21.85 -27.52
C7 NAG BA . 22.62 -20.81 -22.38
C8 NAG BA . 23.23 -19.92 -21.34
N2 NAG BA . 21.54 -20.32 -23.01
O3 NAG BA . 22.86 -21.55 -25.24
O4 NAG BA . 21.42 -21.46 -27.72
O5 NAG BA . 18.74 -21.26 -25.24
O6 NAG BA . 17.15 -21.94 -27.06
O7 NAG BA . 23.08 -21.91 -22.64
C1 NAG CA . 25.78 -27.60 1.48
C2 NAG CA . 26.51 -28.15 0.25
C3 NAG CA . 27.40 -29.33 0.63
C4 NAG CA . 28.35 -28.92 1.76
C5 NAG CA . 27.55 -28.36 2.93
C6 NAG CA . 28.42 -27.83 4.05
C7 NAG CA . 25.73 -28.29 -2.08
C8 NAG CA . 24.64 -28.77 -3.00
N2 NAG CA . 25.56 -28.55 -0.78
O3 NAG CA . 28.15 -29.74 -0.51
O4 NAG CA . 29.09 -30.05 2.20
O5 NAG CA . 26.75 -27.25 2.48
O6 NAG CA . 29.38 -26.88 3.55
O7 NAG CA . 26.70 -27.67 -2.49
N1 NCT DA . -4.23 -11.37 -23.97
C1 NCT DA . -5.01 -12.35 -24.38
C2 NCT DA . -4.81 -13.08 -25.56
C3 NCT DA . -3.71 -12.73 -26.32
C4 NCT DA . -2.87 -11.70 -25.90
C5 NCT DA . -3.17 -11.05 -24.71
N2 NCT DA . -5.54 -15.42 -25.21
C6 NCT DA . -5.73 -14.19 -25.99
C7 NCT DA . -7.23 -13.87 -25.85
C8 NCT DA . -7.87 -15.25 -25.72
C9 NCT DA . -6.83 -16.03 -24.93
C10 NCT DA . -4.64 -16.35 -25.84
HC1 NCT DA . -5.74 -12.56 -23.84
HC3 NCT DA . -3.52 -13.19 -27.11
HC4 NCT DA . -2.12 -11.45 -26.39
HC5 NCT DA . -2.63 -10.36 -24.40
HC6 NCT DA . -5.55 -14.36 -26.93
HC71 NCT DA . -7.55 -13.35 -26.60
HC72 NCT DA . -7.39 -13.34 -25.05
HC81 NCT DA . -8.05 -15.65 -26.58
HC82 NCT DA . -8.72 -15.19 -25.25
HC91 NCT DA . -7.03 -15.99 -24.00
HC92 NCT DA . -6.82 -16.97 -25.18
H101 NCT DA . -4.44 -17.11 -25.27
H102 NCT DA . -3.81 -15.92 -26.08
H103 NCT DA . -5.03 -16.69 -26.66
#